data_7DGY
# 
_entry.id   7DGY 
# 
_audit_conform.dict_name       mmcif_pdbx.dic 
_audit_conform.dict_version    5.392 
_audit_conform.dict_location   http://mmcif.pdb.org/dictionaries/ascii/mmcif_pdbx.dic 
# 
loop_
_database_2.database_id 
_database_2.database_code 
_database_2.pdbx_database_accession 
_database_2.pdbx_DOI 
PDB   7DGY         pdb_00007dgy 10.2210/pdb7dgy/pdb 
WWPDB D_1300019365 ?            ?                   
# 
loop_
_pdbx_audit_revision_history.ordinal 
_pdbx_audit_revision_history.data_content_type 
_pdbx_audit_revision_history.major_revision 
_pdbx_audit_revision_history.minor_revision 
_pdbx_audit_revision_history.revision_date 
1 'Structure model' 1 0 2021-12-15 
2 'Structure model' 1 1 2022-02-16 
3 'Structure model' 1 2 2022-02-23 
4 'Structure model' 1 3 2022-03-02 
5 'Structure model' 1 4 2024-05-29 
# 
_pdbx_audit_revision_details.ordinal             1 
_pdbx_audit_revision_details.revision_ordinal    1 
_pdbx_audit_revision_details.data_content_type   'Structure model' 
_pdbx_audit_revision_details.provider            repository 
_pdbx_audit_revision_details.type                'Initial release' 
_pdbx_audit_revision_details.description         ? 
_pdbx_audit_revision_details.details             ? 
# 
loop_
_pdbx_audit_revision_group.ordinal 
_pdbx_audit_revision_group.revision_ordinal 
_pdbx_audit_revision_group.data_content_type 
_pdbx_audit_revision_group.group 
1 2 'Structure model' 'Database references' 
2 3 'Structure model' 'Database references' 
3 3 'Structure model' 'Structure summary'   
4 4 'Structure model' 'Database references' 
5 5 'Structure model' 'Data collection'     
# 
loop_
_pdbx_audit_revision_category.ordinal 
_pdbx_audit_revision_category.revision_ordinal 
_pdbx_audit_revision_category.data_content_type 
_pdbx_audit_revision_category.category 
1 2 'Structure model' citation        
2 2 'Structure model' citation_author 
3 3 'Structure model' citation        
4 3 'Structure model' citation_author 
5 3 'Structure model' entity          
6 3 'Structure model' struct          
7 4 'Structure model' citation        
8 5 'Structure model' chem_comp_atom  
9 5 'Structure model' chem_comp_bond  
# 
loop_
_pdbx_audit_revision_item.ordinal 
_pdbx_audit_revision_item.revision_ordinal 
_pdbx_audit_revision_item.data_content_type 
_pdbx_audit_revision_item.item 
1  2 'Structure model' '_citation.country'                 
2  2 'Structure model' '_citation.journal_abbrev'          
3  2 'Structure model' '_citation.journal_id_ASTM'         
4  2 'Structure model' '_citation.journal_id_CSD'          
5  2 'Structure model' '_citation.journal_id_ISSN'         
6  2 'Structure model' '_citation.pdbx_database_id_DOI'    
7  2 'Structure model' '_citation.title'                   
8  2 'Structure model' '_citation.year'                    
9  3 'Structure model' '_citation.pdbx_database_id_PubMed' 
10 3 'Structure model' '_citation.title'                   
11 3 'Structure model' '_citation_author.identifier_ORCID' 
12 3 'Structure model' '_entity.pdbx_description'          
13 3 'Structure model' '_struct.title'                     
14 4 'Structure model' '_citation.journal_volume'          
15 4 'Structure model' '_citation.page_first'              
16 4 'Structure model' '_citation.page_last'               
# 
_pdbx_database_status.status_code                     REL 
_pdbx_database_status.status_code_sf                  REL 
_pdbx_database_status.status_code_mr                  ? 
_pdbx_database_status.entry_id                        7DGY 
_pdbx_database_status.recvd_initial_deposition_date   2020-11-12 
_pdbx_database_status.SG_entry                        N 
_pdbx_database_status.deposit_site                    PDBJ 
_pdbx_database_status.process_site                    PDBJ 
_pdbx_database_status.status_code_cs                  ? 
_pdbx_database_status.status_code_nmr_data            ? 
_pdbx_database_status.methods_development_category    ? 
_pdbx_database_status.pdb_format_compatible           Y 
# 
_pdbx_contact_author.id                 2 
_pdbx_contact_author.email              hyliu@ustc.edu.cn 
_pdbx_contact_author.name_first         Haiyan 
_pdbx_contact_author.name_last          Liu 
_pdbx_contact_author.name_mi            ? 
_pdbx_contact_author.role               'principal investigator/group leader' 
_pdbx_contact_author.identifier_ORCID   0000-0002-5926-820X 
# 
loop_
_audit_author.name 
_audit_author.pdbx_ordinal 
_audit_author.identifier_ORCID 
'Xu, Y.'   1 0000-0003-3335-3278 
'Liao, S.' 2 0000-0002-5083-667X 
'Chen, Q.' 3 0000-0002-3301-3065 
'Liu, H.'  4 0000-0002-5926-820X 
# 
_citation.abstract                  ? 
_citation.abstract_id_CAS           ? 
_citation.book_id_ISBN              ? 
_citation.book_publisher            ? 
_citation.book_publisher_city       ? 
_citation.book_title                ? 
_citation.coordinate_linkage        ? 
_citation.country                   UK 
_citation.database_id_Medline       ? 
_citation.details                   ? 
_citation.id                        primary 
_citation.journal_abbrev            Nature 
_citation.journal_id_ASTM           NATUAS 
_citation.journal_id_CSD            0006 
_citation.journal_id_ISSN           1476-4687 
_citation.journal_full              ? 
_citation.journal_issue             ? 
_citation.journal_volume            602 
_citation.language                  ? 
_citation.page_first                523 
_citation.page_last                 528 
_citation.title                     'A backbone-centred energy function of neural networks for protein design.' 
_citation.year                      2022 
_citation.database_id_CSD           ? 
_citation.pdbx_database_id_DOI      10.1038/s41586-021-04383-5 
_citation.pdbx_database_id_PubMed   35140398 
_citation.pdbx_database_id_patent   ? 
_citation.unpublished_flag          ? 
# 
loop_
_citation_author.citation_id 
_citation_author.name 
_citation_author.ordinal 
_citation_author.identifier_ORCID 
primary 'Huang, B.' 1  ? 
primary 'Xu, Y.'    2  ? 
primary 'Hu, X.'    3  ? 
primary 'Liu, Y.'   4  ? 
primary 'Liao, S.'  5  ? 
primary 'Zhang, J.' 6  ? 
primary 'Huang, C.' 7  ? 
primary 'Hong, J.'  8  ? 
primary 'Chen, Q.'  9  ? 
primary 'Liu, H.'   10 ? 
# 
loop_
_entity.id 
_entity.type 
_entity.src_method 
_entity.pdbx_description 
_entity.formula_weight 
_entity.pdbx_number_of_molecules 
_entity.pdbx_ec 
_entity.pdbx_mutation 
_entity.pdbx_fragment 
_entity.details 
1 polymer man 'de novo designed protein H4C2R' 11655.549 1  ? ? ? ? 
2 water   nat water                            18.015    81 ? ? ? ? 
# 
_entity_poly.entity_id                      1 
_entity_poly.type                           'polypeptide(L)' 
_entity_poly.nstd_linkage                   no 
_entity_poly.nstd_monomer                   no 
_entity_poly.pdbx_seq_one_letter_code       
;MGHPEIVAAAVAFVRQIWEYARQGMSLDEMIAWAVKYAKKIFDLVKKMGASDEVLKKVMDAVLAAAQAYAQQLNDEAAQR
LLVAAQVIVQVLQQLGLEHHHHHH
;
_entity_poly.pdbx_seq_one_letter_code_can   
;MGHPEIVAAAVAFVRQIWEYARQGMSLDEMIAWAVKYAKKIFDLVKKMGASDEVLKKVMDAVLAAAQAYAQQLNDEAAQR
LLVAAQVIVQVLQQLGLEHHHHHH
;
_entity_poly.pdbx_strand_id                 A 
_entity_poly.pdbx_target_identifier         ? 
# 
_pdbx_entity_nonpoly.entity_id   2 
_pdbx_entity_nonpoly.name        water 
_pdbx_entity_nonpoly.comp_id     HOH 
# 
loop_
_entity_poly_seq.entity_id 
_entity_poly_seq.num 
_entity_poly_seq.mon_id 
_entity_poly_seq.hetero 
1 1   MET n 
1 2   GLY n 
1 3   HIS n 
1 4   PRO n 
1 5   GLU n 
1 6   ILE n 
1 7   VAL n 
1 8   ALA n 
1 9   ALA n 
1 10  ALA n 
1 11  VAL n 
1 12  ALA n 
1 13  PHE n 
1 14  VAL n 
1 15  ARG n 
1 16  GLN n 
1 17  ILE n 
1 18  TRP n 
1 19  GLU n 
1 20  TYR n 
1 21  ALA n 
1 22  ARG n 
1 23  GLN n 
1 24  GLY n 
1 25  MET n 
1 26  SER n 
1 27  LEU n 
1 28  ASP n 
1 29  GLU n 
1 30  MET n 
1 31  ILE n 
1 32  ALA n 
1 33  TRP n 
1 34  ALA n 
1 35  VAL n 
1 36  LYS n 
1 37  TYR n 
1 38  ALA n 
1 39  LYS n 
1 40  LYS n 
1 41  ILE n 
1 42  PHE n 
1 43  ASP n 
1 44  LEU n 
1 45  VAL n 
1 46  LYS n 
1 47  LYS n 
1 48  MET n 
1 49  GLY n 
1 50  ALA n 
1 51  SER n 
1 52  ASP n 
1 53  GLU n 
1 54  VAL n 
1 55  LEU n 
1 56  LYS n 
1 57  LYS n 
1 58  VAL n 
1 59  MET n 
1 60  ASP n 
1 61  ALA n 
1 62  VAL n 
1 63  LEU n 
1 64  ALA n 
1 65  ALA n 
1 66  ALA n 
1 67  GLN n 
1 68  ALA n 
1 69  TYR n 
1 70  ALA n 
1 71  GLN n 
1 72  GLN n 
1 73  LEU n 
1 74  ASN n 
1 75  ASP n 
1 76  GLU n 
1 77  ALA n 
1 78  ALA n 
1 79  GLN n 
1 80  ARG n 
1 81  LEU n 
1 82  LEU n 
1 83  VAL n 
1 84  ALA n 
1 85  ALA n 
1 86  GLN n 
1 87  VAL n 
1 88  ILE n 
1 89  VAL n 
1 90  GLN n 
1 91  VAL n 
1 92  LEU n 
1 93  GLN n 
1 94  GLN n 
1 95  LEU n 
1 96  GLY n 
1 97  LEU n 
1 98  GLU n 
1 99  HIS n 
1 100 HIS n 
1 101 HIS n 
1 102 HIS n 
1 103 HIS n 
1 104 HIS n 
# 
_entity_src_gen.entity_id                          1 
_entity_src_gen.pdbx_src_id                        1 
_entity_src_gen.pdbx_alt_source_flag               sample 
_entity_src_gen.pdbx_seq_type                      'Biological sequence' 
_entity_src_gen.pdbx_beg_seq_num                   1 
_entity_src_gen.pdbx_end_seq_num                   104 
_entity_src_gen.gene_src_common_name               ? 
_entity_src_gen.gene_src_genus                     ? 
_entity_src_gen.pdbx_gene_src_gene                 ? 
_entity_src_gen.gene_src_species                   ? 
_entity_src_gen.gene_src_strain                    ? 
_entity_src_gen.gene_src_tissue                    ? 
_entity_src_gen.gene_src_tissue_fraction           ? 
_entity_src_gen.gene_src_details                   ? 
_entity_src_gen.pdbx_gene_src_fragment             ? 
_entity_src_gen.pdbx_gene_src_scientific_name      
;Escherichia coli 'BL21-Gold(DE3)pLysS AG'
;
_entity_src_gen.pdbx_gene_src_ncbi_taxonomy_id     866768 
_entity_src_gen.pdbx_gene_src_variant              ? 
_entity_src_gen.pdbx_gene_src_cell_line            ? 
_entity_src_gen.pdbx_gene_src_atcc                 ? 
_entity_src_gen.pdbx_gene_src_organ                ? 
_entity_src_gen.pdbx_gene_src_organelle            ? 
_entity_src_gen.pdbx_gene_src_cell                 ? 
_entity_src_gen.pdbx_gene_src_cellular_location    ? 
_entity_src_gen.host_org_common_name               ? 
_entity_src_gen.pdbx_host_org_scientific_name      
;Escherichia coli 'BL21-Gold(DE3)pLysS AG'
;
_entity_src_gen.pdbx_host_org_ncbi_taxonomy_id     866768 
_entity_src_gen.host_org_genus                     ? 
_entity_src_gen.pdbx_host_org_gene                 ? 
_entity_src_gen.pdbx_host_org_organ                ? 
_entity_src_gen.host_org_species                   ? 
_entity_src_gen.pdbx_host_org_tissue               ? 
_entity_src_gen.pdbx_host_org_tissue_fraction      ? 
_entity_src_gen.pdbx_host_org_strain               ? 
_entity_src_gen.pdbx_host_org_variant              ? 
_entity_src_gen.pdbx_host_org_cell_line            ? 
_entity_src_gen.pdbx_host_org_atcc                 ? 
_entity_src_gen.pdbx_host_org_culture_collection   ? 
_entity_src_gen.pdbx_host_org_cell                 ? 
_entity_src_gen.pdbx_host_org_organelle            ? 
_entity_src_gen.pdbx_host_org_cellular_location    ? 
_entity_src_gen.pdbx_host_org_vector_type          ? 
_entity_src_gen.pdbx_host_org_vector               ? 
_entity_src_gen.host_org_details                   ? 
_entity_src_gen.expression_system_id               ? 
_entity_src_gen.plasmid_name                       ? 
_entity_src_gen.plasmid_details                    ? 
_entity_src_gen.pdbx_description                   ? 
# 
loop_
_chem_comp.id 
_chem_comp.type 
_chem_comp.mon_nstd_flag 
_chem_comp.name 
_chem_comp.pdbx_synonyms 
_chem_comp.formula 
_chem_comp.formula_weight 
ALA 'L-peptide linking' y ALANINE         ? 'C3 H7 N O2'     89.093  
ARG 'L-peptide linking' y ARGININE        ? 'C6 H15 N4 O2 1' 175.209 
ASN 'L-peptide linking' y ASPARAGINE      ? 'C4 H8 N2 O3'    132.118 
ASP 'L-peptide linking' y 'ASPARTIC ACID' ? 'C4 H7 N O4'     133.103 
GLN 'L-peptide linking' y GLUTAMINE       ? 'C5 H10 N2 O3'   146.144 
GLU 'L-peptide linking' y 'GLUTAMIC ACID' ? 'C5 H9 N O4'     147.129 
GLY 'peptide linking'   y GLYCINE         ? 'C2 H5 N O2'     75.067  
HIS 'L-peptide linking' y HISTIDINE       ? 'C6 H10 N3 O2 1' 156.162 
HOH non-polymer         . WATER           ? 'H2 O'           18.015  
ILE 'L-peptide linking' y ISOLEUCINE      ? 'C6 H13 N O2'    131.173 
LEU 'L-peptide linking' y LEUCINE         ? 'C6 H13 N O2'    131.173 
LYS 'L-peptide linking' y LYSINE          ? 'C6 H15 N2 O2 1' 147.195 
MET 'L-peptide linking' y METHIONINE      ? 'C5 H11 N O2 S'  149.211 
PHE 'L-peptide linking' y PHENYLALANINE   ? 'C9 H11 N O2'    165.189 
PRO 'L-peptide linking' y PROLINE         ? 'C5 H9 N O2'     115.130 
SER 'L-peptide linking' y SERINE          ? 'C3 H7 N O3'     105.093 
TRP 'L-peptide linking' y TRYPTOPHAN      ? 'C11 H12 N2 O2'  204.225 
TYR 'L-peptide linking' y TYROSINE        ? 'C9 H11 N O3'    181.189 
VAL 'L-peptide linking' y VALINE          ? 'C5 H11 N O2'    117.146 
# 
loop_
_pdbx_poly_seq_scheme.asym_id 
_pdbx_poly_seq_scheme.entity_id 
_pdbx_poly_seq_scheme.seq_id 
_pdbx_poly_seq_scheme.mon_id 
_pdbx_poly_seq_scheme.ndb_seq_num 
_pdbx_poly_seq_scheme.pdb_seq_num 
_pdbx_poly_seq_scheme.auth_seq_num 
_pdbx_poly_seq_scheme.pdb_mon_id 
_pdbx_poly_seq_scheme.auth_mon_id 
_pdbx_poly_seq_scheme.pdb_strand_id 
_pdbx_poly_seq_scheme.pdb_ins_code 
_pdbx_poly_seq_scheme.hetero 
A 1 1   MET 1   -1  ?  ?   ?   A . n 
A 1 2   GLY 2   0   0  GLY GLY A . n 
A 1 3   HIS 3   1   1  HIS HIS A . n 
A 1 4   PRO 4   2   2  PRO PRO A . n 
A 1 5   GLU 5   3   3  GLU GLU A . n 
A 1 6   ILE 6   4   4  ILE ILE A . n 
A 1 7   VAL 7   5   5  VAL VAL A . n 
A 1 8   ALA 8   6   6  ALA ALA A . n 
A 1 9   ALA 9   7   7  ALA ALA A . n 
A 1 10  ALA 10  8   8  ALA ALA A . n 
A 1 11  VAL 11  9   9  VAL VAL A . n 
A 1 12  ALA 12  10  10 ALA ALA A . n 
A 1 13  PHE 13  11  11 PHE PHE A . n 
A 1 14  VAL 14  12  12 VAL VAL A . n 
A 1 15  ARG 15  13  13 ARG ARG A . n 
A 1 16  GLN 16  14  14 GLN GLN A . n 
A 1 17  ILE 17  15  15 ILE ILE A . n 
A 1 18  TRP 18  16  16 TRP TRP A . n 
A 1 19  GLU 19  17  17 GLU GLU A . n 
A 1 20  TYR 20  18  18 TYR TYR A . n 
A 1 21  ALA 21  19  19 ALA ALA A . n 
A 1 22  ARG 22  20  20 ARG ARG A . n 
A 1 23  GLN 23  21  21 GLN GLN A . n 
A 1 24  GLY 24  22  22 GLY GLY A . n 
A 1 25  MET 25  23  23 MET MET A . n 
A 1 26  SER 26  24  24 SER SER A . n 
A 1 27  LEU 27  25  25 LEU LEU A . n 
A 1 28  ASP 28  26  26 ASP ASP A . n 
A 1 29  GLU 29  27  27 GLU GLU A . n 
A 1 30  MET 30  28  28 MET MET A . n 
A 1 31  ILE 31  29  29 ILE ILE A . n 
A 1 32  ALA 32  30  30 ALA ALA A . n 
A 1 33  TRP 33  31  31 TRP TRP A . n 
A 1 34  ALA 34  32  32 ALA ALA A . n 
A 1 35  VAL 35  33  33 VAL VAL A . n 
A 1 36  LYS 36  34  34 LYS LYS A . n 
A 1 37  TYR 37  35  35 TYR TYR A . n 
A 1 38  ALA 38  36  36 ALA ALA A . n 
A 1 39  LYS 39  37  37 LYS LYS A . n 
A 1 40  LYS 40  38  38 LYS LYS A . n 
A 1 41  ILE 41  39  39 ILE ILE A . n 
A 1 42  PHE 42  40  40 PHE PHE A . n 
A 1 43  ASP 43  41  41 ASP ASP A . n 
A 1 44  LEU 44  42  42 LEU LEU A . n 
A 1 45  VAL 45  43  43 VAL VAL A . n 
A 1 46  LYS 46  44  44 LYS LYS A . n 
A 1 47  LYS 47  45  45 LYS LYS A . n 
A 1 48  MET 48  46  46 MET MET A . n 
A 1 49  GLY 49  47  47 GLY GLY A . n 
A 1 50  ALA 50  48  48 ALA ALA A . n 
A 1 51  SER 51  49  49 SER SER A . n 
A 1 52  ASP 52  50  50 ASP ASP A . n 
A 1 53  GLU 53  51  51 GLU GLU A . n 
A 1 54  VAL 54  52  52 VAL VAL A . n 
A 1 55  LEU 55  53  53 LEU LEU A . n 
A 1 56  LYS 56  54  54 LYS LYS A . n 
A 1 57  LYS 57  55  55 LYS LYS A . n 
A 1 58  VAL 58  56  56 VAL VAL A . n 
A 1 59  MET 59  57  57 MET MET A . n 
A 1 60  ASP 60  58  58 ASP ASP A . n 
A 1 61  ALA 61  59  59 ALA ALA A . n 
A 1 62  VAL 62  60  60 VAL VAL A . n 
A 1 63  LEU 63  61  61 LEU LEU A . n 
A 1 64  ALA 64  62  62 ALA ALA A . n 
A 1 65  ALA 65  63  63 ALA ALA A . n 
A 1 66  ALA 66  64  64 ALA ALA A . n 
A 1 67  GLN 67  65  65 GLN GLN A . n 
A 1 68  ALA 68  66  66 ALA ALA A . n 
A 1 69  TYR 69  67  67 TYR TYR A . n 
A 1 70  ALA 70  68  68 ALA ALA A . n 
A 1 71  GLN 71  69  69 GLN GLN A . n 
A 1 72  GLN 72  70  70 GLN GLN A . n 
A 1 73  LEU 73  71  71 LEU LEU A . n 
A 1 74  ASN 74  72  72 ASN ASN A . n 
A 1 75  ASP 75  73  73 ASP ASP A . n 
A 1 76  GLU 76  74  74 GLU GLU A . n 
A 1 77  ALA 77  75  75 ALA ALA A . n 
A 1 78  ALA 78  76  76 ALA ALA A . n 
A 1 79  GLN 79  77  77 GLN GLN A . n 
A 1 80  ARG 80  78  78 ARG ARG A . n 
A 1 81  LEU 81  79  79 LEU LEU A . n 
A 1 82  LEU 82  80  80 LEU LEU A . n 
A 1 83  VAL 83  81  81 VAL VAL A . n 
A 1 84  ALA 84  82  82 ALA ALA A . n 
A 1 85  ALA 85  83  83 ALA ALA A . n 
A 1 86  GLN 86  84  84 GLN GLN A . n 
A 1 87  VAL 87  85  85 VAL VAL A . n 
A 1 88  ILE 88  86  86 ILE ILE A . n 
A 1 89  VAL 89  87  87 VAL VAL A . n 
A 1 90  GLN 90  88  88 GLN GLN A . n 
A 1 91  VAL 91  89  89 VAL VAL A . n 
A 1 92  LEU 92  90  90 LEU LEU A . n 
A 1 93  GLN 93  91  91 GLN GLN A . n 
A 1 94  GLN 94  92  92 GLN GLN A . n 
A 1 95  LEU 95  93  93 LEU LEU A . n 
A 1 96  GLY 96  94  94 GLY GLY A . n 
A 1 97  LEU 97  95  95 LEU LEU A . n 
A 1 98  GLU 98  96  96 GLU GLU A . n 
A 1 99  HIS 99  97  97 HIS HIS A . n 
A 1 100 HIS 100 98  98 HIS HIS A . n 
A 1 101 HIS 101 99  ?  ?   ?   A . n 
A 1 102 HIS 102 100 ?  ?   ?   A . n 
A 1 103 HIS 103 101 ?  ?   ?   A . n 
A 1 104 HIS 104 102 ?  ?   ?   A . n 
# 
loop_
_pdbx_nonpoly_scheme.asym_id 
_pdbx_nonpoly_scheme.entity_id 
_pdbx_nonpoly_scheme.mon_id 
_pdbx_nonpoly_scheme.ndb_seq_num 
_pdbx_nonpoly_scheme.pdb_seq_num 
_pdbx_nonpoly_scheme.auth_seq_num 
_pdbx_nonpoly_scheme.pdb_mon_id 
_pdbx_nonpoly_scheme.auth_mon_id 
_pdbx_nonpoly_scheme.pdb_strand_id 
_pdbx_nonpoly_scheme.pdb_ins_code 
B 2 HOH 1  201 74 HOH HOH A . 
B 2 HOH 2  202 24 HOH HOH A . 
B 2 HOH 3  203 40 HOH HOH A . 
B 2 HOH 4  204 63 HOH HOH A . 
B 2 HOH 5  205 64 HOH HOH A . 
B 2 HOH 6  206 41 HOH HOH A . 
B 2 HOH 7  207 2  HOH HOH A . 
B 2 HOH 8  208 84 HOH HOH A . 
B 2 HOH 9  209 9  HOH HOH A . 
B 2 HOH 10 210 4  HOH HOH A . 
B 2 HOH 11 211 20 HOH HOH A . 
B 2 HOH 12 212 37 HOH HOH A . 
B 2 HOH 13 213 75 HOH HOH A . 
B 2 HOH 14 214 19 HOH HOH A . 
B 2 HOH 15 215 8  HOH HOH A . 
B 2 HOH 16 216 23 HOH HOH A . 
B 2 HOH 17 217 10 HOH HOH A . 
B 2 HOH 18 218 45 HOH HOH A . 
B 2 HOH 19 219 65 HOH HOH A . 
B 2 HOH 20 220 15 HOH HOH A . 
B 2 HOH 21 221 35 HOH HOH A . 
B 2 HOH 22 222 39 HOH HOH A . 
B 2 HOH 23 223 51 HOH HOH A . 
B 2 HOH 24 224 5  HOH HOH A . 
B 2 HOH 25 225 30 HOH HOH A . 
B 2 HOH 26 226 3  HOH HOH A . 
B 2 HOH 27 227 32 HOH HOH A . 
B 2 HOH 28 228 14 HOH HOH A . 
B 2 HOH 29 229 11 HOH HOH A . 
B 2 HOH 30 230 58 HOH HOH A . 
B 2 HOH 31 231 33 HOH HOH A . 
B 2 HOH 32 232 17 HOH HOH A . 
B 2 HOH 33 233 71 HOH HOH A . 
B 2 HOH 34 234 81 HOH HOH A . 
B 2 HOH 35 235 16 HOH HOH A . 
B 2 HOH 36 236 59 HOH HOH A . 
B 2 HOH 37 237 73 HOH HOH A . 
B 2 HOH 38 238 1  HOH HOH A . 
B 2 HOH 39 239 6  HOH HOH A . 
B 2 HOH 40 240 60 HOH HOH A . 
B 2 HOH 41 241 36 HOH HOH A . 
B 2 HOH 42 242 76 HOH HOH A . 
B 2 HOH 43 243 43 HOH HOH A . 
B 2 HOH 44 244 28 HOH HOH A . 
B 2 HOH 45 245 83 HOH HOH A . 
B 2 HOH 46 246 49 HOH HOH A . 
B 2 HOH 47 247 18 HOH HOH A . 
B 2 HOH 48 248 72 HOH HOH A . 
B 2 HOH 49 249 34 HOH HOH A . 
B 2 HOH 50 250 54 HOH HOH A . 
B 2 HOH 51 251 82 HOH HOH A . 
B 2 HOH 52 252 56 HOH HOH A . 
B 2 HOH 53 253 66 HOH HOH A . 
B 2 HOH 54 254 85 HOH HOH A . 
B 2 HOH 55 255 70 HOH HOH A . 
B 2 HOH 56 256 22 HOH HOH A . 
B 2 HOH 57 257 57 HOH HOH A . 
B 2 HOH 58 258 48 HOH HOH A . 
B 2 HOH 59 259 77 HOH HOH A . 
B 2 HOH 60 260 80 HOH HOH A . 
B 2 HOH 61 261 53 HOH HOH A . 
B 2 HOH 62 262 78 HOH HOH A . 
B 2 HOH 63 263 31 HOH HOH A . 
B 2 HOH 64 264 46 HOH HOH A . 
B 2 HOH 65 265 67 HOH HOH A . 
B 2 HOH 66 266 62 HOH HOH A . 
B 2 HOH 67 267 12 HOH HOH A . 
B 2 HOH 68 268 79 HOH HOH A . 
B 2 HOH 69 269 25 HOH HOH A . 
B 2 HOH 70 270 7  HOH HOH A . 
B 2 HOH 71 271 27 HOH HOH A . 
B 2 HOH 72 272 55 HOH HOH A . 
B 2 HOH 73 273 42 HOH HOH A . 
B 2 HOH 74 274 26 HOH HOH A . 
B 2 HOH 75 275 21 HOH HOH A . 
B 2 HOH 76 276 61 HOH HOH A . 
B 2 HOH 77 277 50 HOH HOH A . 
B 2 HOH 78 278 13 HOH HOH A . 
B 2 HOH 79 279 44 HOH HOH A . 
B 2 HOH 80 280 47 HOH HOH A . 
B 2 HOH 81 281 52 HOH HOH A . 
# 
loop_
_pdbx_unobs_or_zero_occ_atoms.id 
_pdbx_unobs_or_zero_occ_atoms.PDB_model_num 
_pdbx_unobs_or_zero_occ_atoms.polymer_flag 
_pdbx_unobs_or_zero_occ_atoms.occupancy_flag 
_pdbx_unobs_or_zero_occ_atoms.auth_asym_id 
_pdbx_unobs_or_zero_occ_atoms.auth_comp_id 
_pdbx_unobs_or_zero_occ_atoms.auth_seq_id 
_pdbx_unobs_or_zero_occ_atoms.PDB_ins_code 
_pdbx_unobs_or_zero_occ_atoms.auth_atom_id 
_pdbx_unobs_or_zero_occ_atoms.label_alt_id 
_pdbx_unobs_or_zero_occ_atoms.label_asym_id 
_pdbx_unobs_or_zero_occ_atoms.label_comp_id 
_pdbx_unobs_or_zero_occ_atoms.label_seq_id 
_pdbx_unobs_or_zero_occ_atoms.label_atom_id 
1 1 Y 1 A GLU 51 ? CG  ? A GLU 53 CG  
2 1 Y 1 A GLU 51 ? CD  ? A GLU 53 CD  
3 1 Y 1 A GLU 51 ? OE1 ? A GLU 53 OE1 
4 1 Y 1 A GLU 51 ? OE2 ? A GLU 53 OE2 
# 
loop_
_software.citation_id 
_software.classification 
_software.compiler_name 
_software.compiler_version 
_software.contact_author 
_software.contact_author_email 
_software.date 
_software.description 
_software.dependencies 
_software.hardware 
_software.language 
_software.location 
_software.mods 
_software.name 
_software.os 
_software.os_version 
_software.type 
_software.version 
_software.pdbx_ordinal 
? refinement        ? ? ? ? ? ? ? ? ? ? ? PHENIX      ? ? ? 1.17.1_3660 1 
? 'data extraction' ? ? ? ? ? ? ? ? ? ? ? PDB_EXTRACT ? ? ? 3.27        2 
? 'data reduction'  ? ? ? ? ? ? ? ? ? ? ? XDS         ? ? ? .           3 
? 'data scaling'    ? ? ? ? ? ? ? ? ? ? ? XDS         ? ? ? .           4 
? phasing           ? ? ? ? ? ? ? ? ? ? ? PHENIX      ? ? ? .           5 
# 
_cell.angle_alpha                  90.000 
_cell.angle_alpha_esd              ? 
_cell.angle_beta                   90.000 
_cell.angle_beta_esd               ? 
_cell.angle_gamma                  90.000 
_cell.angle_gamma_esd              ? 
_cell.entry_id                     7DGY 
_cell.details                      ? 
_cell.formula_units_Z              ? 
_cell.length_a                     70.682 
_cell.length_a_esd                 ? 
_cell.length_b                     70.682 
_cell.length_b_esd                 ? 
_cell.length_c                     64.540 
_cell.length_c_esd                 ? 
_cell.volume                       ? 
_cell.volume_esd                   ? 
_cell.Z_PDB                        8 
_cell.reciprocal_angle_alpha       ? 
_cell.reciprocal_angle_beta        ? 
_cell.reciprocal_angle_gamma       ? 
_cell.reciprocal_angle_alpha_esd   ? 
_cell.reciprocal_angle_beta_esd    ? 
_cell.reciprocal_angle_gamma_esd   ? 
_cell.reciprocal_length_a          ? 
_cell.reciprocal_length_b          ? 
_cell.reciprocal_length_c          ? 
_cell.reciprocal_length_a_esd      ? 
_cell.reciprocal_length_b_esd      ? 
_cell.reciprocal_length_c_esd      ? 
_cell.pdbx_unique_axis             ? 
# 
_symmetry.entry_id                         7DGY 
_symmetry.cell_setting                     ? 
_symmetry.Int_Tables_number                92 
_symmetry.space_group_name_Hall            ? 
_symmetry.space_group_name_H-M             'P 41 21 2' 
_symmetry.pdbx_full_space_group_name_H-M   ? 
# 
_exptl.absorpt_coefficient_mu     ? 
_exptl.absorpt_correction_T_max   ? 
_exptl.absorpt_correction_T_min   ? 
_exptl.absorpt_correction_type    ? 
_exptl.absorpt_process_details    ? 
_exptl.entry_id                   7DGY 
_exptl.crystals_number            1 
_exptl.details                    ? 
_exptl.method                     'X-RAY DIFFRACTION' 
_exptl.method_details             ? 
# 
_exptl_crystal.colour                      ? 
_exptl_crystal.density_diffrn              ? 
_exptl_crystal.density_Matthews            3.46 
_exptl_crystal.density_method              ? 
_exptl_crystal.density_percent_sol         64.43 
_exptl_crystal.description                 ? 
_exptl_crystal.F_000                       ? 
_exptl_crystal.id                          1 
_exptl_crystal.preparation                 ? 
_exptl_crystal.size_max                    ? 
_exptl_crystal.size_mid                    ? 
_exptl_crystal.size_min                    ? 
_exptl_crystal.size_rad                    ? 
_exptl_crystal.colour_lustre               ? 
_exptl_crystal.colour_modifier             ? 
_exptl_crystal.colour_primary              ? 
_exptl_crystal.density_meas                ? 
_exptl_crystal.density_meas_esd            ? 
_exptl_crystal.density_meas_gt             ? 
_exptl_crystal.density_meas_lt             ? 
_exptl_crystal.density_meas_temp           ? 
_exptl_crystal.density_meas_temp_esd       ? 
_exptl_crystal.density_meas_temp_gt        ? 
_exptl_crystal.density_meas_temp_lt        ? 
_exptl_crystal.pdbx_crystal_image_url      ? 
_exptl_crystal.pdbx_crystal_image_format   ? 
_exptl_crystal.pdbx_mosaicity              ? 
_exptl_crystal.pdbx_mosaicity_esd          ? 
# 
_exptl_crystal_grow.apparatus       ? 
_exptl_crystal_grow.atmosphere      ? 
_exptl_crystal_grow.crystal_id      1 
_exptl_crystal_grow.details         ? 
_exptl_crystal_grow.method          'VAPOR DIFFUSION, SITTING DROP' 
_exptl_crystal_grow.method_ref      ? 
_exptl_crystal_grow.pH              4.6 
_exptl_crystal_grow.pressure        ? 
_exptl_crystal_grow.pressure_esd    ? 
_exptl_crystal_grow.seeding         ? 
_exptl_crystal_grow.seeding_ref     ? 
_exptl_crystal_grow.temp            291 
_exptl_crystal_grow.temp_details    ? 
_exptl_crystal_grow.temp_esd        ? 
_exptl_crystal_grow.time            ? 
_exptl_crystal_grow.pdbx_details    '1.1 M Ammonium tartrate dibasic, 0.1 M sodium acetate trihydrate, pH 4.6' 
_exptl_crystal_grow.pdbx_pH_range   ? 
# 
_diffrn.ambient_environment              ? 
_diffrn.ambient_temp                     100 
_diffrn.ambient_temp_details             ? 
_diffrn.ambient_temp_esd                 ? 
_diffrn.crystal_id                       1 
_diffrn.crystal_support                  ? 
_diffrn.crystal_treatment                ? 
_diffrn.details                          ? 
_diffrn.id                               1 
_diffrn.ambient_pressure                 ? 
_diffrn.ambient_pressure_esd             ? 
_diffrn.ambient_pressure_gt              ? 
_diffrn.ambient_pressure_lt              ? 
_diffrn.ambient_temp_gt                  ? 
_diffrn.ambient_temp_lt                  ? 
_diffrn.pdbx_serial_crystal_experiment   N 
# 
_diffrn_detector.details                      ? 
_diffrn_detector.detector                     PIXEL 
_diffrn_detector.diffrn_id                    1 
_diffrn_detector.type                         'DECTRIS PILATUS 6M' 
_diffrn_detector.area_resol_mean              ? 
_diffrn_detector.dtime                        ? 
_diffrn_detector.pdbx_frames_total            ? 
_diffrn_detector.pdbx_collection_time_total   ? 
_diffrn_detector.pdbx_collection_date         2020-07-17 
_diffrn_detector.pdbx_frequency               ? 
# 
_diffrn_radiation.collimation                      ? 
_diffrn_radiation.diffrn_id                        1 
_diffrn_radiation.filter_edge                      ? 
_diffrn_radiation.inhomogeneity                    ? 
_diffrn_radiation.monochromator                    ? 
_diffrn_radiation.polarisn_norm                    ? 
_diffrn_radiation.polarisn_ratio                   ? 
_diffrn_radiation.probe                            ? 
_diffrn_radiation.type                             ? 
_diffrn_radiation.xray_symbol                      ? 
_diffrn_radiation.wavelength_id                    1 
_diffrn_radiation.pdbx_monochromatic_or_laue_m_l   M 
_diffrn_radiation.pdbx_wavelength_list             ? 
_diffrn_radiation.pdbx_wavelength                  ? 
_diffrn_radiation.pdbx_diffrn_protocol             'SINGLE WAVELENGTH' 
_diffrn_radiation.pdbx_analyzer                    ? 
_diffrn_radiation.pdbx_scattering_type             x-ray 
# 
_diffrn_radiation_wavelength.id           1 
_diffrn_radiation_wavelength.wavelength   0.9785 
_diffrn_radiation_wavelength.wt           1.0 
# 
_diffrn_source.current                     ? 
_diffrn_source.details                     ? 
_diffrn_source.diffrn_id                   1 
_diffrn_source.power                       ? 
_diffrn_source.size                        ? 
_diffrn_source.source                      SYNCHROTRON 
_diffrn_source.target                      ? 
_diffrn_source.type                        'SSRF BEAMLINE BL19U1' 
_diffrn_source.voltage                     ? 
_diffrn_source.take-off_angle              ? 
_diffrn_source.pdbx_wavelength_list        0.9785 
_diffrn_source.pdbx_wavelength             ? 
_diffrn_source.pdbx_synchrotron_beamline   BL19U1 
_diffrn_source.pdbx_synchrotron_site       SSRF 
# 
_reflns.B_iso_Wilson_estimate                          ? 
_reflns.entry_id                                       7DGY 
_reflns.data_reduction_details                         ? 
_reflns.data_reduction_method                          ? 
_reflns.d_resolution_high                              1.8 
_reflns.d_resolution_low                               49.98 
_reflns.details                                        ? 
_reflns.limit_h_max                                    ? 
_reflns.limit_h_min                                    ? 
_reflns.limit_k_max                                    ? 
_reflns.limit_k_min                                    ? 
_reflns.limit_l_max                                    ? 
_reflns.limit_l_min                                    ? 
_reflns.number_all                                     ? 
_reflns.number_obs                                     15624 
_reflns.observed_criterion                             ? 
_reflns.observed_criterion_F_max                       ? 
_reflns.observed_criterion_F_min                       ? 
_reflns.observed_criterion_I_max                       ? 
_reflns.observed_criterion_I_min                       ? 
_reflns.observed_criterion_sigma_F                     ? 
_reflns.observed_criterion_sigma_I                     ? 
_reflns.percent_possible_obs                           100 
_reflns.R_free_details                                 ? 
_reflns.Rmerge_F_all                                   ? 
_reflns.Rmerge_F_obs                                   ? 
_reflns.Friedel_coverage                               ? 
_reflns.number_gt                                      ? 
_reflns.threshold_expression                           ? 
_reflns.pdbx_redundancy                                25.3 
_reflns.pdbx_Rmerge_I_obs                              0.043 
_reflns.pdbx_Rmerge_I_all                              ? 
_reflns.pdbx_Rsym_value                                ? 
_reflns.pdbx_netI_over_av_sigmaI                       ? 
_reflns.pdbx_netI_over_sigmaI                          45.0 
_reflns.pdbx_res_netI_over_av_sigmaI_2                 ? 
_reflns.pdbx_res_netI_over_sigmaI_2                    ? 
_reflns.pdbx_chi_squared                               ? 
_reflns.pdbx_scaling_rejects                           ? 
_reflns.pdbx_d_res_high_opt                            ? 
_reflns.pdbx_d_res_low_opt                             ? 
_reflns.pdbx_d_res_opt_method                          ? 
_reflns.phase_calculation_details                      ? 
_reflns.pdbx_Rrim_I_all                                ? 
_reflns.pdbx_Rpim_I_all                                ? 
_reflns.pdbx_d_opt                                     ? 
_reflns.pdbx_number_measured_all                       ? 
_reflns.pdbx_diffrn_id                                 1 
_reflns.pdbx_ordinal                                   1 
_reflns.pdbx_CC_half                                   1 
_reflns.pdbx_CC_star                                   ? 
_reflns.pdbx_R_split                                   ? 
_reflns.pdbx_aniso_diffraction_limit_axis_1_ortho[1]   ? 
_reflns.pdbx_aniso_diffraction_limit_axis_1_ortho[2]   ? 
_reflns.pdbx_aniso_diffraction_limit_axis_1_ortho[3]   ? 
_reflns.pdbx_aniso_diffraction_limit_axis_2_ortho[1]   ? 
_reflns.pdbx_aniso_diffraction_limit_axis_2_ortho[2]   ? 
_reflns.pdbx_aniso_diffraction_limit_axis_2_ortho[3]   ? 
_reflns.pdbx_aniso_diffraction_limit_axis_3_ortho[1]   ? 
_reflns.pdbx_aniso_diffraction_limit_axis_3_ortho[2]   ? 
_reflns.pdbx_aniso_diffraction_limit_axis_3_ortho[3]   ? 
_reflns.pdbx_aniso_diffraction_limit_1                 ? 
_reflns.pdbx_aniso_diffraction_limit_2                 ? 
_reflns.pdbx_aniso_diffraction_limit_3                 ? 
_reflns.pdbx_aniso_B_tensor_eigenvector_1_ortho[1]     ? 
_reflns.pdbx_aniso_B_tensor_eigenvector_1_ortho[2]     ? 
_reflns.pdbx_aniso_B_tensor_eigenvector_1_ortho[3]     ? 
_reflns.pdbx_aniso_B_tensor_eigenvector_2_ortho[1]     ? 
_reflns.pdbx_aniso_B_tensor_eigenvector_2_ortho[2]     ? 
_reflns.pdbx_aniso_B_tensor_eigenvector_2_ortho[3]     ? 
_reflns.pdbx_aniso_B_tensor_eigenvector_3_ortho[1]     ? 
_reflns.pdbx_aniso_B_tensor_eigenvector_3_ortho[2]     ? 
_reflns.pdbx_aniso_B_tensor_eigenvector_3_ortho[3]     ? 
_reflns.pdbx_aniso_B_tensor_eigenvalue_1               ? 
_reflns.pdbx_aniso_B_tensor_eigenvalue_2               ? 
_reflns.pdbx_aniso_B_tensor_eigenvalue_3               ? 
_reflns.pdbx_orthogonalization_convention              ? 
_reflns.pdbx_percent_possible_ellipsoidal              ? 
_reflns.pdbx_percent_possible_spherical                ? 
_reflns.pdbx_percent_possible_ellipsoidal_anomalous    ? 
_reflns.pdbx_percent_possible_spherical_anomalous      ? 
_reflns.pdbx_redundancy_anomalous                      ? 
_reflns.pdbx_CC_half_anomalous                         ? 
_reflns.pdbx_absDiff_over_sigma_anomalous              ? 
_reflns.pdbx_percent_possible_anomalous                ? 
_reflns.pdbx_observed_signal_threshold                 ? 
_reflns.pdbx_signal_type                               ? 
_reflns.pdbx_signal_details                            ? 
_reflns.pdbx_signal_software_id                        ? 
# 
_reflns_shell.d_res_high                                    1.8 
_reflns_shell.d_res_low                                     1.84 
_reflns_shell.meanI_over_sigI_all                           ? 
_reflns_shell.meanI_over_sigI_obs                           5.2 
_reflns_shell.number_measured_all                           ? 
_reflns_shell.number_measured_obs                           ? 
_reflns_shell.number_possible                               ? 
_reflns_shell.number_unique_all                             ? 
_reflns_shell.number_unique_obs                             1520 
_reflns_shell.percent_possible_all                          ? 
_reflns_shell.percent_possible_obs                          ? 
_reflns_shell.Rmerge_F_all                                  ? 
_reflns_shell.Rmerge_F_obs                                  ? 
_reflns_shell.Rmerge_I_all                                  ? 
_reflns_shell.Rmerge_I_obs                                  0.692 
_reflns_shell.meanI_over_sigI_gt                            ? 
_reflns_shell.meanI_over_uI_all                             ? 
_reflns_shell.meanI_over_uI_gt                              ? 
_reflns_shell.number_measured_gt                            ? 
_reflns_shell.number_unique_gt                              ? 
_reflns_shell.percent_possible_gt                           ? 
_reflns_shell.Rmerge_F_gt                                   ? 
_reflns_shell.Rmerge_I_gt                                   ? 
_reflns_shell.pdbx_redundancy                               ? 
_reflns_shell.pdbx_Rsym_value                               ? 
_reflns_shell.pdbx_chi_squared                              ? 
_reflns_shell.pdbx_netI_over_sigmaI_all                     ? 
_reflns_shell.pdbx_netI_over_sigmaI_obs                     ? 
_reflns_shell.pdbx_Rrim_I_all                               ? 
_reflns_shell.pdbx_Rpim_I_all                               ? 
_reflns_shell.pdbx_rejects                                  ? 
_reflns_shell.pdbx_ordinal                                  1 
_reflns_shell.pdbx_diffrn_id                                1 
_reflns_shell.pdbx_CC_half                                  0.943 
_reflns_shell.pdbx_CC_star                                  ? 
_reflns_shell.pdbx_R_split                                  ? 
_reflns_shell.pdbx_percent_possible_ellipsoidal             ? 
_reflns_shell.pdbx_percent_possible_spherical               ? 
_reflns_shell.pdbx_percent_possible_ellipsoidal_anomalous   ? 
_reflns_shell.pdbx_percent_possible_spherical_anomalous     ? 
_reflns_shell.pdbx_redundancy_anomalous                     ? 
_reflns_shell.pdbx_CC_half_anomalous                        ? 
_reflns_shell.pdbx_absDiff_over_sigma_anomalous             ? 
_reflns_shell.pdbx_percent_possible_anomalous               ? 
# 
_refine.aniso_B[1][1]                            ? 
_refine.aniso_B[1][2]                            ? 
_refine.aniso_B[1][3]                            ? 
_refine.aniso_B[2][2]                            ? 
_refine.aniso_B[2][3]                            ? 
_refine.aniso_B[3][3]                            ? 
_refine.B_iso_max                                73.750 
_refine.B_iso_mean                               35.5030 
_refine.B_iso_min                                22.150 
_refine.correlation_coeff_Fo_to_Fc               ? 
_refine.correlation_coeff_Fo_to_Fc_free          ? 
_refine.details                                  ? 
_refine.diff_density_max                         ? 
_refine.diff_density_max_esd                     ? 
_refine.diff_density_min                         ? 
_refine.diff_density_min_esd                     ? 
_refine.diff_density_rms                         ? 
_refine.diff_density_rms_esd                     ? 
_refine.entry_id                                 7DGY 
_refine.pdbx_refine_id                           'X-RAY DIFFRACTION' 
_refine.ls_abs_structure_details                 ? 
_refine.ls_abs_structure_Flack                   ? 
_refine.ls_abs_structure_Flack_esd               ? 
_refine.ls_abs_structure_Rogers                  ? 
_refine.ls_abs_structure_Rogers_esd              ? 
_refine.ls_d_res_high                            1.8000 
_refine.ls_d_res_low                             47.6600 
_refine.ls_extinction_coef                       ? 
_refine.ls_extinction_coef_esd                   ? 
_refine.ls_extinction_expression                 ? 
_refine.ls_extinction_method                     ? 
_refine.ls_goodness_of_fit_all                   ? 
_refine.ls_goodness_of_fit_all_esd               ? 
_refine.ls_goodness_of_fit_obs                   ? 
_refine.ls_goodness_of_fit_obs_esd               ? 
_refine.ls_hydrogen_treatment                    ? 
_refine.ls_matrix_type                           ? 
_refine.ls_number_constraints                    ? 
_refine.ls_number_parameters                     ? 
_refine.ls_number_reflns_all                     ? 
_refine.ls_number_reflns_obs                     15624 
_refine.ls_number_reflns_R_free                  1563 
_refine.ls_number_reflns_R_work                  14061 
_refine.ls_number_restraints                     ? 
_refine.ls_percent_reflns_obs                    99.9700 
_refine.ls_percent_reflns_R_free                 10.0000 
_refine.ls_R_factor_all                          ? 
_refine.ls_R_factor_obs                          0.1778 
_refine.ls_R_factor_R_free                       0.1925 
_refine.ls_R_factor_R_free_error                 ? 
_refine.ls_R_factor_R_free_error_details         ? 
_refine.ls_R_factor_R_work                       0.1762 
_refine.ls_R_Fsqd_factor_obs                     ? 
_refine.ls_R_I_factor_obs                        ? 
_refine.ls_redundancy_reflns_all                 ? 
_refine.ls_redundancy_reflns_obs                 ? 
_refine.ls_restrained_S_all                      ? 
_refine.ls_restrained_S_obs                      ? 
_refine.ls_shift_over_esd_max                    ? 
_refine.ls_shift_over_esd_mean                   ? 
_refine.ls_structure_factor_coef                 ? 
_refine.ls_weighting_details                     ? 
_refine.ls_weighting_scheme                      ? 
_refine.ls_wR_factor_all                         ? 
_refine.ls_wR_factor_obs                         ? 
_refine.ls_wR_factor_R_free                      ? 
_refine.ls_wR_factor_R_work                      ? 
_refine.occupancy_max                            ? 
_refine.occupancy_min                            ? 
_refine.solvent_model_details                    'FLAT BULK SOLVENT MODEL' 
_refine.solvent_model_param_bsol                 ? 
_refine.solvent_model_param_ksol                 ? 
_refine.pdbx_R_complete                          ? 
_refine.ls_R_factor_gt                           ? 
_refine.ls_goodness_of_fit_gt                    ? 
_refine.ls_goodness_of_fit_ref                   ? 
_refine.ls_shift_over_su_max                     ? 
_refine.ls_shift_over_su_max_lt                  ? 
_refine.ls_shift_over_su_mean                    ? 
_refine.ls_shift_over_su_mean_lt                 ? 
_refine.pdbx_ls_sigma_I                          ? 
_refine.pdbx_ls_sigma_F                          1.350 
_refine.pdbx_ls_sigma_Fsqd                       ? 
_refine.pdbx_data_cutoff_high_absF               ? 
_refine.pdbx_data_cutoff_high_rms_absF           ? 
_refine.pdbx_data_cutoff_low_absF                ? 
_refine.pdbx_isotropic_thermal_model             ? 
_refine.pdbx_ls_cross_valid_method               THROUGHOUT 
_refine.pdbx_method_to_determine_struct          'MOLECULAR REPLACEMENT' 
_refine.pdbx_starting_model                      ? 
_refine.pdbx_stereochemistry_target_values       ML 
_refine.pdbx_R_Free_selection_details            ? 
_refine.pdbx_stereochem_target_val_spec_case     ? 
_refine.pdbx_overall_ESU_R                       ? 
_refine.pdbx_overall_ESU_R_Free                  ? 
_refine.pdbx_solvent_vdw_probe_radii             1.1100 
_refine.pdbx_solvent_ion_probe_radii             ? 
_refine.pdbx_solvent_shrinkage_radii             0.9000 
_refine.pdbx_real_space_R                        ? 
_refine.pdbx_density_correlation                 ? 
_refine.pdbx_pd_number_of_powder_patterns        ? 
_refine.pdbx_pd_number_of_points                 ? 
_refine.pdbx_pd_meas_number_of_points            ? 
_refine.pdbx_pd_proc_ls_prof_R_factor            ? 
_refine.pdbx_pd_proc_ls_prof_wR_factor           ? 
_refine.pdbx_pd_Marquardt_correlation_coeff      ? 
_refine.pdbx_pd_Fsqrd_R_factor                   ? 
_refine.pdbx_pd_ls_matrix_band_width             ? 
_refine.pdbx_overall_phase_error                 18.3200 
_refine.pdbx_overall_SU_R_free_Cruickshank_DPI   ? 
_refine.pdbx_overall_SU_R_free_Blow_DPI          ? 
_refine.pdbx_overall_SU_R_Blow_DPI               ? 
_refine.pdbx_TLS_residual_ADP_flag               ? 
_refine.pdbx_diffrn_id                           1 
_refine.overall_SU_B                             ? 
_refine.overall_SU_ML                            0.1700 
_refine.overall_SU_R_Cruickshank_DPI             ? 
_refine.overall_SU_R_free                        ? 
_refine.overall_FOM_free_R_set                   ? 
_refine.overall_FOM_work_R_set                   ? 
_refine.pdbx_average_fsc_overall                 ? 
_refine.pdbx_average_fsc_work                    ? 
_refine.pdbx_average_fsc_free                    ? 
# 
_refine_hist.pdbx_refine_id                   'X-RAY DIFFRACTION' 
_refine_hist.cycle_id                         final 
_refine_hist.details                          ? 
_refine_hist.d_res_high                       1.8000 
_refine_hist.d_res_low                        47.6600 
_refine_hist.number_atoms_solvent             81 
_refine_hist.number_atoms_total               847 
_refine_hist.number_reflns_all                ? 
_refine_hist.number_reflns_obs                ? 
_refine_hist.number_reflns_R_free             ? 
_refine_hist.number_reflns_R_work             ? 
_refine_hist.R_factor_all                     ? 
_refine_hist.R_factor_obs                     ? 
_refine_hist.R_factor_R_free                  ? 
_refine_hist.R_factor_R_work                  ? 
_refine_hist.pdbx_number_residues_total       99 
_refine_hist.pdbx_B_iso_mean_ligand           ? 
_refine_hist.pdbx_B_iso_mean_solvent          48.31 
_refine_hist.pdbx_number_atoms_protein        766 
_refine_hist.pdbx_number_atoms_nucleic_acid   0 
_refine_hist.pdbx_number_atoms_ligand         0 
_refine_hist.pdbx_number_atoms_lipid          ? 
_refine_hist.pdbx_number_atoms_carb           ? 
_refine_hist.pdbx_pseudo_atom_details         ? 
# 
loop_
_refine_ls_shell.pdbx_refine_id 
_refine_ls_shell.d_res_high 
_refine_ls_shell.d_res_low 
_refine_ls_shell.number_reflns_all 
_refine_ls_shell.number_reflns_obs 
_refine_ls_shell.number_reflns_R_free 
_refine_ls_shell.number_reflns_R_work 
_refine_ls_shell.percent_reflns_obs 
_refine_ls_shell.percent_reflns_R_free 
_refine_ls_shell.R_factor_all 
_refine_ls_shell.R_factor_obs 
_refine_ls_shell.R_factor_R_free 
_refine_ls_shell.R_factor_R_free_error 
_refine_ls_shell.R_factor_R_work 
_refine_ls_shell.redundancy_reflns_all 
_refine_ls_shell.redundancy_reflns_obs 
_refine_ls_shell.wR_factor_all 
_refine_ls_shell.wR_factor_obs 
_refine_ls_shell.wR_factor_R_free 
_refine_ls_shell.wR_factor_R_work 
_refine_ls_shell.pdbx_R_complete 
_refine_ls_shell.pdbx_total_number_of_bins_used 
_refine_ls_shell.pdbx_phase_error 
_refine_ls_shell.pdbx_fsc_work 
_refine_ls_shell.pdbx_fsc_free 
'X-RAY DIFFRACTION' 1.8000 1.8600  1392 . 139 1253 100.0000 . . . 0.2366 0.0000 0.1897 . . . . . . . 11 . . . 
'X-RAY DIFFRACTION' 1.8600 1.9300  1375 . 137 1238 100.0000 . . . 0.2253 0.0000 0.1778 . . . . . . . 11 . . . 
'X-RAY DIFFRACTION' 1.9300 2.0000  1393 . 140 1253 100.0000 . . . 0.2510 0.0000 0.1829 . . . . . . . 11 . . . 
'X-RAY DIFFRACTION' 2.0000 2.1000  1391 . 140 1251 100.0000 . . . 0.1709 0.0000 0.1706 . . . . . . . 11 . . . 
'X-RAY DIFFRACTION' 2.1000 2.2100  1398 . 138 1260 100.0000 . . . 0.1719 0.0000 0.1618 . . . . . . . 11 . . . 
'X-RAY DIFFRACTION' 2.2100 2.3400  1412 . 142 1270 100.0000 . . . 0.1909 0.0000 0.1611 . . . . . . . 11 . . . 
'X-RAY DIFFRACTION' 2.3400 2.5300  1411 . 142 1269 100.0000 . . . 0.2146 0.0000 0.1810 . . . . . . . 11 . . . 
'X-RAY DIFFRACTION' 2.5300 2.7800  1411 . 140 1271 100.0000 . . . 0.2142 0.0000 0.1795 . . . . . . . 11 . . . 
'X-RAY DIFFRACTION' 2.7800 3.1800  1431 . 143 1288 100.0000 . . . 0.1919 0.0000 0.1822 . . . . . . . 11 . . . 
'X-RAY DIFFRACTION' 3.1800 4.0100  1457 . 146 1311 100.0000 . . . 0.1828 0.0000 0.1708 . . . . . . . 11 . . . 
'X-RAY DIFFRACTION' 4.0100 47.6600 1553 . 156 1397 100.0000 . . . 0.1834 0.0000 0.1801 . . . . . . . 11 . . . 
# 
_struct.entry_id                     7DGY 
_struct.title                        'De novo designed protein H4C2R' 
_struct.pdbx_model_details           ? 
_struct.pdbx_formula_weight          ? 
_struct.pdbx_formula_weight_method   ? 
_struct.pdbx_model_type_details      ? 
_struct.pdbx_CASP_flag               N 
# 
_struct_keywords.entry_id        7DGY 
_struct_keywords.text            'Designed protein, DE NOVO PROTEIN' 
_struct_keywords.pdbx_keywords   'DE NOVO PROTEIN' 
# 
loop_
_struct_asym.id 
_struct_asym.pdbx_blank_PDB_chainid_flag 
_struct_asym.pdbx_modified 
_struct_asym.entity_id 
_struct_asym.details 
A N N 1 ? 
B N N 2 ? 
# 
_struct_ref.id                         1 
_struct_ref.db_name                    PDB 
_struct_ref.db_code                    7DGY 
_struct_ref.pdbx_db_accession          7DGY 
_struct_ref.pdbx_db_isoform            ? 
_struct_ref.entity_id                  1 
_struct_ref.pdbx_seq_one_letter_code   ? 
_struct_ref.pdbx_align_begin           1 
# 
_struct_ref_seq.align_id                      1 
_struct_ref_seq.ref_id                        1 
_struct_ref_seq.pdbx_PDB_id_code              7DGY 
_struct_ref_seq.pdbx_strand_id                A 
_struct_ref_seq.seq_align_beg                 1 
_struct_ref_seq.pdbx_seq_align_beg_ins_code   ? 
_struct_ref_seq.seq_align_end                 104 
_struct_ref_seq.pdbx_seq_align_end_ins_code   ? 
_struct_ref_seq.pdbx_db_accession             7DGY 
_struct_ref_seq.db_align_beg                  -1 
_struct_ref_seq.pdbx_db_align_beg_ins_code    ? 
_struct_ref_seq.db_align_end                  102 
_struct_ref_seq.pdbx_db_align_end_ins_code    ? 
_struct_ref_seq.pdbx_auth_seq_align_beg       -1 
_struct_ref_seq.pdbx_auth_seq_align_end       102 
# 
_pdbx_struct_assembly.id                   1 
_pdbx_struct_assembly.details              author_defined_assembly 
_pdbx_struct_assembly.method_details       ? 
_pdbx_struct_assembly.oligomeric_details   monomeric 
_pdbx_struct_assembly.oligomeric_count     1 
# 
loop_
_pdbx_struct_assembly_prop.biol_id 
_pdbx_struct_assembly_prop.type 
_pdbx_struct_assembly_prop.value 
_pdbx_struct_assembly_prop.details 
1 'ABSA (A^2)' 0    ? 
1 MORE         0    ? 
1 'SSA (A^2)'  5590 ? 
# 
_pdbx_struct_assembly_gen.assembly_id       1 
_pdbx_struct_assembly_gen.oper_expression   1 
_pdbx_struct_assembly_gen.asym_id_list      A,B 
# 
_pdbx_struct_assembly_auth_evidence.id                     1 
_pdbx_struct_assembly_auth_evidence.assembly_id            1 
_pdbx_struct_assembly_auth_evidence.experimental_support   'gel filtration' 
_pdbx_struct_assembly_auth_evidence.details                ? 
# 
_pdbx_struct_oper_list.id                   1 
_pdbx_struct_oper_list.type                 'identity operation' 
_pdbx_struct_oper_list.name                 1_555 
_pdbx_struct_oper_list.symmetry_operation   x,y,z 
_pdbx_struct_oper_list.matrix[1][1]         1.0000000000 
_pdbx_struct_oper_list.matrix[1][2]         0.0000000000 
_pdbx_struct_oper_list.matrix[1][3]         0.0000000000 
_pdbx_struct_oper_list.vector[1]            0.0000000000 
_pdbx_struct_oper_list.matrix[2][1]         0.0000000000 
_pdbx_struct_oper_list.matrix[2][2]         1.0000000000 
_pdbx_struct_oper_list.matrix[2][3]         0.0000000000 
_pdbx_struct_oper_list.vector[2]            0.0000000000 
_pdbx_struct_oper_list.matrix[3][1]         0.0000000000 
_pdbx_struct_oper_list.matrix[3][2]         0.0000000000 
_pdbx_struct_oper_list.matrix[3][3]         1.0000000000 
_pdbx_struct_oper_list.vector[3]            0.0000000000 
# 
loop_
_struct_conf.conf_type_id 
_struct_conf.id 
_struct_conf.pdbx_PDB_helix_id 
_struct_conf.beg_label_comp_id 
_struct_conf.beg_label_asym_id 
_struct_conf.beg_label_seq_id 
_struct_conf.pdbx_beg_PDB_ins_code 
_struct_conf.end_label_comp_id 
_struct_conf.end_label_asym_id 
_struct_conf.end_label_seq_id 
_struct_conf.pdbx_end_PDB_ins_code 
_struct_conf.beg_auth_comp_id 
_struct_conf.beg_auth_asym_id 
_struct_conf.beg_auth_seq_id 
_struct_conf.end_auth_comp_id 
_struct_conf.end_auth_asym_id 
_struct_conf.end_auth_seq_id 
_struct_conf.pdbx_PDB_helix_class 
_struct_conf.details 
_struct_conf.pdbx_PDB_helix_length 
HELX_P HELX_P1 AA1 HIS A 3  ? GLN A 23  ? HIS A 1  GLN A 21 1 ? 21 
HELX_P HELX_P2 AA2 SER A 26 ? MET A 48  ? SER A 24 MET A 46 1 ? 23 
HELX_P HELX_P3 AA3 SER A 51 ? GLN A 71  ? SER A 49 GLN A 69 1 ? 21 
HELX_P HELX_P4 AA4 ASN A 74 ? HIS A 100 ? ASN A 72 HIS A 98 1 ? 27 
# 
_struct_conf_type.id          HELX_P 
_struct_conf_type.criteria    ? 
_struct_conf_type.reference   ? 
# 
loop_
_pdbx_struct_special_symmetry.id 
_pdbx_struct_special_symmetry.PDB_model_num 
_pdbx_struct_special_symmetry.auth_asym_id 
_pdbx_struct_special_symmetry.auth_comp_id 
_pdbx_struct_special_symmetry.auth_seq_id 
_pdbx_struct_special_symmetry.PDB_ins_code 
_pdbx_struct_special_symmetry.label_asym_id 
_pdbx_struct_special_symmetry.label_comp_id 
_pdbx_struct_special_symmetry.label_seq_id 
1 1 A HOH 270 ? B HOH . 
2 1 A HOH 280 ? B HOH . 
# 
_pdbx_refine_tls.id               1 
_pdbx_refine_tls.pdbx_refine_id   'X-RAY DIFFRACTION' 
_pdbx_refine_tls.details          ? 
_pdbx_refine_tls.method           refined 
_pdbx_refine_tls.origin_x         0.1848 
_pdbx_refine_tls.origin_y         0.6865 
_pdbx_refine_tls.origin_z         0.1668 
_pdbx_refine_tls.T[1][1]          0.2549 
_pdbx_refine_tls.T[1][1]_esd      ? 
_pdbx_refine_tls.T[1][2]          -0.0083 
_pdbx_refine_tls.T[1][2]_esd      ? 
_pdbx_refine_tls.T[1][3]          0.0024 
_pdbx_refine_tls.T[1][3]_esd      ? 
_pdbx_refine_tls.T[2][2]          0.2304 
_pdbx_refine_tls.T[2][2]_esd      ? 
_pdbx_refine_tls.T[2][3]          0.0191 
_pdbx_refine_tls.T[2][3]_esd      ? 
_pdbx_refine_tls.T[3][3]          0.2587 
_pdbx_refine_tls.T[3][3]_esd      ? 
_pdbx_refine_tls.L[1][1]          1.8426 
_pdbx_refine_tls.L[1][1]_esd      ? 
_pdbx_refine_tls.L[1][2]          -0.4964 
_pdbx_refine_tls.L[1][2]_esd      ? 
_pdbx_refine_tls.L[1][3]          -0.5138 
_pdbx_refine_tls.L[1][3]_esd      ? 
_pdbx_refine_tls.L[2][2]          0.5738 
_pdbx_refine_tls.L[2][2]_esd      ? 
_pdbx_refine_tls.L[2][3]          -0.2772 
_pdbx_refine_tls.L[2][3]_esd      ? 
_pdbx_refine_tls.L[3][3]          0.7101 
_pdbx_refine_tls.L[3][3]_esd      ? 
_pdbx_refine_tls.S[1][1]          -0.0686 
_pdbx_refine_tls.S[1][1]_esd      ? 
_pdbx_refine_tls.S[1][2]          0.0360 
_pdbx_refine_tls.S[1][2]_esd      ? 
_pdbx_refine_tls.S[1][3]          0.1175 
_pdbx_refine_tls.S[1][3]_esd      ? 
_pdbx_refine_tls.S[2][1]          -0.0472 
_pdbx_refine_tls.S[2][1]_esd      ? 
_pdbx_refine_tls.S[2][2]          0.0023 
_pdbx_refine_tls.S[2][2]_esd      ? 
_pdbx_refine_tls.S[2][3]          -0.1102 
_pdbx_refine_tls.S[2][3]_esd      ? 
_pdbx_refine_tls.S[3][1]          0.0461 
_pdbx_refine_tls.S[3][1]_esd      ? 
_pdbx_refine_tls.S[3][2]          -0.0343 
_pdbx_refine_tls.S[3][2]_esd      ? 
_pdbx_refine_tls.S[3][3]          0.0059 
_pdbx_refine_tls.S[3][3]_esd      ? 
# 
loop_
_pdbx_refine_tls_group.id 
_pdbx_refine_tls_group.pdbx_refine_id 
_pdbx_refine_tls_group.refine_tls_id 
_pdbx_refine_tls_group.beg_label_asym_id 
_pdbx_refine_tls_group.beg_label_seq_id 
_pdbx_refine_tls_group.beg_auth_asym_id 
_pdbx_refine_tls_group.beg_auth_seq_id 
_pdbx_refine_tls_group.beg_PDB_ins_code 
_pdbx_refine_tls_group.end_label_asym_id 
_pdbx_refine_tls_group.end_label_seq_id 
_pdbx_refine_tls_group.end_auth_asym_id 
_pdbx_refine_tls_group.end_auth_seq_id 
_pdbx_refine_tls_group.end_PDB_ins_code 
_pdbx_refine_tls_group.selection 
_pdbx_refine_tls_group.selection_details 
1 'X-RAY DIFFRACTION' 1 ? ? A 0 ? ? ? A 98 ? ? all 
2 'X-RAY DIFFRACTION' 1 ? ? S 1 ? ? ? S 85 ? ? all 
# 
_pdbx_distant_solvent_atoms.id                                1 
_pdbx_distant_solvent_atoms.PDB_model_num                     1 
_pdbx_distant_solvent_atoms.auth_atom_id                      O 
_pdbx_distant_solvent_atoms.label_alt_id                      ? 
_pdbx_distant_solvent_atoms.auth_asym_id                      A 
_pdbx_distant_solvent_atoms.auth_comp_id                      HOH 
_pdbx_distant_solvent_atoms.auth_seq_id                       281 
_pdbx_distant_solvent_atoms.PDB_ins_code                      ? 
_pdbx_distant_solvent_atoms.neighbor_macromolecule_distance   6.69 
_pdbx_distant_solvent_atoms.neighbor_ligand_distance          . 
# 
loop_
_pdbx_unobs_or_zero_occ_residues.id 
_pdbx_unobs_or_zero_occ_residues.PDB_model_num 
_pdbx_unobs_or_zero_occ_residues.polymer_flag 
_pdbx_unobs_or_zero_occ_residues.occupancy_flag 
_pdbx_unobs_or_zero_occ_residues.auth_asym_id 
_pdbx_unobs_or_zero_occ_residues.auth_comp_id 
_pdbx_unobs_or_zero_occ_residues.auth_seq_id 
_pdbx_unobs_or_zero_occ_residues.PDB_ins_code 
_pdbx_unobs_or_zero_occ_residues.label_asym_id 
_pdbx_unobs_or_zero_occ_residues.label_comp_id 
_pdbx_unobs_or_zero_occ_residues.label_seq_id 
1 1 Y 1 A MET -1  ? A MET 1   
2 1 Y 1 A HIS 99  ? A HIS 101 
3 1 Y 1 A HIS 100 ? A HIS 102 
4 1 Y 1 A HIS 101 ? A HIS 103 
5 1 Y 1 A HIS 102 ? A HIS 104 
# 
loop_
_chem_comp_atom.comp_id 
_chem_comp_atom.atom_id 
_chem_comp_atom.type_symbol 
_chem_comp_atom.pdbx_aromatic_flag 
_chem_comp_atom.pdbx_stereo_config 
_chem_comp_atom.pdbx_ordinal 
ALA N    N N N 1   
ALA CA   C N S 2   
ALA C    C N N 3   
ALA O    O N N 4   
ALA CB   C N N 5   
ALA OXT  O N N 6   
ALA H    H N N 7   
ALA H2   H N N 8   
ALA HA   H N N 9   
ALA HB1  H N N 10  
ALA HB2  H N N 11  
ALA HB3  H N N 12  
ALA HXT  H N N 13  
ARG N    N N N 14  
ARG CA   C N S 15  
ARG C    C N N 16  
ARG O    O N N 17  
ARG CB   C N N 18  
ARG CG   C N N 19  
ARG CD   C N N 20  
ARG NE   N N N 21  
ARG CZ   C N N 22  
ARG NH1  N N N 23  
ARG NH2  N N N 24  
ARG OXT  O N N 25  
ARG H    H N N 26  
ARG H2   H N N 27  
ARG HA   H N N 28  
ARG HB2  H N N 29  
ARG HB3  H N N 30  
ARG HG2  H N N 31  
ARG HG3  H N N 32  
ARG HD2  H N N 33  
ARG HD3  H N N 34  
ARG HE   H N N 35  
ARG HH11 H N N 36  
ARG HH12 H N N 37  
ARG HH21 H N N 38  
ARG HH22 H N N 39  
ARG HXT  H N N 40  
ASN N    N N N 41  
ASN CA   C N S 42  
ASN C    C N N 43  
ASN O    O N N 44  
ASN CB   C N N 45  
ASN CG   C N N 46  
ASN OD1  O N N 47  
ASN ND2  N N N 48  
ASN OXT  O N N 49  
ASN H    H N N 50  
ASN H2   H N N 51  
ASN HA   H N N 52  
ASN HB2  H N N 53  
ASN HB3  H N N 54  
ASN HD21 H N N 55  
ASN HD22 H N N 56  
ASN HXT  H N N 57  
ASP N    N N N 58  
ASP CA   C N S 59  
ASP C    C N N 60  
ASP O    O N N 61  
ASP CB   C N N 62  
ASP CG   C N N 63  
ASP OD1  O N N 64  
ASP OD2  O N N 65  
ASP OXT  O N N 66  
ASP H    H N N 67  
ASP H2   H N N 68  
ASP HA   H N N 69  
ASP HB2  H N N 70  
ASP HB3  H N N 71  
ASP HD2  H N N 72  
ASP HXT  H N N 73  
GLN N    N N N 74  
GLN CA   C N S 75  
GLN C    C N N 76  
GLN O    O N N 77  
GLN CB   C N N 78  
GLN CG   C N N 79  
GLN CD   C N N 80  
GLN OE1  O N N 81  
GLN NE2  N N N 82  
GLN OXT  O N N 83  
GLN H    H N N 84  
GLN H2   H N N 85  
GLN HA   H N N 86  
GLN HB2  H N N 87  
GLN HB3  H N N 88  
GLN HG2  H N N 89  
GLN HG3  H N N 90  
GLN HE21 H N N 91  
GLN HE22 H N N 92  
GLN HXT  H N N 93  
GLU N    N N N 94  
GLU CA   C N S 95  
GLU C    C N N 96  
GLU O    O N N 97  
GLU CB   C N N 98  
GLU CG   C N N 99  
GLU CD   C N N 100 
GLU OE1  O N N 101 
GLU OE2  O N N 102 
GLU OXT  O N N 103 
GLU H    H N N 104 
GLU H2   H N N 105 
GLU HA   H N N 106 
GLU HB2  H N N 107 
GLU HB3  H N N 108 
GLU HG2  H N N 109 
GLU HG3  H N N 110 
GLU HE2  H N N 111 
GLU HXT  H N N 112 
GLY N    N N N 113 
GLY CA   C N N 114 
GLY C    C N N 115 
GLY O    O N N 116 
GLY OXT  O N N 117 
GLY H    H N N 118 
GLY H2   H N N 119 
GLY HA2  H N N 120 
GLY HA3  H N N 121 
GLY HXT  H N N 122 
HIS N    N N N 123 
HIS CA   C N S 124 
HIS C    C N N 125 
HIS O    O N N 126 
HIS CB   C N N 127 
HIS CG   C Y N 128 
HIS ND1  N Y N 129 
HIS CD2  C Y N 130 
HIS CE1  C Y N 131 
HIS NE2  N Y N 132 
HIS OXT  O N N 133 
HIS H    H N N 134 
HIS H2   H N N 135 
HIS HA   H N N 136 
HIS HB2  H N N 137 
HIS HB3  H N N 138 
HIS HD1  H N N 139 
HIS HD2  H N N 140 
HIS HE1  H N N 141 
HIS HE2  H N N 142 
HIS HXT  H N N 143 
HOH O    O N N 144 
HOH H1   H N N 145 
HOH H2   H N N 146 
ILE N    N N N 147 
ILE CA   C N S 148 
ILE C    C N N 149 
ILE O    O N N 150 
ILE CB   C N S 151 
ILE CG1  C N N 152 
ILE CG2  C N N 153 
ILE CD1  C N N 154 
ILE OXT  O N N 155 
ILE H    H N N 156 
ILE H2   H N N 157 
ILE HA   H N N 158 
ILE HB   H N N 159 
ILE HG12 H N N 160 
ILE HG13 H N N 161 
ILE HG21 H N N 162 
ILE HG22 H N N 163 
ILE HG23 H N N 164 
ILE HD11 H N N 165 
ILE HD12 H N N 166 
ILE HD13 H N N 167 
ILE HXT  H N N 168 
LEU N    N N N 169 
LEU CA   C N S 170 
LEU C    C N N 171 
LEU O    O N N 172 
LEU CB   C N N 173 
LEU CG   C N N 174 
LEU CD1  C N N 175 
LEU CD2  C N N 176 
LEU OXT  O N N 177 
LEU H    H N N 178 
LEU H2   H N N 179 
LEU HA   H N N 180 
LEU HB2  H N N 181 
LEU HB3  H N N 182 
LEU HG   H N N 183 
LEU HD11 H N N 184 
LEU HD12 H N N 185 
LEU HD13 H N N 186 
LEU HD21 H N N 187 
LEU HD22 H N N 188 
LEU HD23 H N N 189 
LEU HXT  H N N 190 
LYS N    N N N 191 
LYS CA   C N S 192 
LYS C    C N N 193 
LYS O    O N N 194 
LYS CB   C N N 195 
LYS CG   C N N 196 
LYS CD   C N N 197 
LYS CE   C N N 198 
LYS NZ   N N N 199 
LYS OXT  O N N 200 
LYS H    H N N 201 
LYS H2   H N N 202 
LYS HA   H N N 203 
LYS HB2  H N N 204 
LYS HB3  H N N 205 
LYS HG2  H N N 206 
LYS HG3  H N N 207 
LYS HD2  H N N 208 
LYS HD3  H N N 209 
LYS HE2  H N N 210 
LYS HE3  H N N 211 
LYS HZ1  H N N 212 
LYS HZ2  H N N 213 
LYS HZ3  H N N 214 
LYS HXT  H N N 215 
MET N    N N N 216 
MET CA   C N S 217 
MET C    C N N 218 
MET O    O N N 219 
MET CB   C N N 220 
MET CG   C N N 221 
MET SD   S N N 222 
MET CE   C N N 223 
MET OXT  O N N 224 
MET H    H N N 225 
MET H2   H N N 226 
MET HA   H N N 227 
MET HB2  H N N 228 
MET HB3  H N N 229 
MET HG2  H N N 230 
MET HG3  H N N 231 
MET HE1  H N N 232 
MET HE2  H N N 233 
MET HE3  H N N 234 
MET HXT  H N N 235 
PHE N    N N N 236 
PHE CA   C N S 237 
PHE C    C N N 238 
PHE O    O N N 239 
PHE CB   C N N 240 
PHE CG   C Y N 241 
PHE CD1  C Y N 242 
PHE CD2  C Y N 243 
PHE CE1  C Y N 244 
PHE CE2  C Y N 245 
PHE CZ   C Y N 246 
PHE OXT  O N N 247 
PHE H    H N N 248 
PHE H2   H N N 249 
PHE HA   H N N 250 
PHE HB2  H N N 251 
PHE HB3  H N N 252 
PHE HD1  H N N 253 
PHE HD2  H N N 254 
PHE HE1  H N N 255 
PHE HE2  H N N 256 
PHE HZ   H N N 257 
PHE HXT  H N N 258 
PRO N    N N N 259 
PRO CA   C N S 260 
PRO C    C N N 261 
PRO O    O N N 262 
PRO CB   C N N 263 
PRO CG   C N N 264 
PRO CD   C N N 265 
PRO OXT  O N N 266 
PRO H    H N N 267 
PRO HA   H N N 268 
PRO HB2  H N N 269 
PRO HB3  H N N 270 
PRO HG2  H N N 271 
PRO HG3  H N N 272 
PRO HD2  H N N 273 
PRO HD3  H N N 274 
PRO HXT  H N N 275 
SER N    N N N 276 
SER CA   C N S 277 
SER C    C N N 278 
SER O    O N N 279 
SER CB   C N N 280 
SER OG   O N N 281 
SER OXT  O N N 282 
SER H    H N N 283 
SER H2   H N N 284 
SER HA   H N N 285 
SER HB2  H N N 286 
SER HB3  H N N 287 
SER HG   H N N 288 
SER HXT  H N N 289 
TRP N    N N N 290 
TRP CA   C N S 291 
TRP C    C N N 292 
TRP O    O N N 293 
TRP CB   C N N 294 
TRP CG   C Y N 295 
TRP CD1  C Y N 296 
TRP CD2  C Y N 297 
TRP NE1  N Y N 298 
TRP CE2  C Y N 299 
TRP CE3  C Y N 300 
TRP CZ2  C Y N 301 
TRP CZ3  C Y N 302 
TRP CH2  C Y N 303 
TRP OXT  O N N 304 
TRP H    H N N 305 
TRP H2   H N N 306 
TRP HA   H N N 307 
TRP HB2  H N N 308 
TRP HB3  H N N 309 
TRP HD1  H N N 310 
TRP HE1  H N N 311 
TRP HE3  H N N 312 
TRP HZ2  H N N 313 
TRP HZ3  H N N 314 
TRP HH2  H N N 315 
TRP HXT  H N N 316 
TYR N    N N N 317 
TYR CA   C N S 318 
TYR C    C N N 319 
TYR O    O N N 320 
TYR CB   C N N 321 
TYR CG   C Y N 322 
TYR CD1  C Y N 323 
TYR CD2  C Y N 324 
TYR CE1  C Y N 325 
TYR CE2  C Y N 326 
TYR CZ   C Y N 327 
TYR OH   O N N 328 
TYR OXT  O N N 329 
TYR H    H N N 330 
TYR H2   H N N 331 
TYR HA   H N N 332 
TYR HB2  H N N 333 
TYR HB3  H N N 334 
TYR HD1  H N N 335 
TYR HD2  H N N 336 
TYR HE1  H N N 337 
TYR HE2  H N N 338 
TYR HH   H N N 339 
TYR HXT  H N N 340 
VAL N    N N N 341 
VAL CA   C N S 342 
VAL C    C N N 343 
VAL O    O N N 344 
VAL CB   C N N 345 
VAL CG1  C N N 346 
VAL CG2  C N N 347 
VAL OXT  O N N 348 
VAL H    H N N 349 
VAL H2   H N N 350 
VAL HA   H N N 351 
VAL HB   H N N 352 
VAL HG11 H N N 353 
VAL HG12 H N N 354 
VAL HG13 H N N 355 
VAL HG21 H N N 356 
VAL HG22 H N N 357 
VAL HG23 H N N 358 
VAL HXT  H N N 359 
# 
loop_
_chem_comp_bond.comp_id 
_chem_comp_bond.atom_id_1 
_chem_comp_bond.atom_id_2 
_chem_comp_bond.value_order 
_chem_comp_bond.pdbx_aromatic_flag 
_chem_comp_bond.pdbx_stereo_config 
_chem_comp_bond.pdbx_ordinal 
ALA N   CA   sing N N 1   
ALA N   H    sing N N 2   
ALA N   H2   sing N N 3   
ALA CA  C    sing N N 4   
ALA CA  CB   sing N N 5   
ALA CA  HA   sing N N 6   
ALA C   O    doub N N 7   
ALA C   OXT  sing N N 8   
ALA CB  HB1  sing N N 9   
ALA CB  HB2  sing N N 10  
ALA CB  HB3  sing N N 11  
ALA OXT HXT  sing N N 12  
ARG N   CA   sing N N 13  
ARG N   H    sing N N 14  
ARG N   H2   sing N N 15  
ARG CA  C    sing N N 16  
ARG CA  CB   sing N N 17  
ARG CA  HA   sing N N 18  
ARG C   O    doub N N 19  
ARG C   OXT  sing N N 20  
ARG CB  CG   sing N N 21  
ARG CB  HB2  sing N N 22  
ARG CB  HB3  sing N N 23  
ARG CG  CD   sing N N 24  
ARG CG  HG2  sing N N 25  
ARG CG  HG3  sing N N 26  
ARG CD  NE   sing N N 27  
ARG CD  HD2  sing N N 28  
ARG CD  HD3  sing N N 29  
ARG NE  CZ   sing N N 30  
ARG NE  HE   sing N N 31  
ARG CZ  NH1  sing N N 32  
ARG CZ  NH2  doub N N 33  
ARG NH1 HH11 sing N N 34  
ARG NH1 HH12 sing N N 35  
ARG NH2 HH21 sing N N 36  
ARG NH2 HH22 sing N N 37  
ARG OXT HXT  sing N N 38  
ASN N   CA   sing N N 39  
ASN N   H    sing N N 40  
ASN N   H2   sing N N 41  
ASN CA  C    sing N N 42  
ASN CA  CB   sing N N 43  
ASN CA  HA   sing N N 44  
ASN C   O    doub N N 45  
ASN C   OXT  sing N N 46  
ASN CB  CG   sing N N 47  
ASN CB  HB2  sing N N 48  
ASN CB  HB3  sing N N 49  
ASN CG  OD1  doub N N 50  
ASN CG  ND2  sing N N 51  
ASN ND2 HD21 sing N N 52  
ASN ND2 HD22 sing N N 53  
ASN OXT HXT  sing N N 54  
ASP N   CA   sing N N 55  
ASP N   H    sing N N 56  
ASP N   H2   sing N N 57  
ASP CA  C    sing N N 58  
ASP CA  CB   sing N N 59  
ASP CA  HA   sing N N 60  
ASP C   O    doub N N 61  
ASP C   OXT  sing N N 62  
ASP CB  CG   sing N N 63  
ASP CB  HB2  sing N N 64  
ASP CB  HB3  sing N N 65  
ASP CG  OD1  doub N N 66  
ASP CG  OD2  sing N N 67  
ASP OD2 HD2  sing N N 68  
ASP OXT HXT  sing N N 69  
GLN N   CA   sing N N 70  
GLN N   H    sing N N 71  
GLN N   H2   sing N N 72  
GLN CA  C    sing N N 73  
GLN CA  CB   sing N N 74  
GLN CA  HA   sing N N 75  
GLN C   O    doub N N 76  
GLN C   OXT  sing N N 77  
GLN CB  CG   sing N N 78  
GLN CB  HB2  sing N N 79  
GLN CB  HB3  sing N N 80  
GLN CG  CD   sing N N 81  
GLN CG  HG2  sing N N 82  
GLN CG  HG3  sing N N 83  
GLN CD  OE1  doub N N 84  
GLN CD  NE2  sing N N 85  
GLN NE2 HE21 sing N N 86  
GLN NE2 HE22 sing N N 87  
GLN OXT HXT  sing N N 88  
GLU N   CA   sing N N 89  
GLU N   H    sing N N 90  
GLU N   H2   sing N N 91  
GLU CA  C    sing N N 92  
GLU CA  CB   sing N N 93  
GLU CA  HA   sing N N 94  
GLU C   O    doub N N 95  
GLU C   OXT  sing N N 96  
GLU CB  CG   sing N N 97  
GLU CB  HB2  sing N N 98  
GLU CB  HB3  sing N N 99  
GLU CG  CD   sing N N 100 
GLU CG  HG2  sing N N 101 
GLU CG  HG3  sing N N 102 
GLU CD  OE1  doub N N 103 
GLU CD  OE2  sing N N 104 
GLU OE2 HE2  sing N N 105 
GLU OXT HXT  sing N N 106 
GLY N   CA   sing N N 107 
GLY N   H    sing N N 108 
GLY N   H2   sing N N 109 
GLY CA  C    sing N N 110 
GLY CA  HA2  sing N N 111 
GLY CA  HA3  sing N N 112 
GLY C   O    doub N N 113 
GLY C   OXT  sing N N 114 
GLY OXT HXT  sing N N 115 
HIS N   CA   sing N N 116 
HIS N   H    sing N N 117 
HIS N   H2   sing N N 118 
HIS CA  C    sing N N 119 
HIS CA  CB   sing N N 120 
HIS CA  HA   sing N N 121 
HIS C   O    doub N N 122 
HIS C   OXT  sing N N 123 
HIS CB  CG   sing N N 124 
HIS CB  HB2  sing N N 125 
HIS CB  HB3  sing N N 126 
HIS CG  ND1  sing Y N 127 
HIS CG  CD2  doub Y N 128 
HIS ND1 CE1  doub Y N 129 
HIS ND1 HD1  sing N N 130 
HIS CD2 NE2  sing Y N 131 
HIS CD2 HD2  sing N N 132 
HIS CE1 NE2  sing Y N 133 
HIS CE1 HE1  sing N N 134 
HIS NE2 HE2  sing N N 135 
HIS OXT HXT  sing N N 136 
HOH O   H1   sing N N 137 
HOH O   H2   sing N N 138 
ILE N   CA   sing N N 139 
ILE N   H    sing N N 140 
ILE N   H2   sing N N 141 
ILE CA  C    sing N N 142 
ILE CA  CB   sing N N 143 
ILE CA  HA   sing N N 144 
ILE C   O    doub N N 145 
ILE C   OXT  sing N N 146 
ILE CB  CG1  sing N N 147 
ILE CB  CG2  sing N N 148 
ILE CB  HB   sing N N 149 
ILE CG1 CD1  sing N N 150 
ILE CG1 HG12 sing N N 151 
ILE CG1 HG13 sing N N 152 
ILE CG2 HG21 sing N N 153 
ILE CG2 HG22 sing N N 154 
ILE CG2 HG23 sing N N 155 
ILE CD1 HD11 sing N N 156 
ILE CD1 HD12 sing N N 157 
ILE CD1 HD13 sing N N 158 
ILE OXT HXT  sing N N 159 
LEU N   CA   sing N N 160 
LEU N   H    sing N N 161 
LEU N   H2   sing N N 162 
LEU CA  C    sing N N 163 
LEU CA  CB   sing N N 164 
LEU CA  HA   sing N N 165 
LEU C   O    doub N N 166 
LEU C   OXT  sing N N 167 
LEU CB  CG   sing N N 168 
LEU CB  HB2  sing N N 169 
LEU CB  HB3  sing N N 170 
LEU CG  CD1  sing N N 171 
LEU CG  CD2  sing N N 172 
LEU CG  HG   sing N N 173 
LEU CD1 HD11 sing N N 174 
LEU CD1 HD12 sing N N 175 
LEU CD1 HD13 sing N N 176 
LEU CD2 HD21 sing N N 177 
LEU CD2 HD22 sing N N 178 
LEU CD2 HD23 sing N N 179 
LEU OXT HXT  sing N N 180 
LYS N   CA   sing N N 181 
LYS N   H    sing N N 182 
LYS N   H2   sing N N 183 
LYS CA  C    sing N N 184 
LYS CA  CB   sing N N 185 
LYS CA  HA   sing N N 186 
LYS C   O    doub N N 187 
LYS C   OXT  sing N N 188 
LYS CB  CG   sing N N 189 
LYS CB  HB2  sing N N 190 
LYS CB  HB3  sing N N 191 
LYS CG  CD   sing N N 192 
LYS CG  HG2  sing N N 193 
LYS CG  HG3  sing N N 194 
LYS CD  CE   sing N N 195 
LYS CD  HD2  sing N N 196 
LYS CD  HD3  sing N N 197 
LYS CE  NZ   sing N N 198 
LYS CE  HE2  sing N N 199 
LYS CE  HE3  sing N N 200 
LYS NZ  HZ1  sing N N 201 
LYS NZ  HZ2  sing N N 202 
LYS NZ  HZ3  sing N N 203 
LYS OXT HXT  sing N N 204 
MET N   CA   sing N N 205 
MET N   H    sing N N 206 
MET N   H2   sing N N 207 
MET CA  C    sing N N 208 
MET CA  CB   sing N N 209 
MET CA  HA   sing N N 210 
MET C   O    doub N N 211 
MET C   OXT  sing N N 212 
MET CB  CG   sing N N 213 
MET CB  HB2  sing N N 214 
MET CB  HB3  sing N N 215 
MET CG  SD   sing N N 216 
MET CG  HG2  sing N N 217 
MET CG  HG3  sing N N 218 
MET SD  CE   sing N N 219 
MET CE  HE1  sing N N 220 
MET CE  HE2  sing N N 221 
MET CE  HE3  sing N N 222 
MET OXT HXT  sing N N 223 
PHE N   CA   sing N N 224 
PHE N   H    sing N N 225 
PHE N   H2   sing N N 226 
PHE CA  C    sing N N 227 
PHE CA  CB   sing N N 228 
PHE CA  HA   sing N N 229 
PHE C   O    doub N N 230 
PHE C   OXT  sing N N 231 
PHE CB  CG   sing N N 232 
PHE CB  HB2  sing N N 233 
PHE CB  HB3  sing N N 234 
PHE CG  CD1  doub Y N 235 
PHE CG  CD2  sing Y N 236 
PHE CD1 CE1  sing Y N 237 
PHE CD1 HD1  sing N N 238 
PHE CD2 CE2  doub Y N 239 
PHE CD2 HD2  sing N N 240 
PHE CE1 CZ   doub Y N 241 
PHE CE1 HE1  sing N N 242 
PHE CE2 CZ   sing Y N 243 
PHE CE2 HE2  sing N N 244 
PHE CZ  HZ   sing N N 245 
PHE OXT HXT  sing N N 246 
PRO N   CA   sing N N 247 
PRO N   CD   sing N N 248 
PRO N   H    sing N N 249 
PRO CA  C    sing N N 250 
PRO CA  CB   sing N N 251 
PRO CA  HA   sing N N 252 
PRO C   O    doub N N 253 
PRO C   OXT  sing N N 254 
PRO CB  CG   sing N N 255 
PRO CB  HB2  sing N N 256 
PRO CB  HB3  sing N N 257 
PRO CG  CD   sing N N 258 
PRO CG  HG2  sing N N 259 
PRO CG  HG3  sing N N 260 
PRO CD  HD2  sing N N 261 
PRO CD  HD3  sing N N 262 
PRO OXT HXT  sing N N 263 
SER N   CA   sing N N 264 
SER N   H    sing N N 265 
SER N   H2   sing N N 266 
SER CA  C    sing N N 267 
SER CA  CB   sing N N 268 
SER CA  HA   sing N N 269 
SER C   O    doub N N 270 
SER C   OXT  sing N N 271 
SER CB  OG   sing N N 272 
SER CB  HB2  sing N N 273 
SER CB  HB3  sing N N 274 
SER OG  HG   sing N N 275 
SER OXT HXT  sing N N 276 
TRP N   CA   sing N N 277 
TRP N   H    sing N N 278 
TRP N   H2   sing N N 279 
TRP CA  C    sing N N 280 
TRP CA  CB   sing N N 281 
TRP CA  HA   sing N N 282 
TRP C   O    doub N N 283 
TRP C   OXT  sing N N 284 
TRP CB  CG   sing N N 285 
TRP CB  HB2  sing N N 286 
TRP CB  HB3  sing N N 287 
TRP CG  CD1  doub Y N 288 
TRP CG  CD2  sing Y N 289 
TRP CD1 NE1  sing Y N 290 
TRP CD1 HD1  sing N N 291 
TRP CD2 CE2  doub Y N 292 
TRP CD2 CE3  sing Y N 293 
TRP NE1 CE2  sing Y N 294 
TRP NE1 HE1  sing N N 295 
TRP CE2 CZ2  sing Y N 296 
TRP CE3 CZ3  doub Y N 297 
TRP CE3 HE3  sing N N 298 
TRP CZ2 CH2  doub Y N 299 
TRP CZ2 HZ2  sing N N 300 
TRP CZ3 CH2  sing Y N 301 
TRP CZ3 HZ3  sing N N 302 
TRP CH2 HH2  sing N N 303 
TRP OXT HXT  sing N N 304 
TYR N   CA   sing N N 305 
TYR N   H    sing N N 306 
TYR N   H2   sing N N 307 
TYR CA  C    sing N N 308 
TYR CA  CB   sing N N 309 
TYR CA  HA   sing N N 310 
TYR C   O    doub N N 311 
TYR C   OXT  sing N N 312 
TYR CB  CG   sing N N 313 
TYR CB  HB2  sing N N 314 
TYR CB  HB3  sing N N 315 
TYR CG  CD1  doub Y N 316 
TYR CG  CD2  sing Y N 317 
TYR CD1 CE1  sing Y N 318 
TYR CD1 HD1  sing N N 319 
TYR CD2 CE2  doub Y N 320 
TYR CD2 HD2  sing N N 321 
TYR CE1 CZ   doub Y N 322 
TYR CE1 HE1  sing N N 323 
TYR CE2 CZ   sing Y N 324 
TYR CE2 HE2  sing N N 325 
TYR CZ  OH   sing N N 326 
TYR OH  HH   sing N N 327 
TYR OXT HXT  sing N N 328 
VAL N   CA   sing N N 329 
VAL N   H    sing N N 330 
VAL N   H2   sing N N 331 
VAL CA  C    sing N N 332 
VAL CA  CB   sing N N 333 
VAL CA  HA   sing N N 334 
VAL C   O    doub N N 335 
VAL C   OXT  sing N N 336 
VAL CB  CG1  sing N N 337 
VAL CB  CG2  sing N N 338 
VAL CB  HB   sing N N 339 
VAL CG1 HG11 sing N N 340 
VAL CG1 HG12 sing N N 341 
VAL CG1 HG13 sing N N 342 
VAL CG2 HG21 sing N N 343 
VAL CG2 HG22 sing N N 344 
VAL CG2 HG23 sing N N 345 
VAL OXT HXT  sing N N 346 
# 
_pdbx_audit_support.funding_organization   'National Natural Science Foundation of China (NSFC)' 
_pdbx_audit_support.country                China 
_pdbx_audit_support.grant_number           ? 
_pdbx_audit_support.ordinal                1 
# 
_atom_sites.entry_id                    7DGY 
_atom_sites.Cartn_transf_matrix[1][1]   ? 
_atom_sites.Cartn_transf_matrix[1][2]   ? 
_atom_sites.Cartn_transf_matrix[1][3]   ? 
_atom_sites.Cartn_transf_matrix[2][1]   ? 
_atom_sites.Cartn_transf_matrix[2][2]   ? 
_atom_sites.Cartn_transf_matrix[2][3]   ? 
_atom_sites.Cartn_transf_matrix[3][1]   ? 
_atom_sites.Cartn_transf_matrix[3][2]   ? 
_atom_sites.Cartn_transf_matrix[3][3]   ? 
_atom_sites.Cartn_transf_vector[1]      ? 
_atom_sites.Cartn_transf_vector[2]      ? 
_atom_sites.Cartn_transf_vector[3]      ? 
_atom_sites.fract_transf_matrix[1][1]   0.01009044 
_atom_sites.fract_transf_matrix[1][2]   0.00670055 
_atom_sites.fract_transf_matrix[1][3]   -0.00731106 
_atom_sites.fract_transf_matrix[2][1]   0.00840812 
_atom_sites.fract_transf_matrix[2][2]   -0.01131089 
_atom_sites.fract_transf_matrix[2][3]   0.00123819 
_atom_sites.fract_transf_matrix[3][1]   -0.00575884 
_atom_sites.fract_transf_matrix[3][2]   -0.00572541 
_atom_sites.fract_transf_matrix[3][3]   -0.01319543 
_atom_sites.fract_transf_vector[1]      -0.106592 
_atom_sites.fract_transf_vector[2]      0.328684 
_atom_sites.fract_transf_vector[3]      -0.233064 
_atom_sites.solution_primary            ? 
_atom_sites.solution_secondary          ? 
_atom_sites.solution_hydrogens          ? 
_atom_sites.special_details             ? 
# 
loop_
_atom_type.symbol 
C 
N 
O 
S 
# 
loop_
_atom_site.group_PDB 
_atom_site.id 
_atom_site.type_symbol 
_atom_site.label_atom_id 
_atom_site.label_alt_id 
_atom_site.label_comp_id 
_atom_site.label_asym_id 
_atom_site.label_entity_id 
_atom_site.label_seq_id 
_atom_site.pdbx_PDB_ins_code 
_atom_site.Cartn_x 
_atom_site.Cartn_y 
_atom_site.Cartn_z 
_atom_site.occupancy 
_atom_site.B_iso_or_equiv 
_atom_site.pdbx_formal_charge 
_atom_site.auth_seq_id 
_atom_site.auth_comp_id 
_atom_site.auth_asym_id 
_atom_site.auth_atom_id 
_atom_site.pdbx_PDB_model_num 
ATOM   1   N N   . GLY A 1 2   ? 4.782   -13.696 -11.191 1.00 67.28 ? 0   GLY A N   1 
ATOM   2   C CA  . GLY A 1 2   ? 6.200   -13.483 -11.415 1.00 65.44 ? 0   GLY A CA  1 
ATOM   3   C C   . GLY A 1 2   ? 6.524   -12.040 -11.753 1.00 51.84 ? 0   GLY A C   1 
ATOM   4   O O   . GLY A 1 2   ? 7.067   -11.749 -12.818 1.00 53.92 ? 0   GLY A O   1 
ATOM   5   N N   . HIS A 1 3   ? 6.185   -11.131 -10.844 1.00 46.36 ? 1   HIS A N   1 
ATOM   6   C CA  . HIS A 1 3   ? 6.402   -9.696  -11.044 1.00 40.66 ? 1   HIS A CA  1 
ATOM   7   C C   . HIS A 1 3   ? 6.967   -9.084  -9.773  1.00 38.37 ? 1   HIS A C   1 
ATOM   8   O O   . HIS A 1 3   ? 6.321   -8.264  -9.106  1.00 36.60 ? 1   HIS A O   1 
ATOM   9   C CB  . HIS A 1 3   ? 5.108   -9.010  -11.480 1.00 37.13 ? 1   HIS A CB  1 
ATOM   10  C CG  . HIS A 1 3   ? 4.729   -9.304  -12.899 1.00 39.17 ? 1   HIS A CG  1 
ATOM   11  N ND1 . HIS A 1 3   ? 5.201   -8.565  -13.962 1.00 43.60 ? 1   HIS A ND1 1 
ATOM   12  C CD2 . HIS A 1 3   ? 3.943   -10.270 -13.430 1.00 42.57 ? 1   HIS A CD2 1 
ATOM   13  C CE1 . HIS A 1 3   ? 4.714   -9.057  -15.088 1.00 49.90 ? 1   HIS A CE1 1 
ATOM   14  N NE2 . HIS A 1 3   ? 3.945   -10.089 -14.793 1.00 48.41 ? 1   HIS A NE2 1 
ATOM   15  N N   . PRO A 1 4   ? 8.205   -9.442  -9.417  1.00 36.27 ? 2   PRO A N   1 
ATOM   16  C CA  . PRO A 1 4   ? 8.813   -8.876  -8.204  1.00 38.83 ? 2   PRO A CA  1 
ATOM   17  C C   . PRO A 1 4   ? 9.008   -7.373  -8.270  1.00 35.72 ? 2   PRO A C   1 
ATOM   18  O O   . PRO A 1 4   ? 9.065   -6.728  -7.215  1.00 33.65 ? 2   PRO A O   1 
ATOM   19  C CB  . PRO A 1 4   ? 10.158  -9.607  -8.113  1.00 44.06 ? 2   PRO A CB  1 
ATOM   20  C CG  . PRO A 1 4   ? 10.481  -9.952  -9.545  1.00 45.28 ? 2   PRO A CG  1 
ATOM   21  C CD  . PRO A 1 4   ? 9.159   -10.265 -10.188 1.00 40.05 ? 2   PRO A CD  1 
ATOM   22  N N   . GLU A 1 5   ? 9.124   -6.795  -9.469  1.00 31.87 ? 3   GLU A N   1 
ATOM   23  C CA  . GLU A 1 5   ? 9.257   -5.346  -9.565  1.00 31.49 ? 3   GLU A CA  1 
ATOM   24  C C   . GLU A 1 5   ? 7.981   -4.640  -9.115  1.00 32.30 ? 3   GLU A C   1 
ATOM   25  O O   . GLU A 1 5   ? 8.049   -3.526  -8.582  1.00 29.36 ? 3   GLU A O   1 
ATOM   26  C CB  . GLU A 1 5   ? 9.634   -4.941  -10.995 1.00 34.63 ? 3   GLU A CB  1 
ATOM   27  C CG  . GLU A 1 5   ? 8.506   -5.009  -12.024 1.00 33.37 ? 3   GLU A CG  1 
ATOM   28  C CD  . GLU A 1 5   ? 8.189   -6.429  -12.490 1.00 44.82 ? 3   GLU A CD  1 
ATOM   29  O OE1 . GLU A 1 5   ? 8.889   -7.381  -12.089 1.00 40.48 ? 3   GLU A OE1 1 
ATOM   30  O OE2 . GLU A 1 5   ? 7.215   -6.589  -13.251 1.00 48.95 ? 3   GLU A OE2 1 
ATOM   31  N N   . ILE A 1 6   ? 6.816   -5.267  -9.307  1.00 31.60 ? 4   ILE A N   1 
ATOM   32  C CA  . ILE A 1 6   ? 5.577   -4.656  -8.829  1.00 31.13 ? 4   ILE A CA  1 
ATOM   33  C C   . ILE A 1 6   ? 5.492   -4.759  -7.313  1.00 30.11 ? 4   ILE A C   1 
ATOM   34  O O   . ILE A 1 6   ? 5.108   -3.803  -6.628  1.00 30.69 ? 4   ILE A O   1 
ATOM   35  C CB  . ILE A 1 6   ? 4.352   -5.301  -9.506  1.00 37.50 ? 4   ILE A CB  1 
ATOM   36  C CG1 . ILE A 1 6   ? 4.427   -5.169  -11.028 1.00 38.00 ? 4   ILE A CG1 1 
ATOM   37  C CG2 . ILE A 1 6   ? 3.059   -4.662  -8.994  1.00 33.53 ? 4   ILE A CG2 1 
ATOM   38  C CD1 . ILE A 1 6   ? 3.242   -5.816  -11.750 1.00 39.88 ? 4   ILE A CD1 1 
ATOM   39  N N   . VAL A 1 7   ? 5.854   -5.917  -6.759  1.00 32.18 ? 5   VAL A N   1 
ATOM   40  C CA  . VAL A 1 7   ? 5.872   -6.058  -5.306  1.00 30.47 ? 5   VAL A CA  1 
ATOM   41  C C   . VAL A 1 7   ? 6.815   -5.028  -4.695  1.00 30.03 ? 5   VAL A C   1 
ATOM   42  O O   . VAL A 1 7   ? 6.475   -4.351  -3.717  1.00 30.73 ? 5   VAL A O   1 
ATOM   43  C CB  . VAL A 1 7   ? 6.269   -7.492  -4.910  1.00 32.32 ? 5   VAL A CB  1 
ATOM   44  C CG1 . VAL A 1 7   ? 6.474   -7.575  -3.409  1.00 34.89 ? 5   VAL A CG1 1 
ATOM   45  C CG2 . VAL A 1 7   ? 5.202   -8.470  -5.368  1.00 39.66 ? 5   VAL A CG2 1 
ATOM   46  N N   . ALA A 1 8   ? 8.003   -4.864  -5.290  1.00 28.10 ? 6   ALA A N   1 
ATOM   47  C CA  . ALA A 1 8   ? 8.954   -3.890  -4.766  1.00 28.48 ? 6   ALA A CA  1 
ATOM   48  C C   . ALA A 1 8   ? 8.430   -2.464  -4.889  1.00 29.98 ? 6   ALA A C   1 
ATOM   49  O O   . ALA A 1 8   ? 8.701   -1.627  -4.018  1.00 29.27 ? 6   ALA A O   1 
ATOM   50  C CB  . ALA A 1 8   ? 10.301  -4.020  -5.480  1.00 32.31 ? 6   ALA A CB  1 
ATOM   51  N N   . ALA A 1 9   ? 7.699   -2.158  -5.962  1.00 25.18 ? 7   ALA A N   1 
ATOM   52  C CA  . ALA A 1 9   ? 7.126   -0.818  -6.081  1.00 26.04 ? 7   ALA A CA  1 
ATOM   53  C C   . ALA A 1 9   ? 6.097   -0.573  -4.984  1.00 27.88 ? 7   ALA A C   1 
ATOM   54  O O   . ALA A 1 9   ? 6.040   0.518   -4.404  1.00 26.49 ? 7   ALA A O   1 
ATOM   55  C CB  . ALA A 1 9   ? 6.496   -0.629  -7.462  1.00 31.18 ? 7   ALA A CB  1 
ATOM   56  N N   . ALA A 1 10  ? 5.273   -1.580  -4.686  1.00 26.36 ? 8   ALA A N   1 
ATOM   57  C CA  . ALA A 1 10  ? 4.262   -1.417  -3.644  1.00 27.68 ? 8   ALA A CA  1 
ATOM   58  C C   . ALA A 1 10  ? 4.912   -1.183  -2.292  1.00 26.87 ? 8   ALA A C   1 
ATOM   59  O O   . ALA A 1 10  ? 4.462   -0.332  -1.518  1.00 26.75 ? 8   ALA A O   1 
ATOM   60  C CB  . ALA A 1 10  ? 3.351   -2.643  -3.600  1.00 27.97 ? 8   ALA A CB  1 
ATOM   61  N N   . VAL A 1 11  ? 5.980   -1.932  -1.988  1.00 24.87 ? 9   VAL A N   1 
ATOM   62  C CA  . VAL A 1 11  ? 6.703   -1.714  -0.740  1.00 24.15 ? 9   VAL A CA  1 
ATOM   63  C C   . VAL A 1 11  ? 7.250   -0.296  -0.688  1.00 26.19 ? 9   VAL A C   1 
ATOM   64  O O   . VAL A 1 11  ? 7.220   0.363   0.363   1.00 27.57 ? 9   VAL A O   1 
ATOM   65  C CB  . VAL A 1 11  ? 7.820   -2.769  -0.584  1.00 26.71 ? 9   VAL A CB  1 
ATOM   66  C CG1 . VAL A 1 11  ? 8.696   -2.449  0.617   1.00 29.71 ? 9   VAL A CG1 1 
ATOM   67  C CG2 . VAL A 1 11  ? 7.201   -4.161  -0.428  1.00 28.93 ? 9   VAL A CG2 1 
ATOM   68  N N   . ALA A 1 12  ? 7.743   0.203   -1.830  1.00 26.90 ? 10  ALA A N   1 
ATOM   69  C CA  . ALA A 1 12  ? 8.298   1.551   -1.877  1.00 26.19 ? 10  ALA A CA  1 
ATOM   70  C C   . ALA A 1 12  ? 7.225   2.609   -1.620  1.00 27.86 ? 10  ALA A C   1 
ATOM   71  O O   . ALA A 1 12  ? 7.501   3.641   -0.991  1.00 29.22 ? 10  ALA A O   1 
ATOM   72  C CB  . ALA A 1 12  ? 8.981   1.784   -3.230  1.00 25.91 ? 10  ALA A CB  1 
ATOM   73  N N   . PHE A 1 13  ? 6.002   2.381   -2.103  1.00 24.91 ? 11  PHE A N   1 
ATOM   74  C CA  . PHE A 1 13  ? 4.913   3.309   -1.798  1.00 23.48 ? 11  PHE A CA  1 
ATOM   75  C C   . PHE A 1 13  ? 4.578   3.290   -0.311  1.00 25.92 ? 11  PHE A C   1 
ATOM   76  O O   . PHE A 1 13  ? 4.306   4.340   0.284   1.00 27.20 ? 11  PHE A O   1 
ATOM   77  C CB  . PHE A 1 13  ? 3.673   2.965   -2.632  1.00 24.81 ? 11  PHE A CB  1 
ATOM   78  C CG  . PHE A 1 13  ? 3.759   3.419   -4.074  1.00 26.62 ? 11  PHE A CG  1 
ATOM   79  C CD1 . PHE A 1 13  ? 3.915   4.762   -4.383  1.00 29.84 ? 11  PHE A CD1 1 
ATOM   80  C CD2 . PHE A 1 13  ? 3.671   2.501   -5.109  1.00 28.31 ? 11  PHE A CD2 1 
ATOM   81  C CE1 . PHE A 1 13  ? 3.985   5.186   -5.710  1.00 36.83 ? 11  PHE A CE1 1 
ATOM   82  C CE2 . PHE A 1 13  ? 3.745   2.914   -6.442  1.00 29.17 ? 11  PHE A CE2 1 
ATOM   83  C CZ  . PHE A 1 13  ? 3.904   4.262   -6.737  1.00 30.45 ? 11  PHE A CZ  1 
ATOM   84  N N   . VAL A 1 14  ? 4.599   2.109   0.313   1.00 25.57 ? 12  VAL A N   1 
ATOM   85  C CA  . VAL A 1 14  ? 4.394   2.049   1.759   1.00 24.08 ? 12  VAL A CA  1 
ATOM   86  C C   . VAL A 1 14  ? 5.497   2.813   2.483   1.00 26.33 ? 12  VAL A C   1 
ATOM   87  O O   . VAL A 1 14  ? 5.241   3.531   3.458   1.00 27.56 ? 12  VAL A O   1 
ATOM   88  C CB  . VAL A 1 14  ? 4.311   0.588   2.239   1.00 26.79 ? 12  VAL A CB  1 
ATOM   89  C CG1 . VAL A 1 14  ? 4.248   0.547   3.767   1.00 28.49 ? 12  VAL A CG1 1 
ATOM   90  C CG2 . VAL A 1 14  ? 3.091   -0.101  1.631   1.00 25.14 ? 12  VAL A CG2 1 
ATOM   91  N N   . ARG A 1 15  ? 6.726   2.698   2.004   1.00 24.21 ? 13  ARG A N   1 
ATOM   92  C CA  . ARG A 1 15  ? 7.844   3.441   2.632   1.00 23.86 ? 13  ARG A CA  1 
ATOM   93  C C   . ARG A 1 15  ? 7.585   4.948   2.533   1.00 26.70 ? 13  ARG A C   1 
ATOM   94  O O   . ARG A 1 15  ? 7.850   5.643   3.443   1.00 28.56 ? 13  ARG A O   1 
ATOM   95  C CB  . ARG A 1 15  ? 9.174   3.077   1.986   1.00 25.89 ? 13  ARG A CB  1 
ATOM   96  C CG  . ARG A 1 15  ? 10.369  3.711   2.666   1.00 30.41 ? 13  ARG A CG  1 
ATOM   97  C CD  . ARG A 1 15  ? 11.713  3.386   2.050   1.00 35.58 ? 13  ARG A CD  1 
ATOM   98  N NE  . ARG A 1 15  ? 12.686  4.355   2.481   1.00 52.36 ? 13  ARG A NE  1 
ATOM   99  C CZ  . ARG A 1 15  ? 13.513  4.181   3.485   1.00 57.47 ? 13  ARG A CZ  1 
ATOM   100 N NH1 . ARG A 1 15  ? 14.353  5.132   3.832   1.00 63.73 ? 13  ARG A NH1 1 
ATOM   101 N NH2 . ARG A 1 15  ? 13.512  3.053   4.150   1.00 52.10 ? 13  ARG A NH2 1 
ATOM   102 N N   . GLN A 1 16  ? 7.014   5.395   1.441   1.00 27.19 ? 14  GLN A N   1 
ATOM   103 C CA  . GLN A 1 16  ? 6.714   6.840   1.295   1.00 27.77 ? 14  GLN A CA  1 
ATOM   104 C C   . GLN A 1 16  ? 5.706   7.229   2.374   1.00 28.49 ? 14  GLN A C   1 
ATOM   105 O O   . GLN A 1 16  ? 5.869   8.248   2.960   1.00 29.46 ? 14  GLN A O   1 
ATOM   106 C CB  . GLN A 1 16  ? 6.272   7.221   -0.119  1.00 29.26 ? 14  GLN A CB  1 
ATOM   107 C CG  . GLN A 1 16  ? 7.395   7.074   -1.137  1.00 39.80 ? 14  GLN A CG  1 
ATOM   108 C CD  . GLN A 1 16  ? 7.112   7.131   -2.630  1.00 58.52 ? 14  GLN A CD  1 
ATOM   109 O OE1 . GLN A 1 16  ? 7.256   6.164   -3.361  1.00 65.82 ? 14  GLN A OE1 1 
ATOM   110 N NE2 . GLN A 1 16  ? 6.781   8.301   -3.119  1.00 38.91 ? 14  GLN A NE2 1 
ATOM   111 N N   . ILE A 1 17  ? 4.705   6.402   2.605   1.00 25.06 ? 15  ILE A N   1 
ATOM   112 C CA  . ILE A 1 17  ? 3.713   6.750   3.612   1.00 27.97 ? 15  ILE A CA  1 
ATOM   113 C C   . ILE A 1 17  ? 4.321   6.664   5.004   1.00 28.96 ? 15  ILE A C   1 
ATOM   114 O O   . ILE A 1 17  ? 3.957   7.437   5.899   1.00 26.88 ? 15  ILE A O   1 
ATOM   115 C CB  . ILE A 1 17  ? 2.462   5.862   3.450   1.00 28.38 ? 15  ILE A CB  1 
ATOM   116 C CG1 . ILE A 1 17  ? 1.805   6.166   2.096   1.00 33.64 ? 15  ILE A CG1 1 
ATOM   117 C CG2 . ILE A 1 17  ? 1.473   6.110   4.581   1.00 28.93 ? 15  ILE A CG2 1 
ATOM   118 C CD1 . ILE A 1 17  ? 0.597   5.316   1.781   1.00 37.40 ? 15  ILE A CD1 1 
ATOM   119 N N   . TRP A 1 18  ? 5.275   5.752   5.210   1.00 26.57 ? 16  TRP A N   1 
ATOM   120 C CA  . TRP A 1 18  ? 6.022   5.743   6.462   1.00 26.87 ? 16  TRP A CA  1 
ATOM   121 C C   . TRP A 1 18  ? 6.730   7.075   6.686   1.00 29.55 ? 16  TRP A C   1 
ATOM   122 O O   . TRP A 1 18  ? 6.705   7.624   7.797   1.00 28.46 ? 16  TRP A O   1 
ATOM   123 C CB  . TRP A 1 18  ? 7.026   4.583   6.452   1.00 25.22 ? 16  TRP A CB  1 
ATOM   124 C CG  . TRP A 1 18  ? 8.095   4.669   7.506   1.00 26.37 ? 16  TRP A CG  1 
ATOM   125 C CD1 . TRP A 1 18  ? 7.964   4.407   8.841   1.00 27.38 ? 16  TRP A CD1 1 
ATOM   126 C CD2 . TRP A 1 18  ? 9.468   5.036   7.303   1.00 31.09 ? 16  TRP A CD2 1 
ATOM   127 N NE1 . TRP A 1 18  ? 9.172   4.590   9.482   1.00 31.15 ? 16  TRP A NE1 1 
ATOM   128 C CE2 . TRP A 1 18  ? 10.110  4.972   8.560   1.00 36.20 ? 16  TRP A CE2 1 
ATOM   129 C CE3 . TRP A 1 18  ? 10.215  5.406   6.183   1.00 37.86 ? 16  TRP A CE3 1 
ATOM   130 C CZ2 . TRP A 1 18  ? 11.465  5.268   8.724   1.00 42.38 ? 16  TRP A CZ2 1 
ATOM   131 C CZ3 . TRP A 1 18  ? 11.565  5.700   6.347   1.00 39.81 ? 16  TRP A CZ3 1 
ATOM   132 C CH2 . TRP A 1 18  ? 12.174  5.629   7.608   1.00 43.31 ? 16  TRP A CH2 1 
ATOM   133 N N   . GLU A 1 19  ? 7.333   7.614   5.643   1.00 30.24 ? 17  GLU A N   1 
ATOM   134 C CA  . GLU A 1 19  ? 7.992   8.940   5.756   1.00 33.79 ? 17  GLU A CA  1 
ATOM   135 C C   . GLU A 1 19  ? 6.955   9.990   6.154   1.00 30.97 ? 17  GLU A C   1 
ATOM   136 O O   . GLU A 1 19  ? 7.222   10.738  7.035   1.00 34.14 ? 17  GLU A O   1 
ATOM   137 C CB  . GLU A 1 19  ? 8.705   9.306   4.466   1.00 33.81 ? 17  GLU A CB  1 
ATOM   138 C CG  . GLU A 1 19  ? 9.930   8.474   4.295   1.00 45.40 ? 17  GLU A CG  1 
ATOM   139 C CD  . GLU A 1 19  ? 10.840  8.795   3.140   1.00 68.15 ? 17  GLU A CD  1 
ATOM   140 O OE1 . GLU A 1 19  ? 10.361  8.823   1.997   1.00 73.75 ? 17  GLU A OE1 1 
ATOM   141 O OE2 . GLU A 1 19  ? 12.019  8.974   3.399   1.00 68.46 ? 17  GLU A OE2 1 
ATOM   142 N N   . TYR A 1 20  ? 5.814   9.995   5.494   1.00 28.04 ? 18  TYR A N   1 
ATOM   143 C CA  . TYR A 1 20  ? 4.751   10.940  5.830   1.00 30.69 ? 18  TYR A CA  1 
ATOM   144 C C   . TYR A 1 20  ? 4.351   10.814  7.295   1.00 30.63 ? 18  TYR A C   1 
ATOM   145 O O   . TYR A 1 20  ? 4.183   11.818  7.994   1.00 32.43 ? 18  TYR A O   1 
ATOM   146 C CB  . TYR A 1 20  ? 3.524   10.706  4.943   1.00 29.76 ? 18  TYR A CB  1 
ATOM   147 C CG  . TYR A 1 20  ? 3.706   10.962  3.461   1.00 31.03 ? 18  TYR A CG  1 
ATOM   148 C CD1 . TYR A 1 20  ? 4.687   11.826  2.988   1.00 34.89 ? 18  TYR A CD1 1 
ATOM   149 C CD2 . TYR A 1 20  ? 2.877   10.342  2.533   1.00 29.91 ? 18  TYR A CD2 1 
ATOM   150 C CE1 . TYR A 1 20  ? 4.835   12.057  1.622   1.00 38.46 ? 18  TYR A CE1 1 
ATOM   151 C CE2 . TYR A 1 20  ? 3.018   10.561  1.182   1.00 34.01 ? 18  TYR A CE2 1 
ATOM   152 C CZ  . TYR A 1 20  ? 3.994   11.414  0.728   1.00 37.86 ? 18  TYR A CZ  1 
ATOM   153 O OH  . TYR A 1 20  ? 4.111   11.613  -0.631  1.00 38.64 ? 18  TYR A OH  1 
ATOM   154 N N   . ALA A 1 21  ? 4.161   9.578   7.766   1.00 31.78 ? 19  ALA A N   1 
ATOM   155 C CA  . ALA A 1 21  ? 3.773   9.363   9.155   1.00 30.93 ? 19  ALA A CA  1 
ATOM   156 C C   . ALA A 1 21  ? 4.835   9.896   10.104  1.00 32.58 ? 19  ALA A C   1 
ATOM   157 O O   . ALA A 1 21  ? 4.520   10.560  11.099  1.00 34.40 ? 19  ALA A O   1 
ATOM   158 C CB  . ALA A 1 21  ? 3.523   7.874   9.408   1.00 31.17 ? 19  ALA A CB  1 
ATOM   159 N N   . ARG A 1 22  ? 6.105   9.598   9.814   1.00 30.50 ? 20  ARG A N   1 
ATOM   160 C CA  . ARG A 1 22  ? 7.201   10.070  10.654  1.00 33.66 ? 20  ARG A CA  1 
ATOM   161 C C   . ARG A 1 22  ? 7.217   11.590  10.728  1.00 37.56 ? 20  ARG A C   1 
ATOM   162 O O   . ARG A 1 22  ? 7.546   12.168  11.772  1.00 39.93 ? 20  ARG A O   1 
ATOM   163 C CB  . ARG A 1 22  ? 8.534   9.551   10.114  1.00 31.90 ? 20  ARG A CB  1 
ATOM   164 C CG  . ARG A 1 22  ? 9.683   9.702   11.082  1.00 46.98 ? 20  ARG A CG  1 
ATOM   165 C CD  . ARG A 1 22  ? 10.891  8.907   10.626  1.00 52.75 ? 20  ARG A CD  1 
ATOM   166 N NE  . ARG A 1 22  ? 11.300  9.251   9.268   1.00 58.32 ? 20  ARG A NE  1 
ATOM   167 C CZ  . ARG A 1 22  ? 12.499  8.972   8.767   1.00 67.50 ? 20  ARG A CZ  1 
ATOM   168 N NH1 . ARG A 1 22  ? 13.397  8.346   9.518   1.00 63.10 ? 20  ARG A NH1 1 
ATOM   169 N NH2 . ARG A 1 22  ? 12.801  9.316   7.522   1.00 66.80 ? 20  ARG A NH2 1 
ATOM   170 N N   . GLN A 1 23  ? 6.842   12.254  9.639   1.00 36.04 ? 21  GLN A N   1 
ATOM   171 C CA  . GLN A 1 23  ? 6.819   13.711  9.594   1.00 37.06 ? 21  GLN A CA  1 
ATOM   172 C C   . GLN A 1 23  ? 5.598   14.310  10.278  1.00 43.53 ? 21  GLN A C   1 
ATOM   173 O O   . GLN A 1 23  ? 5.473   15.542  10.311  1.00 41.15 ? 21  GLN A O   1 
ATOM   174 C CB  . GLN A 1 23  ? 6.891   14.181  8.140   1.00 38.85 ? 21  GLN A CB  1 
ATOM   175 C CG  . GLN A 1 23  ? 8.228   13.864  7.485   1.00 43.66 ? 21  GLN A CG  1 
ATOM   176 C CD  . GLN A 1 23  ? 8.147   13.786  5.973   1.00 54.30 ? 21  GLN A CD  1 
ATOM   177 O OE1 . GLN A 1 23  ? 7.109   14.071  5.375   1.00 52.69 ? 21  GLN A OE1 1 
ATOM   178 N NE2 . GLN A 1 23  ? 9.249   13.390  5.345   1.00 66.24 ? 21  GLN A NE2 1 
ATOM   179 N N   . GLY A 1 24  ? 4.707   13.483  10.817  1.00 36.28 ? 22  GLY A N   1 
ATOM   180 C CA  . GLY A 1 24  ? 3.532   13.979  11.513  1.00 38.63 ? 22  GLY A CA  1 
ATOM   181 C C   . GLY A 1 24  ? 2.333   14.274  10.644  1.00 37.48 ? 22  GLY A C   1 
ATOM   182 O O   . GLY A 1 24  ? 1.459   15.042  11.062  1.00 38.99 ? 22  GLY A O   1 
ATOM   183 N N   . MET A 1 25  ? 2.261   13.695  9.448   1.00 31.96 ? 23  MET A N   1 
ATOM   184 C CA  . MET A 1 25  ? 1.134   13.938  8.562   1.00 36.75 ? 23  MET A CA  1 
ATOM   185 C C   . MET A 1 25  ? -0.168  13.497  9.216   1.00 35.71 ? 23  MET A C   1 
ATOM   186 O O   . MET A 1 25  ? -0.221  12.494  9.932   1.00 33.73 ? 23  MET A O   1 
ATOM   187 C CB  . MET A 1 25  ? 1.337   13.202  7.231   1.00 32.15 ? 23  MET A CB  1 
ATOM   188 C CG  . MET A 1 25  ? 0.198   13.427  6.239   1.00 30.67 ? 23  MET A CG  1 
ATOM   189 S SD  . MET A 1 25  ? 0.484   12.769  4.590   1.00 33.59 ? 23  MET A SD  1 
ATOM   190 C CE  . MET A 1 25  ? 1.802   13.850  4.007   1.00 33.78 ? 23  MET A CE  1 
ATOM   191 N N   . SER A 1 26  ? -1.220  14.276  8.984   1.00 31.17 ? 24  SER A N   1 
ATOM   192 C CA  . SER A 1 26  ? -2.540  13.946  9.497   1.00 32.99 ? 24  SER A CA  1 
ATOM   193 C C   . SER A 1 26  ? -3.056  12.641  8.895   1.00 33.85 ? 24  SER A C   1 
ATOM   194 O O   . SER A 1 26  ? -2.746  12.289  7.756   1.00 31.11 ? 24  SER A O   1 
ATOM   195 C CB  . SER A 1 26  ? -3.511  15.086  9.192   1.00 40.19 ? 24  SER A CB  1 
ATOM   196 O OG  . SER A 1 26  ? -3.874  15.092  7.820   1.00 48.35 ? 24  SER A OG  1 
ATOM   197 N N   . LEU A 1 27  ? -3.875  11.927  9.674   1.00 31.06 ? 25  LEU A N   1 
ATOM   198 C CA  . LEU A 1 27  ? -4.442  10.671  9.189   1.00 29.94 ? 25  LEU A CA  1 
ATOM   199 C C   . LEU A 1 27  ? -5.241  10.875  7.905   1.00 31.42 ? 25  LEU A C   1 
ATOM   200 O O   . LEU A 1 27  ? -5.181  10.043  6.990   1.00 29.66 ? 25  LEU A O   1 
ATOM   201 C CB  . LEU A 1 27  ? -5.327  10.031  10.269  1.00 30.44 ? 25  LEU A CB  1 
ATOM   202 C CG  . LEU A 1 27  ? -6.098  8.775   9.842   1.00 30.52 ? 25  LEU A CG  1 
ATOM   203 C CD1 . LEU A 1 27  ? -5.128  7.652   9.487   1.00 30.29 ? 25  LEU A CD1 1 
ATOM   204 C CD2 . LEU A 1 27  ? -7.061  8.322   10.927  1.00 33.41 ? 25  LEU A CD2 1 
ATOM   205 N N   . ASP A 1 28  ? -6.000  11.973  7.804   1.00 29.40 ? 26  ASP A N   1 
ATOM   206 C CA  . ASP A 1 28  ? -6.829  12.123  6.611   1.00 28.89 ? 26  ASP A CA  1 
ATOM   207 C C   . ASP A 1 28  ? -5.974  12.304  5.362   1.00 32.55 ? 26  ASP A C   1 
ATOM   208 O O   . ASP A 1 28  ? -6.276  11.723  4.312   1.00 30.84 ? 26  ASP A O   1 
ATOM   209 C CB  . ASP A 1 28  ? -7.851  13.259  6.771   1.00 30.13 ? 26  ASP A CB  1 
ATOM   210 C CG  . ASP A 1 28  ? -7.245  14.575  7.202   1.00 47.17 ? 26  ASP A CG  1 
ATOM   211 O OD1 . ASP A 1 28  ? -6.056  14.618  7.561   1.00 51.71 ? 26  ASP A OD1 1 
ATOM   212 O OD2 . ASP A 1 28  ? -7.996  15.579  7.207   1.00 55.49 ? 26  ASP A OD2 1 
ATOM   213 N N   . GLU A 1 29  ? -4.875  13.059  5.461   1.00 30.23 ? 27  GLU A N   1 
ATOM   214 C CA  . GLU A 1 29  ? -3.996  13.200  4.303   1.00 30.01 ? 27  GLU A CA  1 
ATOM   215 C C   . GLU A 1 29  ? -3.270  11.897  3.993   1.00 29.94 ? 27  GLU A C   1 
ATOM   216 O O   . GLU A 1 29  ? -3.033  11.581  2.821   1.00 30.44 ? 27  GLU A O   1 
ATOM   217 C CB  . GLU A 1 29  ? -2.985  14.332  4.514   1.00 33.03 ? 27  GLU A CB  1 
ATOM   218 C CG  . GLU A 1 29  ? -2.417  14.835  3.197   1.00 45.92 ? 27  GLU A CG  1 
ATOM   219 C CD  . GLU A 1 29  ? -1.263  15.809  3.362   1.00 55.83 ? 27  GLU A CD  1 
ATOM   220 O OE1 . GLU A 1 29  ? -1.090  16.359  4.472   1.00 52.78 ? 27  GLU A OE1 1 
ATOM   221 O OE2 . GLU A 1 29  ? -0.531  16.022  2.369   1.00 50.33 ? 27  GLU A OE2 1 
ATOM   222 N N   . MET A 1 30  ? -2.897  11.131  5.026   1.00 27.31 ? 28  MET A N   1 
ATOM   223 C CA  . MET A 1 30  ? -2.231  9.855   4.775   1.00 27.40 ? 28  MET A CA  1 
ATOM   224 C C   . MET A 1 30  ? -3.145  8.911   4.004   1.00 28.52 ? 28  MET A C   1 
ATOM   225 O O   . MET A 1 30  ? -2.690  8.175   3.122   1.00 25.81 ? 28  MET A O   1 
ATOM   226 C CB  . MET A 1 30  ? -1.785  9.211   6.092   1.00 26.90 ? 28  MET A CB  1 
ATOM   227 C CG  . MET A 1 30  ? -0.631  9.928   6.776   1.00 28.84 ? 28  MET A CG  1 
ATOM   228 S SD  . MET A 1 30  ? -0.198  9.229   8.383   1.00 30.95 ? 28  MET A SD  1 
ATOM   229 C CE  . MET A 1 30  ? 0.173   7.532   7.907   1.00 27.14 ? 28  MET A CE  1 
ATOM   230 N N   . ILE A 1 31  ? -4.443  8.921   4.325   1.00 27.51 ? 29  ILE A N   1 
ATOM   231 C CA  . ILE A 1 31  ? -5.399  8.081   3.606   1.00 24.98 ? 29  ILE A CA  1 
ATOM   232 C C   . ILE A 1 31  ? -5.545  8.546   2.163   1.00 28.69 ? 29  ILE A C   1 
ATOM   233 O O   . ILE A 1 31  ? -5.637  7.728   1.237   1.00 26.41 ? 29  ILE A O   1 
ATOM   234 C CB  . ILE A 1 31  ? -6.750  8.067   4.353   1.00 25.20 ? 29  ILE A CB  1 
ATOM   235 C CG1 . ILE A 1 31  ? -6.621  7.235   5.635   1.00 29.19 ? 29  ILE A CG1 1 
ATOM   236 C CG2 . ILE A 1 31  ? -7.862  7.511   3.472   1.00 27.20 ? 29  ILE A CG2 1 
ATOM   237 C CD1 . ILE A 1 31  ? -7.856  7.274   6.533   1.00 28.89 ? 29  ILE A CD1 1 
ATOM   238 N N   . ALA A 1 32  ? -5.578  9.867   1.940   1.00 26.86 ? 30  ALA A N   1 
ATOM   239 C CA  . ALA A 1 32  ? -5.622  10.377  0.570   1.00 26.72 ? 30  ALA A CA  1 
ATOM   240 C C   . ALA A 1 32  ? -4.431  9.881   -0.243  1.00 28.76 ? 30  ALA A C   1 
ATOM   241 O O   . ALA A 1 32  ? -4.589  9.448   -1.395  1.00 26.98 ? 30  ALA A O   1 
ATOM   242 C CB  . ALA A 1 32  ? -5.668  11.912  0.583   1.00 29.53 ? 30  ALA A CB  1 
ATOM   243 N N   . TRP A 1 33  ? -3.226  9.934   0.338   1.00 25.69 ? 31  TRP A N   1 
ATOM   244 C CA  . TRP A 1 33  ? -2.052  9.392   -0.345  1.00 32.04 ? 31  TRP A CA  1 
ATOM   245 C C   . TRP A 1 33  ? -2.173  7.890   -0.545  1.00 29.29 ? 31  TRP A C   1 
ATOM   246 O O   . TRP A 1 33  ? -1.799  7.361   -1.598  1.00 26.99 ? 31  TRP A O   1 
ATOM   247 C CB  . TRP A 1 33  ? -0.782  9.711   0.440   1.00 30.52 ? 31  TRP A CB  1 
ATOM   248 C CG  . TRP A 1 33  ? -0.319  11.116  0.258   1.00 31.22 ? 31  TRP A CG  1 
ATOM   249 C CD1 . TRP A 1 33  ? -0.387  12.128  1.171   1.00 32.82 ? 31  TRP A CD1 1 
ATOM   250 C CD2 . TRP A 1 33  ? 0.284   11.668  -0.916  1.00 31.38 ? 31  TRP A CD2 1 
ATOM   251 N NE1 . TRP A 1 33  ? 0.141   13.282  0.635   1.00 36.31 ? 31  TRP A NE1 1 
ATOM   252 C CE2 . TRP A 1 33  ? 0.563   13.023  -0.644  1.00 38.94 ? 31  TRP A CE2 1 
ATOM   253 C CE3 . TRP A 1 33  ? 0.615   11.149  -2.172  1.00 36.31 ? 31  TRP A CE3 1 
ATOM   254 C CZ2 . TRP A 1 33  ? 1.153   13.869  -1.586  1.00 40.43 ? 31  TRP A CZ2 1 
ATOM   255 C CZ3 . TRP A 1 33  ? 1.208   11.992  -3.105  1.00 42.76 ? 31  TRP A CZ3 1 
ATOM   256 C CH2 . TRP A 1 33  ? 1.469   13.333  -2.804  1.00 40.44 ? 31  TRP A CH2 1 
ATOM   257 N N   . ALA A 1 34  ? -2.681  7.180   0.465   1.00 28.30 ? 32  ALA A N   1 
ATOM   258 C CA  . ALA A 1 34  ? -2.853  5.734   0.334   1.00 27.37 ? 32  ALA A CA  1 
ATOM   259 C C   . ALA A 1 34  ? -3.729  5.377   -0.858  1.00 29.98 ? 32  ALA A C   1 
ATOM   260 O O   . ALA A 1 34  ? -3.425  4.436   -1.604  1.00 26.62 ? 32  ALA A O   1 
ATOM   261 C CB  . ALA A 1 34  ? -3.444  5.158   1.621   1.00 29.35 ? 32  ALA A CB  1 
ATOM   262 N N   . VAL A 1 35  ? -4.829  6.106   -1.056  1.00 24.95 ? 33  VAL A N   1 
ATOM   263 C CA  . VAL A 1 35  ? -5.710  5.798   -2.178  1.00 25.68 ? 33  VAL A CA  1 
ATOM   264 C C   . VAL A 1 35  ? -5.012  6.093   -3.502  1.00 25.53 ? 33  VAL A C   1 
ATOM   265 O O   . VAL A 1 35  ? -5.128  5.326   -4.465  1.00 26.23 ? 33  VAL A O   1 
ATOM   266 C CB  . VAL A 1 35  ? -7.032  6.578   -2.045  1.00 26.83 ? 33  VAL A CB  1 
ATOM   267 C CG1 . VAL A 1 35  ? -7.892  6.373   -3.284  1.00 28.49 ? 33  VAL A CG1 1 
ATOM   268 C CG2 . VAL A 1 35  ? -7.790  6.136   -0.795  1.00 26.72 ? 33  VAL A CG2 1 
ATOM   269 N N   . LYS A 1 36  ? -4.291  7.193   -3.558  1.00 26.84 ? 34  LYS A N   1 
ATOM   270 C CA  . LYS A 1 36  ? -3.549  7.553   -4.780  1.00 26.44 ? 34  LYS A CA  1 
ATOM   271 C C   . LYS A 1 36  ? -2.548  6.450   -5.110  1.00 28.94 ? 34  LYS A C   1 
ATOM   272 O O   . LYS A 1 36  ? -2.525  6.013   -6.194  1.00 28.14 ? 34  LYS A O   1 
ATOM   273 C CB  . LYS A 1 36  ? -2.827  8.873   -4.548  1.00 30.93 ? 34  LYS A CB  1 
ATOM   274 C CG  . LYS A 1 36  ? -1.950  9.323   -5.686  1.00 39.13 ? 34  LYS A CG  1 
ATOM   275 C CD  . LYS A 1 36  ? -1.515  10.759  -5.550  1.00 48.12 ? 34  LYS A CD  1 
ATOM   276 C CE  . LYS A 1 36  ? -0.658  11.256  -6.686  1.00 53.58 ? 34  LYS A CE  1 
ATOM   277 N NZ  . LYS A 1 36  ? -1.486  11.609  -7.850  1.00 62.70 ? 34  LYS A NZ  1 
ATOM   278 N N   . TYR A 1 37  ? -1.789  6.017   -4.125  1.00 26.25 ? 35  TYR A N   1 
ATOM   279 C CA  . TYR A 1 37  ? -0.770  4.999   -4.374  1.00 28.96 ? 35  TYR A CA  1 
ATOM   280 C C   . TYR A 1 37  ? -1.396  3.642   -4.681  1.00 26.02 ? 35  TYR A C   1 
ATOM   281 O O   . TYR A 1 37  ? -0.853  2.866   -5.479  1.00 26.05 ? 35  TYR A O   1 
ATOM   282 C CB  . TYR A 1 37  ? 0.175   4.898   -3.176  1.00 25.58 ? 35  TYR A CB  1 
ATOM   283 C CG  . TYR A 1 37  ? 1.070   6.108   -2.966  1.00 29.05 ? 35  TYR A CG  1 
ATOM   284 C CD1 . TYR A 1 37  ? 1.251   7.052   -3.973  1.00 29.03 ? 35  TYR A CD1 1 
ATOM   285 C CD2 . TYR A 1 37  ? 1.739   6.302   -1.763  1.00 32.78 ? 35  TYR A CD2 1 
ATOM   286 C CE1 . TYR A 1 37  ? 2.070   8.158   -3.781  1.00 31.90 ? 35  TYR A CE1 1 
ATOM   287 C CE2 . TYR A 1 37  ? 2.563   7.407   -1.562  1.00 31.39 ? 35  TYR A CE2 1 
ATOM   288 C CZ  . TYR A 1 37  ? 2.721   8.330   -2.575  1.00 36.24 ? 35  TYR A CZ  1 
ATOM   289 O OH  . TYR A 1 37  ? 3.541   9.428   -2.391  1.00 36.68 ? 35  TYR A OH  1 
ATOM   290 N N   . ALA A 1 38  ? -2.533  3.324   -4.055  1.00 27.55 ? 36  ALA A N   1 
ATOM   291 C CA  . ALA A 1 38  ? -3.211  2.077   -4.395  1.00 27.33 ? 36  ALA A CA  1 
ATOM   292 C C   . ALA A 1 38  ? -3.592  2.052   -5.869  1.00 26.86 ? 36  ALA A C   1 
ATOM   293 O O   . ALA A 1 38  ? -3.422  1.033   -6.550  1.00 26.23 ? 36  ALA A O   1 
ATOM   294 C CB  . ALA A 1 38  ? -4.455  1.882   -3.518  1.00 26.39 ? 36  ALA A CB  1 
ATOM   295 N N   . LYS A 1 39  ? -4.106  3.171   -6.386  1.00 27.15 ? 37  LYS A N   1 
ATOM   296 C CA  . LYS A 1 39  ? -4.442  3.227   -7.802  1.00 25.80 ? 37  LYS A CA  1 
ATOM   297 C C   . LYS A 1 39  ? -3.199  3.072   -8.671  1.00 27.91 ? 37  LYS A C   1 
ATOM   298 O O   . LYS A 1 39  ? -3.246  2.413   -9.716  1.00 30.40 ? 37  LYS A O   1 
ATOM   299 C CB  . LYS A 1 39  ? -5.172  4.540   -8.117  1.00 29.58 ? 37  LYS A CB  1 
ATOM   300 C CG  . LYS A 1 39  ? -6.635  4.552   -7.631  1.00 31.76 ? 37  LYS A CG  1 
ATOM   301 C CD  . LYS A 1 39  ? -7.171  5.976   -7.426  1.00 38.33 ? 37  LYS A CD  1 
ATOM   302 C CE  . LYS A 1 39  ? -7.236  6.740   -8.741  1.00 53.11 ? 37  LYS A CE  1 
ATOM   303 N NZ  . LYS A 1 39  ? -7.691  8.157   -8.548  1.00 48.41 ? 37  LYS A NZ  1 
ATOM   304 N N   . LYS A 1 40  ? -2.077  3.685   -8.265  1.00 26.28 ? 38  LYS A N   1 
ATOM   305 C CA  . LYS A 1 40  ? -0.842  3.528   -9.037  1.00 23.67 ? 38  LYS A CA  1 
ATOM   306 C C   . LYS A 1 40  ? -0.380  2.081   -9.040  1.00 31.77 ? 38  LYS A C   1 
ATOM   307 O O   . LYS A 1 40  ? 0.048   1.557   -10.077 1.00 29.61 ? 38  LYS A O   1 
ATOM   308 C CB  . LYS A 1 40  ? 0.264   4.427   -8.477  1.00 29.77 ? 38  LYS A CB  1 
ATOM   309 C CG  . LYS A 1 40  ? 0.044   5.927   -8.676  1.00 31.69 ? 38  LYS A CG  1 
ATOM   310 C CD  . LYS A 1 40  ? 1.231   6.725   -8.135  1.00 40.15 ? 38  LYS A CD  1 
ATOM   311 C CE  . LYS A 1 40  ? 0.992   8.226   -8.224  1.00 48.96 ? 38  LYS A CE  1 
ATOM   312 N NZ  . LYS A 1 40  ? 0.814   8.667   -9.631  1.00 53.27 ? 38  LYS A NZ  1 
ATOM   313 N N   . ILE A 1 41  ? -0.454  1.425   -7.880  1.00 27.40 ? 39  ILE A N   1 
ATOM   314 C CA  . ILE A 1 41  ? -0.053  0.028   -7.776  1.00 28.10 ? 39  ILE A CA  1 
ATOM   315 C C   . ILE A 1 41  ? -0.949  -0.839  -8.646  1.00 32.37 ? 39  ILE A C   1 
ATOM   316 O O   . ILE A 1 41  ? -0.472  -1.700  -9.394  1.00 28.43 ? 39  ILE A O   1 
ATOM   317 C CB  . ILE A 1 41  ? -0.082  -0.433  -6.309  1.00 24.83 ? 39  ILE A CB  1 
ATOM   318 C CG1 . ILE A 1 41  ? 1.031   0.260   -5.525  1.00 27.47 ? 39  ILE A CG1 1 
ATOM   319 C CG2 . ILE A 1 41  ? 0.078   -1.952  -6.214  1.00 28.32 ? 39  ILE A CG2 1 
ATOM   320 C CD1 . ILE A 1 41  ? 0.837   0.174   -4.012  1.00 26.42 ? 39  ILE A CD1 1 
ATOM   321 N N   . PHE A 1 42  ? -2.266  -0.623  -8.570  1.00 26.90 ? 40  PHE A N   1 
ATOM   322 C CA  . PHE A 1 42  ? -3.152  -1.442  -9.387  1.00 25.56 ? 40  PHE A CA  1 
ATOM   323 C C   . PHE A 1 42  ? -2.891  -1.236  -10.871 1.00 32.25 ? 40  PHE A C   1 
ATOM   324 O O   . PHE A 1 42  ? -2.988  -2.182  -11.660 1.00 31.66 ? 40  PHE A O   1 
ATOM   325 C CB  . PHE A 1 42  ? -4.620  -1.159  -9.093  1.00 27.64 ? 40  PHE A CB  1 
ATOM   326 C CG  . PHE A 1 42  ? -5.531  -2.123  -9.775  1.00 27.33 ? 40  PHE A CG  1 
ATOM   327 C CD1 . PHE A 1 42  ? -5.662  -3.419  -9.291  1.00 30.78 ? 40  PHE A CD1 1 
ATOM   328 C CD2 . PHE A 1 42  ? -6.216  -1.766  -10.925 1.00 30.80 ? 40  PHE A CD2 1 
ATOM   329 C CE1 . PHE A 1 42  ? -6.480  -4.328  -9.927  1.00 32.41 ? 40  PHE A CE1 1 
ATOM   330 C CE2 . PHE A 1 42  ? -7.036  -2.676  -11.563 1.00 35.39 ? 40  PHE A CE2 1 
ATOM   331 C CZ  . PHE A 1 42  ? -7.169  -3.953  -11.064 1.00 33.26 ? 40  PHE A CZ  1 
ATOM   332 N N   . ASP A 1 43  ? -2.558  -0.021  -11.258 1.00 30.59 ? 41  ASP A N   1 
ATOM   333 C CA  . ASP A 1 43  ? -2.264  0.219   -12.688 1.00 31.59 ? 41  ASP A CA  1 
ATOM   334 C C   . ASP A 1 43  ? -1.084  -0.638  -13.123 1.00 30.69 ? 41  ASP A C   1 
ATOM   335 O O   . ASP A 1 43  ? -1.100  -1.093  -14.201 1.00 38.32 ? 41  ASP A O   1 
ATOM   336 C CB  . ASP A 1 43  ? -1.945  1.674   -12.937 1.00 31.56 ? 41  ASP A CB  1 
ATOM   337 C CG  . ASP A 1 43  ? -2.958  2.290   -13.848 1.00 51.72 ? 41  ASP A CG  1 
ATOM   338 O OD1 . ASP A 1 43  ? -3.278  1.703   -14.864 1.00 49.69 ? 41  ASP A OD1 1 
ATOM   339 O OD2 . ASP A 1 43  ? -3.440  3.330   -13.477 1.00 47.85 ? 41  ASP A OD2 1 
ATOM   340 N N   . LEU A 1 44  ? -0.078  -0.764  -12.290 1.00 29.41 ? 42  LEU A N   1 
ATOM   341 C CA  . LEU A 1 44  ? 1.041   -1.639  -12.637 1.00 31.02 ? 42  LEU A CA  1 
ATOM   342 C C   . LEU A 1 44  ? 0.550   -3.060  -12.897 1.00 35.12 ? 42  LEU A C   1 
ATOM   343 O O   . LEU A 1 44  ? 0.886   -3.675  -13.915 1.00 33.90 ? 42  LEU A O   1 
ATOM   344 C CB  . LEU A 1 44  ? 2.087   -1.629  -11.519 1.00 29.45 ? 42  LEU A CB  1 
ATOM   345 C CG  . LEU A 1 44  ? 2.705   -0.273  -11.145 1.00 29.07 ? 42  LEU A CG  1 
ATOM   346 C CD1 . LEU A 1 44  ? 3.661   -0.463  -9.984  1.00 31.18 ? 42  LEU A CD1 1 
ATOM   347 C CD2 . LEU A 1 44  ? 3.425   0.368   -12.343 1.00 31.89 ? 42  LEU A CD2 1 
ATOM   348 N N   . VAL A 1 45  ? -0.266  -3.585  -11.987 1.00 30.30 ? 43  VAL A N   1 
ATOM   349 C CA  . VAL A 1 45  ? -0.797  -4.938  -12.130 1.00 27.64 ? 43  VAL A CA  1 
ATOM   350 C C   . VAL A 1 45  ? -1.619  -5.059  -13.407 1.00 31.60 ? 43  VAL A C   1 
ATOM   351 O O   . VAL A 1 45  ? -1.441  -5.995  -14.198 1.00 36.67 ? 43  VAL A O   1 
ATOM   352 C CB  . VAL A 1 45  ? -1.631  -5.302  -10.883 1.00 30.19 ? 43  VAL A CB  1 
ATOM   353 C CG1 . VAL A 1 45  ? -2.322  -6.646  -11.067 1.00 37.61 ? 43  VAL A CG1 1 
ATOM   354 C CG2 . VAL A 1 45  ? -0.739  -5.307  -9.654  1.00 32.69 ? 43  VAL A CG2 1 
ATOM   355 N N   . LYS A 1 46  ? -2.532  -4.111  -13.628 1.00 30.33 ? 44  LYS A N   1 
ATOM   356 C CA  . LYS A 1 46  ? -3.415  -4.183  -14.789 1.00 35.59 ? 44  LYS A CA  1 
ATOM   357 C C   . LYS A 1 46  ? -2.632  -4.049  -16.092 1.00 37.70 ? 44  LYS A C   1 
ATOM   358 O O   . LYS A 1 46  ? -2.816  -4.840  -17.025 1.00 36.13 ? 44  LYS A O   1 
ATOM   359 C CB  . LYS A 1 46  ? -4.493  -3.099  -14.698 1.00 33.77 ? 44  LYS A CB  1 
ATOM   360 C CG  . LYS A 1 46  ? -5.368  -2.994  -15.941 1.00 43.19 ? 44  LYS A CG  1 
ATOM   361 C CD  . LYS A 1 46  ? -6.570  -2.073  -15.733 1.00 52.57 ? 44  LYS A CD  1 
ATOM   362 C CE  . LYS A 1 46  ? -6.159  -0.645  -15.400 1.00 59.51 ? 44  LYS A CE  1 
ATOM   363 N NZ  . LYS A 1 46  ? -7.351  0.234   -15.184 1.00 64.80 ? 44  LYS A NZ  1 
ATOM   364 N N   . LYS A 1 47  ? -1.758  -3.047  -16.181 1.00 33.92 ? 45  LYS A N   1 
ATOM   365 C CA  . LYS A 1 47  ? -1.064  -2.806  -17.446 1.00 33.73 ? 45  LYS A CA  1 
ATOM   366 C C   . LYS A 1 47  ? -0.032  -3.882  -17.752 1.00 33.00 ? 45  LYS A C   1 
ATOM   367 O O   . LYS A 1 47  ? 0.350   -4.047  -18.917 1.00 37.85 ? 45  LYS A O   1 
ATOM   368 C CB  . LYS A 1 47  ? -0.399  -1.432  -17.426 1.00 35.20 ? 45  LYS A CB  1 
ATOM   369 C CG  . LYS A 1 47  ? -1.396  -0.276  -17.454 1.00 39.51 ? 45  LYS A CG  1 
ATOM   370 C CD  . LYS A 1 47  ? -2.314  -0.376  -18.673 1.00 51.41 ? 45  LYS A CD  1 
ATOM   371 C CE  . LYS A 1 47  ? -3.441  0.647   -18.617 1.00 54.28 ? 45  LYS A CE  1 
ATOM   372 N NZ  . LYS A 1 47  ? -2.899  2.031   -18.554 1.00 64.94 ? 45  LYS A NZ  1 
ATOM   373 N N   . MET A 1 48  ? 0.398   -4.587  -16.737 1.00 34.47 ? 46  MET A N   1 
ATOM   374 C CA  . MET A 1 48  ? 1.353   -5.662  -17.020 1.00 40.96 ? 46  MET A CA  1 
ATOM   375 C C   . MET A 1 48  ? 0.595   -6.976  -17.270 1.00 44.30 ? 46  MET A C   1 
ATOM   376 O O   . MET A 1 48  ? 1.251   -7.925  -17.548 1.00 54.54 ? 46  MET A O   1 
ATOM   377 C CB  . MET A 1 48  ? 2.489   -5.757  -15.991 1.00 42.11 ? 46  MET A CB  1 
ATOM   378 C CG  . MET A 1 48  ? 3.859   -5.712  -16.679 1.00 53.80 ? 46  MET A CG  1 
ATOM   379 S SD  . MET A 1 48  ? 5.330   -5.140  -15.828 1.00 60.35 ? 46  MET A SD  1 
ATOM   380 C CE  . MET A 1 48  ? 4.721   -4.308  -14.381 1.00 48.03 ? 46  MET A CE  1 
ATOM   381 N N   . GLY A 1 49  ? -0.738  -6.992  -17.258 1.00 41.85 ? 47  GLY A N   1 
ATOM   382 C CA  . GLY A 1 49  ? -1.481  -8.229  -17.431 1.00 46.27 ? 47  GLY A CA  1 
ATOM   383 C C   . GLY A 1 49  ? -1.148  -9.251  -16.368 1.00 49.09 ? 47  GLY A C   1 
ATOM   384 O O   . GLY A 1 49  ? -1.128  -10.455 -16.649 1.00 50.47 ? 47  GLY A O   1 
ATOM   385 N N   . ALA A 1 50  ? -0.867  -8.794  -15.150 1.00 42.90 ? 48  ALA A N   1 
ATOM   386 C CA  . ALA A 1 50  ? -0.511  -9.689  -14.061 1.00 45.87 ? 48  ALA A CA  1 
ATOM   387 C C   . ALA A 1 50  ? -1.753  -10.377 -13.497 1.00 40.81 ? 48  ALA A C   1 
ATOM   388 O O   . ALA A 1 50  ? -2.870  -9.861  -13.566 1.00 41.94 ? 48  ALA A O   1 
ATOM   389 C CB  . ALA A 1 50  ? 0.217   -8.927  -12.956 1.00 38.42 ? 48  ALA A CB  1 
ATOM   390 N N   . SER A 1 51  ? -1.535  -11.546 -12.900 1.00 41.40 ? 49  SER A N   1 
ATOM   391 C CA  . SER A 1 51  ? -2.635  -12.396 -12.477 1.00 41.43 ? 49  SER A CA  1 
ATOM   392 C C   . SER A 1 51  ? -3.218  -11.938 -11.140 1.00 42.88 ? 49  SER A C   1 
ATOM   393 O O   . SER A 1 51  ? -2.645  -11.113 -10.422 1.00 39.96 ? 49  SER A O   1 
ATOM   394 C CB  . SER A 1 51  ? -2.168  -13.841 -12.353 1.00 47.29 ? 49  SER A CB  1 
ATOM   395 O OG  . SER A 1 51  ? -1.265  -13.958 -11.268 1.00 40.77 ? 49  SER A OG  1 
ATOM   396 N N   . ASP A 1 52  ? -4.381  -12.509 -10.809 1.00 37.28 ? 50  ASP A N   1 
ATOM   397 C CA  . ASP A 1 52  ? -4.945  -12.337 -9.475  1.00 38.49 ? 50  ASP A CA  1 
ATOM   398 C C   . ASP A 1 52  ? -3.972  -12.803 -8.398  1.00 37.44 ? 50  ASP A C   1 
ATOM   399 O O   . ASP A 1 52  ? -3.953  -12.247 -7.295  1.00 36.42 ? 50  ASP A O   1 
ATOM   400 C CB  . ASP A 1 52  ? -6.262  -13.112 -9.351  1.00 46.22 ? 50  ASP A CB  1 
ATOM   401 C CG  . ASP A 1 52  ? -7.387  -12.505 -10.174 1.00 55.00 ? 50  ASP A CG  1 
ATOM   402 O OD1 . ASP A 1 52  ? -7.403  -11.272 -10.362 1.00 65.29 ? 50  ASP A OD1 1 
ATOM   403 O OD2 . ASP A 1 52  ? -8.266  -13.269 -10.629 1.00 62.39 ? 50  ASP A OD2 1 
ATOM   404 N N   . GLU A 1 53  ? -3.179  -13.839 -8.689  1.00 40.24 ? 51  GLU A N   1 
ATOM   405 C CA  . GLU A 1 53  ? -2.183  -14.300 -7.724  1.00 40.91 ? 51  GLU A CA  1 
ATOM   406 C C   . GLU A 1 53  ? -1.143  -13.222 -7.459  1.00 38.28 ? 51  GLU A C   1 
ATOM   407 O O   . GLU A 1 53  ? -0.731  -13.013 -6.309  1.00 36.05 ? 51  GLU A O   1 
ATOM   408 C CB  . GLU A 1 53  ? -1.511  -15.580 -8.226  1.00 44.14 ? 51  GLU A CB  1 
ATOM   409 N N   . VAL A 1 54  ? -0.712  -12.521 -8.512  1.00 32.73 ? 52  VAL A N   1 
ATOM   410 C CA  . VAL A 1 54  ? 0.216   -11.412 -8.327  1.00 34.41 ? 52  VAL A CA  1 
ATOM   411 C C   . VAL A 1 54  ? -0.427  -10.334 -7.470  1.00 30.73 ? 52  VAL A C   1 
ATOM   412 O O   . VAL A 1 54  ? 0.206   -9.789  -6.561  1.00 30.23 ? 52  VAL A O   1 
ATOM   413 C CB  . VAL A 1 54  ? 0.681   -10.856 -9.685  1.00 40.27 ? 52  VAL A CB  1 
ATOM   414 C CG1 . VAL A 1 54  ? 1.477   -9.573  -9.488  1.00 36.28 ? 52  VAL A CG1 1 
ATOM   415 C CG2 . VAL A 1 54  ? 1.523   -11.893 -10.425 1.00 41.28 ? 52  VAL A CG2 1 
ATOM   416 N N   . LEU A 1 55  ? -1.701  -10.020 -7.732  1.00 28.61 ? 53  LEU A N   1 
ATOM   417 C CA  . LEU A 1 55  ? -2.371  -8.998  -6.936  1.00 27.85 ? 53  LEU A CA  1 
ATOM   418 C C   . LEU A 1 55  ? -2.404  -9.388  -5.469  1.00 29.82 ? 53  LEU A C   1 
ATOM   419 O O   . LEU A 1 55  ? -2.211  -8.542  -4.589  1.00 28.06 ? 53  LEU A O   1 
ATOM   420 C CB  . LEU A 1 55  ? -3.790  -8.756  -7.450  1.00 30.98 ? 53  LEU A CB  1 
ATOM   421 C CG  . LEU A 1 55  ? -4.546  -7.657  -6.699  1.00 28.68 ? 53  LEU A CG  1 
ATOM   422 C CD1 . LEU A 1 55  ? -3.839  -6.305  -6.856  1.00 30.06 ? 53  LEU A CD1 1 
ATOM   423 C CD2 . LEU A 1 55  ? -5.995  -7.582  -7.181  1.00 33.10 ? 53  LEU A CD2 1 
ATOM   424 N N   . LYS A 1 56  ? -2.609  -10.658 -5.189  1.00 29.37 ? 54  LYS A N   1 
ATOM   425 C CA  . LYS A 1 56  ? -2.629  -11.137 -3.792  1.00 31.16 ? 54  LYS A CA  1 
ATOM   426 C C   . LYS A 1 56  ? -1.234  -11.008 -3.191  1.00 26.27 ? 54  LYS A C   1 
ATOM   427 O O   . LYS A 1 56  ? -1.128  -10.637 -2.097  1.00 30.23 ? 54  LYS A O   1 
ATOM   428 C CB  . LYS A 1 56  ? -3.117  -12.582 -3.752  1.00 35.75 ? 54  LYS A CB  1 
ATOM   429 C CG  . LYS A 1 56  ? -3.102  -13.230 -2.383  1.00 44.29 ? 54  LYS A CG  1 
ATOM   430 C CD  . LYS A 1 56  ? -3.969  -12.523 -1.370  1.00 56.22 ? 54  LYS A CD  1 
ATOM   431 C CE  . LYS A 1 56  ? -4.252  -13.321 -0.115  1.00 62.01 ? 54  LYS A CE  1 
ATOM   432 N NZ  . LYS A 1 56  ? -3.097  -14.157 0.282   1.00 67.85 ? 54  LYS A NZ  1 
ATOM   433 N N   . LYS A 1 57  ? -0.210  -11.361 -3.929  1.00 28.60 ? 55  LYS A N   1 
ATOM   434 C CA  . LYS A 1 57  ? 1.149   -11.205 -3.412  1.00 30.14 ? 55  LYS A CA  1 
ATOM   435 C C   . LYS A 1 57  ? 1.466   -9.743  -3.131  1.00 31.29 ? 55  LYS A C   1 
ATOM   436 O O   . LYS A 1 57  ? 2.157   -9.424  -2.158  1.00 29.26 ? 55  LYS A O   1 
ATOM   437 C CB  . LYS A 1 57  ? 2.162   -11.777 -4.402  1.00 30.49 ? 55  LYS A CB  1 
ATOM   438 C CG  . LYS A 1 57  ? 2.119   -13.296 -4.520  1.00 38.34 ? 55  LYS A CG  1 
ATOM   439 C CD  . LYS A 1 57  ? 3.314   -13.800 -5.315  1.00 52.88 ? 55  LYS A CD  1 
ATOM   440 C CE  . LYS A 1 57  ? 3.437   -15.316 -5.237  1.00 58.25 ? 55  LYS A CE  1 
ATOM   441 N NZ  . LYS A 1 57  ? 4.343   -15.830 -6.302  1.00 63.39 ? 55  LYS A NZ  1 
ATOM   442 N N   . VAL A 1 58  ? 0.986   -8.845  -3.990  1.00 26.90 ? 56  VAL A N   1 
ATOM   443 C CA  . VAL A 1 58  ? 1.177   -7.416  -3.759  1.00 25.78 ? 56  VAL A CA  1 
ATOM   444 C C   . VAL A 1 58  ? 0.454   -6.980  -2.489  1.00 25.30 ? 56  VAL A C   1 
ATOM   445 O O   . VAL A 1 58  ? 1.003   -6.240  -1.663  1.00 26.83 ? 56  VAL A O   1 
ATOM   446 C CB  . VAL A 1 58  ? 0.705   -6.615  -4.988  1.00 27.63 ? 56  VAL A CB  1 
ATOM   447 C CG1 . VAL A 1 58  ? 0.649   -5.113  -4.672  1.00 29.99 ? 56  VAL A CG1 1 
ATOM   448 C CG2 . VAL A 1 58  ? 1.618   -6.893  -6.176  1.00 29.46 ? 56  VAL A CG2 1 
ATOM   449 N N   . MET A 1 59  ? -0.783  -7.396  -2.314  1.00 24.21 ? 57  MET A N   1 
ATOM   450 C CA  . MET A 1 59  ? -1.546  -7.022  -1.101  1.00 26.04 ? 57  MET A CA  1 
ATOM   451 C C   . MET A 1 59  ? -0.839  -7.544  0.154   1.00 28.49 ? 57  MET A C   1 
ATOM   452 O O   . MET A 1 59  ? -0.733  -6.833  1.095   1.00 25.33 ? 57  MET A O   1 
ATOM   453 C CB  . MET A 1 59  ? -2.977  -7.540  -1.172  1.00 26.55 ? 57  MET A CB  1 
ATOM   454 C CG  . MET A 1 59  ? -3.761  -6.864  -2.233  1.00 29.05 ? 57  MET A CG  1 
ATOM   455 S SD  . MET A 1 59  ? -5.367  -7.570  -2.574  1.00 39.55 ? 57  MET A SD  1 
ATOM   456 C CE  . MET A 1 59  ? -6.078  -7.519  -0.951  1.00 55.39 ? 57  MET A CE  1 
ATOM   457 N N   . ASP A 1 60  ? -0.366  -8.773  0.106   1.00 26.40 ? 58  ASP A N   1 
ATOM   458 C CA  . ASP A 1 60  ? 0.365   -9.310  1.257   1.00 27.61 ? 58  ASP A CA  1 
ATOM   459 C C   . ASP A 1 60  ? 1.602   -8.470  1.564   1.00 26.95 ? 58  ASP A C   1 
ATOM   460 O O   . ASP A 1 60  ? 1.925   -8.221  2.735   1.00 28.42 ? 58  ASP A O   1 
ATOM   461 C CB  . ASP A 1 60  ? 0.786   -10.753 0.985   1.00 28.04 ? 58  ASP A CB  1 
ATOM   462 C CG  . ASP A 1 60  ? -0.364  -11.747 1.093   1.00 39.20 ? 58  ASP A CG  1 
ATOM   463 O OD1 . ASP A 1 60  ? -1.417  -11.408 1.664   1.00 39.05 ? 58  ASP A OD1 1 
ATOM   464 O OD2 . ASP A 1 60  ? -0.203  -12.876 0.585   1.00 39.49 ? 58  ASP A OD2 1 
ATOM   465 N N   . ALA A 1 61  ? 2.328   -8.059  0.523   1.00 26.77 ? 59  ALA A N   1 
ATOM   466 C CA  . ALA A 1 61  ? 3.553   -7.286  0.724   1.00 26.09 ? 59  ALA A CA  1 
ATOM   467 C C   . ALA A 1 61  ? 3.251   -5.907  1.288   1.00 25.72 ? 59  ALA A C   1 
ATOM   468 O O   . ALA A 1 61  ? 4.011   -5.392  2.115   1.00 27.06 ? 59  ALA A O   1 
ATOM   469 C CB  . ALA A 1 61  ? 4.326   -7.162  -0.588  1.00 27.03 ? 59  ALA A CB  1 
ATOM   470 N N   . VAL A 1 62  ? 2.141   -5.296  0.864   1.00 24.10 ? 60  VAL A N   1 
ATOM   471 C CA  . VAL A 1 62  ? 1.758   -3.993  1.405   1.00 22.56 ? 60  VAL A CA  1 
ATOM   472 C C   . VAL A 1 62  ? 1.535   -4.082  2.913   1.00 25.85 ? 60  VAL A C   1 
ATOM   473 O O   . VAL A 1 62  ? 2.040   -3.261  3.690   1.00 24.66 ? 60  VAL A O   1 
ATOM   474 C CB  . VAL A 1 62  ? 0.510   -3.464  0.676   1.00 24.15 ? 60  VAL A CB  1 
ATOM   475 C CG1 . VAL A 1 62  ? -0.131  -2.306  1.452   1.00 26.13 ? 60  VAL A CG1 1 
ATOM   476 C CG2 . VAL A 1 62  ? 0.889   -3.024  -0.728  1.00 24.45 ? 60  VAL A CG2 1 
ATOM   477 N N   . LEU A 1 63  ? 0.767   -5.082  3.351   1.00 24.55 ? 61  LEU A N   1 
ATOM   478 C CA  . LEU A 1 63  ? 0.514   -5.227  4.777   1.00 25.17 ? 61  LEU A CA  1 
ATOM   479 C C   . LEU A 1 63  ? 1.798   -5.540  5.530   1.00 27.12 ? 61  LEU A C   1 
ATOM   480 O O   . LEU A 1 63  ? 2.055   -4.977  6.602   1.00 27.26 ? 61  LEU A O   1 
ATOM   481 C CB  . LEU A 1 63  ? -0.527  -6.324  5.008   1.00 28.79 ? 61  LEU A CB  1 
ATOM   482 C CG  . LEU A 1 63  ? -0.649  -6.804  6.453   1.00 44.53 ? 61  LEU A CG  1 
ATOM   483 C CD1 . LEU A 1 63  ? -1.124  -5.666  7.351   1.00 50.23 ? 61  LEU A CD1 1 
ATOM   484 C CD2 . LEU A 1 63  ? -1.597  -7.995  6.534   1.00 40.75 ? 61  LEU A CD2 1 
ATOM   485 N N   . ALA A 1 64  ? 2.619   -6.440  4.984   1.00 27.78 ? 62  ALA A N   1 
ATOM   486 C CA  . ALA A 1 64  ? 3.873   -6.781  5.642   1.00 28.16 ? 62  ALA A CA  1 
ATOM   487 C C   . ALA A 1 64  ? 4.797   -5.571  5.717   1.00 27.69 ? 62  ALA A C   1 
ATOM   488 O O   . ALA A 1 64  ? 5.419   -5.324  6.753   1.00 26.27 ? 62  ALA A O   1 
ATOM   489 C CB  . ALA A 1 64  ? 4.560   -7.933  4.910   1.00 29.68 ? 62  ALA A CB  1 
ATOM   490 N N   . ALA A 1 65  ? 4.904   -4.812  4.623   1.00 25.12 ? 63  ALA A N   1 
ATOM   491 C CA  . ALA A 1 65  ? 5.744   -3.615  4.649   1.00 25.84 ? 63  ALA A CA  1 
ATOM   492 C C   . ALA A 1 65  ? 5.264   -2.637  5.716   1.00 28.00 ? 63  ALA A C   1 
ATOM   493 O O   . ALA A 1 65  ? 6.073   -2.037  6.428   1.00 26.08 ? 63  ALA A O   1 
ATOM   494 C CB  . ALA A 1 65  ? 5.754   -2.945  3.270   1.00 25.59 ? 63  ALA A CB  1 
ATOM   495 N N   . ALA A 1 66  ? 3.947   -2.483  5.855   1.00 25.13 ? 64  ALA A N   1 
ATOM   496 C CA  . ALA A 1 66  ? 3.421   -1.563  6.857   1.00 24.99 ? 64  ALA A CA  1 
ATOM   497 C C   . ALA A 1 66  ? 3.730   -2.045  8.270   1.00 23.27 ? 64  ALA A C   1 
ATOM   498 O O   . ALA A 1 66  ? 4.088   -1.244  9.143   1.00 26.20 ? 64  ALA A O   1 
ATOM   499 C CB  . ALA A 1 66  ? 1.922   -1.400  6.672   1.00 26.93 ? 64  ALA A CB  1 
ATOM   500 N N   . GLN A 1 67  ? 3.568   -3.347  8.520   1.00 23.88 ? 65  GLN A N   1 
ATOM   501 C CA  . GLN A 1 67  ? 3.916   -3.894  9.825   1.00 25.02 ? 65  GLN A CA  1 
ATOM   502 C C   . GLN A 1 67  ? 5.398   -3.698  10.127  1.00 26.57 ? 65  GLN A C   1 
ATOM   503 O O   . GLN A 1 67  ? 5.770   -3.412  11.272  1.00 26.28 ? 65  GLN A O   1 
ATOM   504 C CB  . GLN A 1 67  ? 3.553   -5.382  9.880   1.00 24.33 ? 65  GLN A CB  1 
ATOM   505 C CG  . GLN A 1 67  ? 2.050   -5.647  9.910   1.00 31.08 ? 65  GLN A CG  1 
ATOM   506 C CD  . GLN A 1 67  ? 1.718   -7.112  9.697   1.00 48.65 ? 65  GLN A CD  1 
ATOM   507 O OE1 . GLN A 1 67  ? 2.546   -7.885  9.213   1.00 53.46 ? 65  GLN A OE1 1 
ATOM   508 N NE2 . GLN A 1 67  ? 0.508   -7.507  10.083  1.00 48.10 ? 65  GLN A NE2 1 
ATOM   509 N N   . ALA A 1 68  ? 6.261   -3.867  9.122   1.00 26.13 ? 66  ALA A N   1 
ATOM   510 C CA  . ALA A 1 68  ? 7.692   -3.678  9.350   1.00 28.15 ? 66  ALA A CA  1 
ATOM   511 C C   . ALA A 1 68  ? 8.001   -2.226  9.689   1.00 28.62 ? 66  ALA A C   1 
ATOM   512 O O   . ALA A 1 68  ? 8.720   -1.935  10.654  1.00 28.13 ? 66  ALA A O   1 
ATOM   513 C CB  . ALA A 1 68  ? 8.495   -4.128  8.121   1.00 26.99 ? 66  ALA A CB  1 
ATOM   514 N N   . TYR A 1 69  ? 7.481   -1.292  8.887   1.00 24.86 ? 67  TYR A N   1 
ATOM   515 C CA  . TYR A 1 69  ? 7.804   0.119   9.091   1.00 27.21 ? 67  TYR A CA  1 
ATOM   516 C C   . TYR A 1 69  ? 7.128   0.690   10.327  1.00 29.20 ? 67  TYR A C   1 
ATOM   517 O O   . TYR A 1 69  ? 7.620   1.676   10.883  1.00 29.70 ? 67  TYR A O   1 
ATOM   518 C CB  . TYR A 1 69  ? 7.431   0.935   7.848   1.00 28.09 ? 67  TYR A CB  1 
ATOM   519 C CG  . TYR A 1 69  ? 8.524   0.892   6.809   1.00 26.59 ? 67  TYR A CG  1 
ATOM   520 C CD1 . TYR A 1 69  ? 9.770   1.459   7.067   1.00 28.92 ? 67  TYR A CD1 1 
ATOM   521 C CD2 . TYR A 1 69  ? 8.330   0.260   5.589   1.00 29.44 ? 67  TYR A CD2 1 
ATOM   522 C CE1 . TYR A 1 69  ? 10.783  1.412   6.132   1.00 31.51 ? 67  TYR A CE1 1 
ATOM   523 C CE2 . TYR A 1 69  ? 9.349   0.205   4.637   1.00 30.04 ? 67  TYR A CE2 1 
ATOM   524 C CZ  . TYR A 1 69  ? 10.572  0.781   4.922   1.00 33.90 ? 67  TYR A CZ  1 
ATOM   525 O OH  . TYR A 1 69  ? 11.592  0.734   3.997   1.00 35.31 ? 67  TYR A OH  1 
ATOM   526 N N   . ALA A 1 70  ? 6.034   0.079   10.786  1.00 25.62 ? 68  ALA A N   1 
ATOM   527 C CA  . ALA A 1 70  ? 5.436   0.502   12.048  1.00 27.93 ? 68  ALA A CA  1 
ATOM   528 C C   . ALA A 1 70  ? 6.410   0.337   13.208  1.00 33.13 ? 68  ALA A C   1 
ATOM   529 O O   . ALA A 1 70  ? 6.306   1.063   14.203  1.00 31.12 ? 68  ALA A O   1 
ATOM   530 C CB  . ALA A 1 70  ? 4.140   -0.282  12.313  1.00 26.91 ? 68  ALA A CB  1 
ATOM   531 N N   . GLN A 1 71  ? 7.377   -0.579  13.090  1.00 30.36 ? 69  GLN A N   1 
ATOM   532 C CA  . GLN A 1 71  ? 8.398   -0.722  14.121  1.00 29.82 ? 69  GLN A CA  1 
ATOM   533 C C   . GLN A 1 71  ? 9.410   0.412   14.120  1.00 33.19 ? 69  GLN A C   1 
ATOM   534 O O   . GLN A 1 71  ? 10.216  0.496   15.051  1.00 38.82 ? 69  GLN A O   1 
ATOM   535 C CB  . GLN A 1 71  ? 9.125   -2.057  13.957  1.00 30.51 ? 69  GLN A CB  1 
ATOM   536 C CG  . GLN A 1 71  ? 8.236   -3.243  14.192  1.00 31.03 ? 69  GLN A CG  1 
ATOM   537 C CD  . GLN A 1 71  ? 7.673   -3.248  15.602  1.00 40.97 ? 69  GLN A CD  1 
ATOM   538 O OE1 . GLN A 1 71  ? 8.354   -2.874  16.557  1.00 47.41 ? 69  GLN A OE1 1 
ATOM   539 N NE2 . GLN A 1 71  ? 6.430   -3.663  15.732  1.00 38.61 ? 69  GLN A NE2 1 
ATOM   540 N N   . GLN A 1 72  ? 9.402   1.273   13.104  1.00 32.60 ? 70  GLN A N   1 
ATOM   541 C CA  . GLN A 1 72  ? 10.269  2.445   13.037  1.00 34.21 ? 70  GLN A CA  1 
ATOM   542 C C   . GLN A 1 72  ? 9.466   3.729   13.190  1.00 36.79 ? 70  GLN A C   1 
ATOM   543 O O   . GLN A 1 72  ? 9.785   4.752   12.577  1.00 35.59 ? 70  GLN A O   1 
ATOM   544 C CB  . GLN A 1 72  ? 11.054  2.488   11.727  1.00 34.14 ? 70  GLN A CB  1 
ATOM   545 C CG  . GLN A 1 72  ? 12.061  1.375   11.548  1.00 39.92 ? 70  GLN A CG  1 
ATOM   546 C CD  . GLN A 1 72  ? 12.925  1.587   10.318  1.00 42.00 ? 70  GLN A CD  1 
ATOM   547 O OE1 . GLN A 1 72  ? 13.652  2.582   10.211  1.00 41.78 ? 70  GLN A OE1 1 
ATOM   548 N NE2 . GLN A 1 72  ? 12.826  0.670   9.371   1.00 32.94 ? 70  GLN A NE2 1 
ATOM   549 N N   . LEU A 1 73  ? 8.405   3.682   13.998  1.00 32.66 ? 71  LEU A N   1 
ATOM   550 C CA  . LEU A 1 73  ? 7.564   4.845   14.257  1.00 31.41 ? 71  LEU A CA  1 
ATOM   551 C C   . LEU A 1 73  ? 7.148   4.859   15.720  1.00 35.21 ? 71  LEU A C   1 
ATOM   552 O O   . LEU A 1 73  ? 7.094   3.815   16.378  1.00 33.59 ? 71  LEU A O   1 
ATOM   553 C CB  . LEU A 1 73  ? 6.295   4.857   13.379  1.00 28.75 ? 71  LEU A CB  1 
ATOM   554 C CG  . LEU A 1 73  ? 6.465   5.043   11.870  1.00 29.35 ? 71  LEU A CG  1 
ATOM   555 C CD1 . LEU A 1 73  ? 5.141   4.782   11.147  1.00 29.02 ? 71  LEU A CD1 1 
ATOM   556 C CD2 . LEU A 1 73  ? 6.998   6.437   11.533  1.00 31.55 ? 71  LEU A CD2 1 
ATOM   557 N N   . ASN A 1 74  ? 6.850   6.054   16.225  1.00 33.63 ? 72  ASN A N   1 
ATOM   558 C CA  . ASN A 1 74  ? 6.201   6.146   17.526  1.00 36.38 ? 72  ASN A CA  1 
ATOM   559 C C   . ASN A 1 74  ? 4.782   5.585   17.426  1.00 33.28 ? 72  ASN A C   1 
ATOM   560 O O   . ASN A 1 74  ? 4.287   5.278   16.339  1.00 33.16 ? 72  ASN A O   1 
ATOM   561 C CB  . ASN A 1 74  ? 6.208   7.590   18.042  1.00 40.04 ? 72  ASN A CB  1 
ATOM   562 C CG  . ASN A 1 74  ? 5.396   8.553   17.172  1.00 46.97 ? 72  ASN A CG  1 
ATOM   563 O OD1 . ASN A 1 74  ? 4.230   8.310   16.851  1.00 52.61 ? 72  ASN A OD1 1 
ATOM   564 N ND2 . ASN A 1 74  ? 6.015   9.670   16.810  1.00 55.72 ? 72  ASN A ND2 1 
ATOM   565 N N   . ASP A 1 75  ? 4.125   5.449   18.581  1.00 37.82 ? 73  ASP A N   1 
ATOM   566 C CA  . ASP A 1 75  ? 2.873   4.694   18.646  1.00 40.01 ? 73  ASP A CA  1 
ATOM   567 C C   . ASP A 1 75  ? 1.800   5.287   17.741  1.00 33.92 ? 73  ASP A C   1 
ATOM   568 O O   . ASP A 1 75  ? 1.124   4.559   17.004  1.00 33.19 ? 73  ASP A O   1 
ATOM   569 C CB  . ASP A 1 75  ? 2.372   4.629   20.090  1.00 43.89 ? 73  ASP A CB  1 
ATOM   570 C CG  . ASP A 1 75  ? 3.128   3.613   20.927  1.00 52.47 ? 73  ASP A CG  1 
ATOM   571 O OD1 . ASP A 1 75  ? 4.018   2.920   20.383  1.00 48.92 ? 73  ASP A OD1 1 
ATOM   572 O OD2 . ASP A 1 75  ? 2.821   3.508   22.131  1.00 51.82 ? 73  ASP A OD2 1 
ATOM   573 N N   . GLU A 1 76  ? 1.614   6.607   17.793  1.00 34.53 ? 74  GLU A N   1 
ATOM   574 C CA  . GLU A 1 76  ? 0.538   7.226   17.023  1.00 34.64 ? 74  GLU A CA  1 
ATOM   575 C C   . GLU A 1 76  ? 0.815   7.149   15.528  1.00 34.87 ? 74  GLU A C   1 
ATOM   576 O O   . GLU A 1 76  ? -0.070  6.799   14.737  1.00 33.21 ? 74  GLU A O   1 
ATOM   577 C CB  . GLU A 1 76  ? 0.347   8.681   17.449  1.00 39.26 ? 74  GLU A CB  1 
ATOM   578 C CG  . GLU A 1 76  ? -0.615  9.455   16.543  1.00 37.79 ? 74  GLU A CG  1 
ATOM   579 C CD  . GLU A 1 76  ? -0.758  10.910  16.959  1.00 50.12 ? 74  GLU A CD  1 
ATOM   580 O OE1 . GLU A 1 76  ? -1.363  11.169  18.022  1.00 44.74 ? 74  GLU A OE1 1 
ATOM   581 O OE2 . GLU A 1 76  ? -0.251  11.790  16.230  1.00 50.88 ? 74  GLU A OE2 1 
ATOM   582 N N   . ALA A 1 77  ? 2.039   7.493   15.121  1.00 28.46 ? 75  ALA A N   1 
ATOM   583 C CA  . ALA A 1 77  ? 2.402   7.428   13.711  1.00 28.29 ? 75  ALA A CA  1 
ATOM   584 C C   . ALA A 1 77  ? 2.289   6.004   13.182  1.00 29.75 ? 75  ALA A C   1 
ATOM   585 O O   . ALA A 1 77  ? 1.850   5.786   12.048  1.00 29.09 ? 75  ALA A O   1 
ATOM   586 C CB  . ALA A 1 77  ? 3.821   7.968   13.519  1.00 30.12 ? 75  ALA A CB  1 
ATOM   587 N N   . ALA A 1 78  ? 2.684   5.019   13.990  1.00 26.73 ? 76  ALA A N   1 
ATOM   588 C CA  . ALA A 1 78  ? 2.553   3.627   13.567  1.00 27.60 ? 76  ALA A CA  1 
ATOM   589 C C   . ALA A 1 78  ? 1.092   3.239   13.387  1.00 29.49 ? 76  ALA A C   1 
ATOM   590 O O   . ALA A 1 78  ? 0.742   2.529   12.437  1.00 26.03 ? 76  ALA A O   1 
ATOM   591 C CB  . ALA A 1 78  ? 3.225   2.707   14.588  1.00 28.58 ? 76  ALA A CB  1 
ATOM   592 N N   . GLN A 1 79  ? 0.224   3.669   14.309  1.00 26.76 ? 77  GLN A N   1 
ATOM   593 C CA  . GLN A 1 79  ? -1.201  3.381   14.158  1.00 25.27 ? 77  GLN A CA  1 
ATOM   594 C C   . GLN A 1 79  ? -1.743  3.975   12.866  1.00 26.83 ? 77  GLN A C   1 
ATOM   595 O O   . GLN A 1 79  ? -2.525  3.333   12.160  1.00 24.86 ? 77  GLN A O   1 
ATOM   596 C CB  . GLN A 1 79  ? -1.981  3.928   15.354  1.00 27.47 ? 77  GLN A CB  1 
ATOM   597 C CG  . GLN A 1 79  ? -1.743  3.187   16.652  1.00 31.03 ? 77  GLN A CG  1 
ATOM   598 C CD  . GLN A 1 79  ? -2.019  4.055   17.872  1.00 39.87 ? 77  GLN A CD  1 
ATOM   599 O OE1 . GLN A 1 79  ? -2.376  5.230   17.748  1.00 31.69 ? 77  GLN A OE1 1 
ATOM   600 N NE2 . GLN A 1 79  ? -1.847  3.481   19.060  1.00 45.53 ? 77  GLN A NE2 1 
ATOM   601 N N   . ARG A 1 80  ? -1.341  5.208   12.547  1.00 26.92 ? 78  ARG A N   1 
ATOM   602 C CA  . ARG A 1 80  ? -1.822  5.858   11.330  1.00 25.71 ? 78  ARG A CA  1 
ATOM   603 C C   . ARG A 1 80  ? -1.303  5.153   10.083  1.00 24.71 ? 78  ARG A C   1 
ATOM   604 O O   . ARG A 1 80  ? -2.040  4.986   9.108   1.00 25.18 ? 78  ARG A O   1 
ATOM   605 C CB  . ARG A 1 80  ? -1.404  7.331   11.324  1.00 28.02 ? 78  ARG A CB  1 
ATOM   606 C CG  . ARG A 1 80  ? -2.113  8.177   12.364  1.00 31.48 ? 78  ARG A CG  1 
ATOM   607 C CD  . ARG A 1 80  ? -1.766  9.659   12.210  1.00 31.65 ? 78  ARG A CD  1 
ATOM   608 N NE  . ARG A 1 80  ? -2.396  10.458  13.256  1.00 33.68 ? 78  ARG A NE  1 
ATOM   609 C CZ  . ARG A 1 80  ? -2.175  11.754  13.444  1.00 42.61 ? 78  ARG A CZ  1 
ATOM   610 N NH1 . ARG A 1 80  ? -1.329  12.406  12.653  1.00 37.77 ? 78  ARG A NH1 1 
ATOM   611 N NH2 . ARG A 1 80  ? -2.795  12.395  14.432  1.00 34.99 ? 78  ARG A NH2 1 
ATOM   612 N N   . LEU A 1 81  ? -0.036  4.728   10.095  1.00 24.07 ? 79  LEU A N   1 
ATOM   613 C CA  . LEU A 1 81  ? 0.495   3.985   8.954   1.00 24.03 ? 79  LEU A CA  1 
ATOM   614 C C   . LEU A 1 81  ? -0.302  2.706   8.713   1.00 25.81 ? 79  LEU A C   1 
ATOM   615 O O   . LEU A 1 81  ? -0.613  2.360   7.566   1.00 24.53 ? 79  LEU A O   1 
ATOM   616 C CB  . LEU A 1 81  ? 1.974   3.655   9.190   1.00 23.20 ? 79  LEU A CB  1 
ATOM   617 C CG  . LEU A 1 81  ? 2.605   2.730   8.150   1.00 25.16 ? 79  LEU A CG  1 
ATOM   618 C CD1 . LEU A 1 81  ? 2.608   3.450   6.805   1.00 29.32 ? 79  LEU A CD1 1 
ATOM   619 C CD2 . LEU A 1 81  ? 4.030   2.323   8.558   1.00 27.31 ? 79  LEU A CD2 1 
ATOM   620 N N   . LEU A 1 82  ? -0.635  1.982   9.782   1.00 24.25 ? 80  LEU A N   1 
ATOM   621 C CA  . LEU A 1 82  ? -1.347  0.722   9.600   1.00 25.64 ? 80  LEU A CA  1 
ATOM   622 C C   . LEU A 1 82  ? -2.743  0.960   9.047   1.00 25.31 ? 80  LEU A C   1 
ATOM   623 O O   . LEU A 1 82  ? -3.233  0.165   8.234   1.00 26.05 ? 80  LEU A O   1 
ATOM   624 C CB  . LEU A 1 82  ? -1.404  -0.050  10.920  1.00 24.65 ? 80  LEU A CB  1 
ATOM   625 C CG  . LEU A 1 82  ? -0.029  -0.564  11.351  1.00 26.43 ? 80  LEU A CG  1 
ATOM   626 C CD1 . LEU A 1 82  ? -0.079  -1.180  12.738  1.00 34.43 ? 80  LEU A CD1 1 
ATOM   627 C CD2 . LEU A 1 82  ? 0.497   -1.582  10.341  1.00 28.93 ? 80  LEU A CD2 1 
ATOM   628 N N   . VAL A 1 83  ? -3.401  2.048   9.471   1.00 22.70 ? 81  VAL A N   1 
ATOM   629 C CA  . VAL A 1 83  ? -4.709  2.378   8.895   1.00 23.99 ? 81  VAL A CA  1 
ATOM   630 C C   . VAL A 1 83  ? -4.567  2.677   7.411   1.00 24.49 ? 81  VAL A C   1 
ATOM   631 O O   . VAL A 1 83  ? -5.304  2.142   6.578   1.00 24.77 ? 81  VAL A O   1 
ATOM   632 C CB  . VAL A 1 83  ? -5.358  3.563   9.632   1.00 24.36 ? 81  VAL A CB  1 
ATOM   633 C CG1 . VAL A 1 83  ? -6.622  4.027   8.869   1.00 26.40 ? 81  VAL A CG1 1 
ATOM   634 C CG2 . VAL A 1 83  ? -5.715  3.171   11.063  1.00 28.75 ? 81  VAL A CG2 1 
ATOM   635 N N   . ALA A 1 84  ? -3.606  3.539   7.057   1.00 24.58 ? 82  ALA A N   1 
ATOM   636 C CA  . ALA A 1 84  ? -3.414  3.878   5.652   1.00 23.61 ? 82  ALA A CA  1 
ATOM   637 C C   . ALA A 1 84  ? -3.126  2.639   4.814   1.00 25.85 ? 82  ALA A C   1 
ATOM   638 O O   . ALA A 1 84  ? -3.637  2.503   3.698   1.00 25.13 ? 82  ALA A O   1 
ATOM   639 C CB  . ALA A 1 84  ? -2.282  4.899   5.505   1.00 26.09 ? 82  ALA A CB  1 
ATOM   640 N N   . ALA A 1 85  ? -2.305  1.723   5.332   1.00 24.89 ? 83  ALA A N   1 
ATOM   641 C CA  . ALA A 1 85  ? -1.984  0.517   4.575   1.00 30.52 ? 83  ALA A CA  1 
ATOM   642 C C   . ALA A 1 85  ? -3.186  -0.408  4.446   1.00 25.29 ? 83  ALA A C   1 
ATOM   643 O O   . ALA A 1 85  ? -3.331  -1.096  3.431   1.00 24.54 ? 83  ALA A O   1 
ATOM   644 C CB  . ALA A 1 85  ? -0.829  -0.228  5.234   1.00 26.47 ? 83  ALA A CB  1 
ATOM   645 N N   . GLN A 1 86  ? -4.052  -0.448  5.461   1.00 23.62 ? 84  GLN A N   1 
ATOM   646 C CA  . GLN A 1 86  ? -5.292  -1.200  5.315   1.00 22.50 ? 84  GLN A CA  1 
ATOM   647 C C   . GLN A 1 86  ? -6.118  -0.635  4.170   1.00 26.37 ? 84  GLN A C   1 
ATOM   648 O O   . GLN A 1 86  ? -6.720  -1.389  3.399   1.00 27.06 ? 84  GLN A O   1 
ATOM   649 C CB  . GLN A 1 86  ? -6.104  -1.155  6.613   1.00 25.81 ? 84  GLN A CB  1 
ATOM   650 C CG  . GLN A 1 86  ? -5.547  -1.991  7.745   1.00 39.20 ? 84  GLN A CG  1 
ATOM   651 C CD  . GLN A 1 86  ? -5.692  -3.476  7.511   1.00 65.94 ? 84  GLN A CD  1 
ATOM   652 O OE1 . GLN A 1 86  ? -6.497  -3.912  6.685   1.00 69.07 ? 84  GLN A OE1 1 
ATOM   653 N NE2 . GLN A 1 86  ? -4.909  -4.268  8.240   1.00 70.17 ? 84  GLN A NE2 1 
ATOM   654 N N   . VAL A 1 87  ? -6.150  0.694   4.039   1.00 24.91 ? 85  VAL A N   1 
ATOM   655 C CA  . VAL A 1 87  ? -6.906  1.302   2.949   1.00 25.78 ? 85  VAL A CA  1 
ATOM   656 C C   . VAL A 1 87  ? -6.297  0.918   1.605   1.00 26.07 ? 85  VAL A C   1 
ATOM   657 O O   . VAL A 1 87  ? -7.019  0.657   0.637   1.00 24.98 ? 85  VAL A O   1 
ATOM   658 C CB  . VAL A 1 87  ? -6.982  2.833   3.120   1.00 27.32 ? 85  VAL A CB  1 
ATOM   659 C CG1 . VAL A 1 87  ? -7.691  3.471   1.917   1.00 25.25 ? 85  VAL A CG1 1 
ATOM   660 C CG2 . VAL A 1 87  ? -7.705  3.194   4.429   1.00 27.01 ? 85  VAL A CG2 1 
ATOM   661 N N   . ILE A 1 88  ? -4.964  0.887   1.509   1.00 24.44 ? 86  ILE A N   1 
ATOM   662 C CA  . ILE A 1 88  ? -4.358  0.470   0.244   1.00 22.15 ? 86  ILE A CA  1 
ATOM   663 C C   . ILE A 1 88  ? -4.867  -0.904  -0.155  1.00 22.79 ? 86  ILE A C   1 
ATOM   664 O O   . ILE A 1 88  ? -5.274  -1.127  -1.301  1.00 24.20 ? 86  ILE A O   1 
ATOM   665 C CB  . ILE A 1 88  ? -2.823  0.473   0.331   1.00 23.41 ? 86  ILE A CB  1 
ATOM   666 C CG1 . ILE A 1 88  ? -2.301  1.884   0.550   1.00 25.13 ? 86  ILE A CG1 1 
ATOM   667 C CG2 . ILE A 1 88  ? -2.235  -0.108  -0.960  1.00 25.37 ? 86  ILE A CG2 1 
ATOM   668 C CD1 . ILE A 1 88  ? -0.769  1.951   0.634   1.00 27.41 ? 86  ILE A CD1 1 
ATOM   669 N N   . VAL A 1 89  ? -4.843  -1.850  0.784   1.00 24.56 ? 87  VAL A N   1 
ATOM   670 C CA  . VAL A 1 89  ? -5.254  -3.211  0.464   1.00 23.13 ? 87  VAL A CA  1 
ATOM   671 C C   . VAL A 1 89  ? -6.739  -3.260  0.127   1.00 26.09 ? 87  VAL A C   1 
ATOM   672 O O   . VAL A 1 89  ? -7.156  -3.979  -0.787  1.00 26.31 ? 87  VAL A O   1 
ATOM   673 C CB  . VAL A 1 89  ? -4.893  -4.152  1.631   1.00 27.80 ? 87  VAL A CB  1 
ATOM   674 C CG1 . VAL A 1 89  ? -5.556  -5.490  1.467   1.00 33.94 ? 87  VAL A CG1 1 
ATOM   675 C CG2 . VAL A 1 89  ? -3.367  -4.309  1.699   1.00 27.20 ? 87  VAL A CG2 1 
ATOM   676 N N   . GLN A 1 90  ? -7.541  -2.475  0.821   1.00 24.20 ? 88  GLN A N   1 
ATOM   677 C CA  . GLN A 1 90  ? -8.989  -2.467  0.543   1.00 26.12 ? 88  GLN A CA  1 
ATOM   678 C C   . GLN A 1 90  ? -9.257  -1.941  -0.866  1.00 26.68 ? 88  GLN A C   1 
ATOM   679 O O   . GLN A 1 90  ? -10.100 -2.463  -1.516  1.00 27.26 ? 88  GLN A O   1 
ATOM   680 C CB  . GLN A 1 90  ? -9.712  -1.645  1.597   1.00 26.37 ? 88  GLN A CB  1 
ATOM   681 C CG  . GLN A 1 90  ? -9.847  -2.404  2.890   1.00 30.32 ? 88  GLN A CG  1 
ATOM   682 C CD  . GLN A 1 90  ? -10.014 -1.583  4.140   1.00 47.62 ? 88  GLN A CD  1 
ATOM   683 O OE1 . GLN A 1 90  ? -10.085 -0.388  4.128   1.00 41.39 ? 88  GLN A OE1 1 
ATOM   684 N NE2 . GLN A 1 90  ? -10.040 -2.269  5.261   1.00 56.79 ? 88  GLN A NE2 1 
ATOM   685 N N   . VAL A 1 91  ? -8.530  -0.913  -1.254  1.00 24.22 ? 89  VAL A N   1 
ATOM   686 C CA  . VAL A 1 91  ? -8.721  -0.366  -2.591  1.00 25.94 ? 89  VAL A CA  1 
ATOM   687 C C   . VAL A 1 91  ? -8.210  -1.344  -3.638  1.00 28.78 ? 89  VAL A C   1 
ATOM   688 O O   . VAL A 1 91  ? -8.868  -1.575  -4.658  1.00 26.84 ? 89  VAL A O   1 
ATOM   689 C CB  . VAL A 1 91  ? -8.034  1.005   -2.713  1.00 24.21 ? 89  VAL A CB  1 
ATOM   690 C CG1 . VAL A 1 91  ? -8.022  1.474   -4.160  1.00 28.34 ? 89  VAL A CG1 1 
ATOM   691 C CG2 . VAL A 1 91  ? -8.714  2.029   -1.790  1.00 24.17 ? 89  VAL A CG2 1 
ATOM   692 N N   . LEU A 1 92  ? -7.032  -1.932  -3.411  1.00 23.98 ? 90  LEU A N   1 
ATOM   693 C CA  . LEU A 1 92  ? -6.521  -2.909  -4.372  1.00 25.42 ? 90  LEU A CA  1 
ATOM   694 C C   . LEU A 1 92  ? -7.516  -4.045  -4.570  1.00 26.28 ? 90  LEU A C   1 
ATOM   695 O O   . LEU A 1 92  ? -7.779  -4.470  -5.701  1.00 28.64 ? 90  LEU A O   1 
ATOM   696 C CB  . LEU A 1 92  ? -5.165  -3.462  -3.909  1.00 23.71 ? 90  LEU A CB  1 
ATOM   697 C CG  . LEU A 1 92  ? -3.955  -2.528  -4.008  1.00 26.90 ? 90  LEU A CG  1 
ATOM   698 C CD1 . LEU A 1 92  ? -2.754  -3.191  -3.348  1.00 25.58 ? 90  LEU A CD1 1 
ATOM   699 C CD2 . LEU A 1 92  ? -3.655  -2.191  -5.475  1.00 26.19 ? 90  LEU A CD2 1 
ATOM   700 N N   . GLN A 1 93  ? -8.069  -4.561  -3.470  1.00 24.42 ? 91  GLN A N   1 
ATOM   701 C CA  . GLN A 1 93  ? -9.013  -5.670  -3.569  1.00 23.64 ? 91  GLN A CA  1 
ATOM   702 C C   . GLN A 1 93  ? -10.238 -5.281  -4.381  1.00 30.27 ? 91  GLN A C   1 
ATOM   703 O O   . GLN A 1 93  ? -10.708 -6.055  -5.223  1.00 29.12 ? 91  GLN A O   1 
ATOM   704 C CB  . GLN A 1 93  ? -9.432  -6.127  -2.171  1.00 28.27 ? 91  GLN A CB  1 
ATOM   705 C CG  . GLN A 1 93  ? -10.307 -7.369  -2.166  1.00 39.14 ? 91  GLN A CG  1 
ATOM   706 C CD  . GLN A 1 93  ? -10.583 -7.856  -0.764  1.00 49.45 ? 91  GLN A CD  1 
ATOM   707 O OE1 . GLN A 1 93  ? -10.833 -7.058  0.140   1.00 50.30 ? 91  GLN A OE1 1 
ATOM   708 N NE2 . GLN A 1 93  ? -10.497 -9.163  -0.563  1.00 61.26 ? 91  GLN A NE2 1 
ATOM   709 N N   . GLN A 1 94  ? -10.769 -4.081  -4.140  1.00 27.78 ? 92  GLN A N   1 
ATOM   710 C CA  . GLN A 1 94  ? -11.967 -3.652  -4.855  1.00 28.28 ? 92  GLN A CA  1 
ATOM   711 C C   . GLN A 1 94  ? -11.670 -3.396  -6.329  1.00 26.94 ? 92  GLN A C   1 
ATOM   712 O O   . GLN A 1 94  ? -12.464 -3.765  -7.198  1.00 29.23 ? 92  GLN A O   1 
ATOM   713 C CB  . GLN A 1 94  ? -12.551 -2.401  -4.193  1.00 28.15 ? 92  GLN A CB  1 
ATOM   714 C CG  . GLN A 1 94  ? -13.814 -1.857  -4.887  1.00 28.11 ? 92  GLN A CG  1 
ATOM   715 C CD  . GLN A 1 94  ? -14.897 -2.907  -5.024  1.00 29.39 ? 92  GLN A CD  1 
ATOM   716 O OE1 . GLN A 1 94  ? -14.971 -3.843  -4.226  1.00 31.75 ? 92  GLN A OE1 1 
ATOM   717 N NE2 . GLN A 1 94  ? -15.759 -2.747  -6.035  1.00 32.38 ? 92  GLN A NE2 1 
ATOM   718 N N   . LEU A 1 95  ? -10.533 -2.761  -6.634  1.00 27.12 ? 93  LEU A N   1 
ATOM   719 C CA  . LEU A 1 95  ? -10.167 -2.573  -8.037  1.00 26.95 ? 93  LEU A CA  1 
ATOM   720 C C   . LEU A 1 95  ? -10.022 -3.914  -8.751  1.00 30.59 ? 93  LEU A C   1 
ATOM   721 O O   . LEU A 1 95  ? -10.400 -4.046  -9.923  1.00 33.13 ? 93  LEU A O   1 
ATOM   722 C CB  . LEU A 1 95  ? -8.876  -1.758  -8.147  1.00 26.26 ? 93  LEU A CB  1 
ATOM   723 C CG  . LEU A 1 95  ? -8.981  -0.286  -7.723  1.00 30.11 ? 93  LEU A CG  1 
ATOM   724 C CD1 . LEU A 1 95  ? -7.612  0.408   -7.779  1.00 33.59 ? 93  LEU A CD1 1 
ATOM   725 C CD2 . LEU A 1 95  ? -9.995  0.454   -8.579  1.00 36.81 ? 93  LEU A CD2 1 
ATOM   726 N N   . GLY A 1 96  ? -9.475  -4.920  -8.065  1.00 28.01 ? 94  GLY A N   1 
ATOM   727 C CA  . GLY A 1 96  ? -9.390  -6.241  -8.669  1.00 29.81 ? 94  GLY A CA  1 
ATOM   728 C C   . GLY A 1 96  ? -10.760 -6.817  -8.977  1.00 33.62 ? 94  GLY A C   1 
ATOM   729 O O   . GLY A 1 96  ? -10.986 -7.370  -10.056 1.00 34.95 ? 94  GLY A O   1 
ATOM   730 N N   . LEU A 1 97  ? -11.708 -6.638  -8.075  1.00 31.56 ? 95  LEU A N   1 
ATOM   731 C CA  . LEU A 1 97  ? -13.080 -7.126  -8.336  1.00 33.75 ? 95  LEU A CA  1 
ATOM   732 C C   . LEU A 1 97  ? -13.695 -6.345  -9.491  1.00 39.57 ? 95  LEU A C   1 
ATOM   733 O O   . LEU A 1 97  ? -14.419 -6.904  -10.222 1.00 41.03 ? 95  LEU A O   1 
ATOM   734 C CB  . LEU A 1 97  ? -13.960 -6.868  -7.122  1.00 33.31 ? 95  LEU A CB  1 
ATOM   735 C CG  . LEU A 1 97  ? -13.838 -7.808  -5.942  1.00 45.42 ? 95  LEU A CG  1 
ATOM   736 C CD1 . LEU A 1 97  ? -14.977 -7.526  -4.990  1.00 49.71 ? 95  LEU A CD1 1 
ATOM   737 C CD2 . LEU A 1 97  ? -13.876 -9.253  -6.376  1.00 48.21 ? 95  LEU A CD2 1 
ATOM   738 N N   . GLU A 1 98  ? -13.454 -5.059  -9.586  1.00 32.31 ? 96  GLU A N   1 
ATOM   739 C CA  . GLU A 1 98  ? -14.080 -4.283  -10.665 1.00 34.48 ? 96  GLU A CA  1 
ATOM   740 C C   . GLU A 1 98  ? -13.457 -4.678  -12.002 1.00 45.67 ? 96  GLU A C   1 
ATOM   741 O O   . GLU A 1 98  ? -14.141 -4.638  -12.985 1.00 48.47 ? 96  GLU A O   1 
ATOM   742 C CB  . GLU A 1 98  ? -13.984 -2.798  -10.368 1.00 32.32 ? 96  GLU A CB  1 
ATOM   743 C CG  . GLU A 1 98  ? -14.797 -2.388  -9.167  1.00 35.26 ? 96  GLU A CG  1 
ATOM   744 C CD  . GLU A 1 98  ? -14.876 -0.903  -8.888  1.00 42.27 ? 96  GLU A CD  1 
ATOM   745 O OE1 . GLU A 1 98  ? -14.351 -0.158  -9.663  1.00 45.60 ? 96  GLU A OE1 1 
ATOM   746 O OE2 . GLU A 1 98  ? -15.436 -0.530  -7.907  1.00 37.01 ? 96  GLU A OE2 1 
ATOM   747 N N   . HIS A 1 99  ? -12.205 -5.094  -11.990 1.00 38.41 ? 97  HIS A N   1 
ATOM   748 C CA  . HIS A 1 99  ? -11.507 -5.484  -13.233 1.00 42.93 ? 97  HIS A CA  1 
ATOM   749 C C   . HIS A 1 99  ? -12.150 -6.740  -13.810 1.00 44.63 ? 97  HIS A C   1 
ATOM   750 O O   . HIS A 1 99  ? -12.269 -6.782  -14.999 1.00 60.44 ? 97  HIS A O   1 
ATOM   751 C CB  . HIS A 1 99  ? -10.015 -5.587  -12.985 1.00 44.05 ? 97  HIS A CB  1 
ATOM   752 C CG  . HIS A 1 99  ? -9.254  -5.769  -14.242 1.00 57.41 ? 97  HIS A CG  1 
ATOM   753 N ND1 . HIS A 1 99  ? -9.038  -4.749  -15.108 1.00 64.13 ? 97  HIS A ND1 1 
ATOM   754 C CD2 . HIS A 1 99  ? -8.691  -6.854  -14.788 1.00 62.48 ? 97  HIS A CD2 1 
ATOM   755 C CE1 . HIS A 1 99  ? -8.361  -5.192  -16.132 1.00 62.46 ? 97  HIS A CE1 1 
ATOM   756 N NE2 . HIS A 1 99  ? -8.142  -6.463  -15.957 1.00 61.88 ? 97  HIS A NE2 1 
ATOM   757 N N   . HIS A 1 100 ? -12.552 -7.651  -12.929 1.00 30.00 ? 98  HIS A N   1 
ATOM   758 C CA  . HIS A 1 100 ? -13.313 -8.938  -13.028 1.00 30.00 ? 98  HIS A CA  1 
ATOM   759 C C   . HIS A 1 100 ? -12.402 -10.146 -12.830 1.00 30.00 ? 98  HIS A C   1 
ATOM   760 O O   . HIS A 1 100 ? -11.978 -10.334 -11.690 1.00 30.00 ? 98  HIS A O   1 
ATOM   761 C CB  . HIS A 1 100 ? -14.332 -9.057  -14.178 1.00 30.00 ? 98  HIS A CB  1 
ATOM   762 C CG  . HIS A 1 100 ? -15.294 -7.926  -14.311 1.00 30.00 ? 98  HIS A CG  1 
ATOM   763 N ND1 . HIS A 1 100 ? -16.183 -7.591  -13.322 1.00 30.00 ? 98  HIS A ND1 1 
ATOM   764 C CD2 . HIS A 1 100 ? -15.532 -7.080  -15.334 1.00 30.00 ? 98  HIS A CD2 1 
ATOM   765 C CE1 . HIS A 1 100 ? -16.930 -6.586  -13.724 1.00 30.00 ? 98  HIS A CE1 1 
ATOM   766 N NE2 . HIS A 1 100 ? -16.548 -6.256  -14.955 1.00 30.00 ? 98  HIS A NE2 1 
HETATM 767 O O   . HOH B 2 .   ? -1.786  16.771  6.587   1.00 53.64 ? 201 HOH A O   1 
HETATM 768 O O   . HOH B 2 .   ? 11.858  -0.755  2.292   1.00 52.18 ? 202 HOH A O   1 
HETATM 769 O O   . HOH B 2 .   ? 2.498   -9.789  7.858   1.00 55.34 ? 203 HOH A O   1 
HETATM 770 O O   . HOH B 2 .   ? -4.747  -5.127  5.545   1.00 47.49 ? 204 HOH A O   1 
HETATM 771 O O   . HOH B 2 .   ? -2.783  -3.821  9.596   1.00 50.32 ? 205 HOH A O   1 
HETATM 772 O O   . HOH B 2 .   ? -1.726  -10.644 4.094   1.00 56.72 ? 206 HOH A O   1 
HETATM 773 O O   . HOH B 2 .   ? -14.386 -4.941  -1.979  1.00 29.89 ? 207 HOH A O   1 
HETATM 774 O O   . HOH B 2 .   ? 2.608   -14.163 -12.531 1.00 65.96 ? 208 HOH A O   1 
HETATM 775 O O   . HOH B 2 .   ? 0.560   -5.697  -20.969 1.00 39.54 ? 209 HOH A O   1 
HETATM 776 O O   . HOH B 2 .   ? 11.376  -1.471  9.942   1.00 32.65 ? 210 HOH A O   1 
HETATM 777 O O   . HOH B 2 .   ? 4.235   10.841  -4.523  1.00 41.17 ? 211 HOH A O   1 
HETATM 778 O O   . HOH B 2 .   ? 5.909   2.579   18.511  1.00 53.54 ? 212 HOH A O   1 
HETATM 779 O O   . HOH B 2 .   ? -0.772  -15.090 -4.554  1.00 52.94 ? 213 HOH A O   1 
HETATM 780 O O   . HOH B 2 .   ? -2.155  -2.305  7.797   1.00 37.21 ? 214 HOH A O   1 
HETATM 781 O O   . HOH B 2 .   ? -8.765  11.391  3.225   1.00 32.65 ? 215 HOH A O   1 
HETATM 782 O O   . HOH B 2 .   ? -9.998  -8.696  -5.438  1.00 41.15 ? 216 HOH A O   1 
HETATM 783 O O   . HOH B 2 .   ? 7.528   8.191   14.640  1.00 40.58 ? 217 HOH A O   1 
HETATM 784 O O   . HOH B 2 .   ? 10.805  6.592   0.455   1.00 49.83 ? 218 HOH A O   1 
HETATM 785 O O   . HOH B 2 .   ? 1.771   11.286  14.390  1.00 47.65 ? 219 HOH A O   1 
HETATM 786 O O   . HOH B 2 .   ? 1.410   3.190   -11.876 1.00 33.52 ? 220 HOH A O   1 
HETATM 787 O O   . HOH B 2 .   ? -2.250  7.070   19.836  1.00 46.33 ? 221 HOH A O   1 
HETATM 788 O O   . HOH B 2 .   ? 10.153  -7.846  -4.898  1.00 45.06 ? 222 HOH A O   1 
HETATM 789 O O   . HOH B 2 .   ? 4.754   -11.642 -8.497  1.00 57.59 ? 223 HOH A O   1 
HETATM 790 O O   . HOH B 2 .   ? 11.020  -1.663  -2.449  1.00 32.64 ? 224 HOH A O   1 
HETATM 791 O O   . HOH B 2 .   ? 4.863   14.241  -1.240  1.00 58.15 ? 225 HOH A O   1 
HETATM 792 O O   . HOH B 2 .   ? -12.005 -4.199  -0.417  1.00 28.56 ? 226 HOH A O   1 
HETATM 793 O O   . HOH B 2 .   ? 12.925  1.174   15.361  1.00 44.04 ? 227 HOH A O   1 
HETATM 794 O O   . HOH B 2 .   ? 10.021  4.857   -1.269  1.00 39.46 ? 228 HOH A O   1 
HETATM 795 O O   . HOH B 2 .   ? -3.180  7.543   -8.485  1.00 34.02 ? 229 HOH A O   1 
HETATM 796 O O   . HOH B 2 .   ? -8.767  0.585   -12.748 1.00 68.16 ? 230 HOH A O   1 
HETATM 797 O O   . HOH B 2 .   ? -6.900  10.060  -2.939  1.00 49.56 ? 231 HOH A O   1 
HETATM 798 O O   . HOH B 2 .   ? 0.787   -9.584  4.963   1.00 37.70 ? 232 HOH A O   1 
HETATM 799 O O   . HOH B 2 .   ? -0.360  15.146  13.254  1.00 56.72 ? 233 HOH A O   1 
HETATM 800 O O   . HOH B 2 .   ? -8.631  -10.697 -2.081  1.00 57.66 ? 234 HOH A O   1 
HETATM 801 O O   . HOH B 2 .   ? 2.671   8.357   19.783  1.00 41.90 ? 235 HOH A O   1 
HETATM 802 O O   . HOH B 2 .   ? 6.328   11.012  14.294  1.00 56.23 ? 236 HOH A O   1 
HETATM 803 O O   . HOH B 2 .   ? 9.398   -0.539  17.857  1.00 47.84 ? 237 HOH A O   1 
HETATM 804 O O   . HOH B 2 .   ? -3.868  1.122   13.416  1.00 27.90 ? 238 HOH A O   1 
HETATM 805 O O   . HOH B 2 .   ? 1.622   10.958  11.536  1.00 33.99 ? 239 HOH A O   1 
HETATM 806 O O   . HOH B 2 .   ? 8.729   -9.525  -14.022 1.00 53.12 ? 240 HOH A O   1 
HETATM 807 O O   . HOH B 2 .   ? -5.777  2.087   -11.123 1.00 41.91 ? 241 HOH A O   1 
HETATM 808 O O   . HOH B 2 .   ? 13.990  4.835   12.060  1.00 53.50 ? 242 HOH A O   1 
HETATM 809 O O   . HOH B 2 .   ? 6.468   7.919   -6.028  1.00 54.83 ? 243 HOH A O   1 
HETATM 810 O O   . HOH B 2 .   ? -10.537 -1.791  -11.842 1.00 40.17 ? 244 HOH A O   1 
HETATM 811 O O   . HOH B 2 .   ? -9.891  -2.022  -14.311 1.00 58.16 ? 245 HOH A O   1 
HETATM 812 O O   . HOH B 2 .   ? -5.654  -14.179 -12.916 1.00 57.45 ? 246 HOH A O   1 
HETATM 813 O O   . HOH B 2 .   ? -6.929  13.501  10.223  1.00 39.36 ? 247 HOH A O   1 
HETATM 814 O O   . HOH B 2 .   ? 12.201  6.571   12.378  1.00 61.61 ? 248 HOH A O   1 
HETATM 815 O O   . HOH B 2 .   ? 5.029   0.299   16.882  1.00 56.11 ? 249 HOH A O   1 
HETATM 816 O O   . HOH B 2 .   ? -3.837  -16.259 -10.496 1.00 48.52 ? 250 HOH A O   1 
HETATM 817 O O   . HOH B 2 .   ? -1.391  -5.348  11.226  1.00 52.94 ? 251 HOH A O   1 
HETATM 818 O O   . HOH B 2 .   ? -2.913  -8.156  2.853   1.00 48.30 ? 252 HOH A O   1 
HETATM 819 O O   . HOH B 2 .   ? -7.188  16.531  10.052  1.00 55.84 ? 253 HOH A O   1 
HETATM 820 O O   . HOH B 2 .   ? -6.551  -11.522 -5.744  1.00 58.68 ? 254 HOH A O   1 
HETATM 821 O O   . HOH B 2 .   ? 1.256   -12.820 -13.773 1.00 45.81 ? 255 HOH A O   1 
HETATM 822 O O   . HOH B 2 .   ? -2.428  -3.705  5.083   1.00 40.01 ? 256 HOH A O   1 
HETATM 823 O O   . HOH B 2 .   ? 3.950   11.580  15.198  1.00 60.47 ? 257 HOH A O   1 
HETATM 824 O O   . HOH B 2 .   ? -6.694  9.478   -5.692  1.00 46.93 ? 258 HOH A O   1 
HETATM 825 O O   . HOH B 2 .   ? 14.689  2.972   0.087   1.00 59.14 ? 259 HOH A O   1 
HETATM 826 O O   . HOH B 2 .   ? -12.164 -11.635 -8.472  1.00 68.62 ? 260 HOH A O   1 
HETATM 827 O O   . HOH B 2 .   ? 0.047   -8.313  -20.891 1.00 45.03 ? 261 HOH A O   1 
HETATM 828 O O   . HOH B 2 .   ? -10.017 -10.149 -8.024  1.00 60.03 ? 262 HOH A O   1 
HETATM 829 O O   . HOH B 2 .   ? 6.976   -11.789 -7.000  1.00 51.36 ? 263 HOH A O   1 
HETATM 830 O O   . HOH B 2 .   ? -0.422  5.158   -12.839 1.00 53.64 ? 264 HOH A O   1 
HETATM 831 O O   . HOH B 2 .   ? -4.507  -9.506  1.564   1.00 54.33 ? 265 HOH A O   1 
HETATM 832 O O   . HOH B 2 .   ? -3.359  15.546  12.696  1.00 60.60 ? 266 HOH A O   1 
HETATM 833 O O   . HOH B 2 .   ? -14.267 -7.690  -1.432  1.00 36.59 ? 267 HOH A O   1 
HETATM 834 O O   . HOH B 2 .   ? -3.202  6.296   -11.043 1.00 62.05 ? 268 HOH A O   1 
HETATM 835 O O   . HOH B 2 .   ? 11.241  0.289   -0.233  1.00 41.23 ? 269 HOH A O   1 
HETATM 836 O O   . HOH B 2 .   ? -9.106  10.992  0.488   0.50 33.34 ? 270 HOH A O   1 
HETATM 837 O O   . HOH B 2 .   ? -5.049  -0.779  11.826  1.00 39.79 ? 271 HOH A O   1 
HETATM 838 O O   . HOH B 2 .   ? 10.076  8.208   14.714  1.00 61.07 ? 272 HOH A O   1 
HETATM 839 O O   . HOH B 2 .   ? 0.222   -0.024  16.042  1.00 51.02 ? 273 HOH A O   1 
HETATM 840 O O   . HOH B 2 .   ? 12.156  2.430   -1.216  1.00 42.36 ? 274 HOH A O   1 
HETATM 841 O O   . HOH B 2 .   ? 8.237   -10.096 -16.538 1.00 44.22 ? 275 HOH A O   1 
HETATM 842 O O   . HOH B 2 .   ? 2.603   -1.330  15.708  1.00 53.03 ? 276 HOH A O   1 
HETATM 843 O O   . HOH B 2 .   ? -4.951  -7.591  4.637   1.00 52.14 ? 277 HOH A O   1 
HETATM 844 O O   . HOH B 2 .   ? -2.518  -0.298  15.309  1.00 35.33 ? 278 HOH A O   1 
HETATM 845 O O   . HOH B 2 .   ? -4.268  -0.522  17.732  1.00 55.37 ? 279 HOH A O   1 
HETATM 846 O O   . HOH B 2 .   ? -8.878  13.431  -0.670  0.50 40.92 ? 280 HOH A O   1 
HETATM 847 O O   . HOH B 2 .   ? -3.185  -3.034  14.584  1.00 60.73 ? 281 HOH A O   1 
# 
loop_
_atom_site_anisotrop.id 
_atom_site_anisotrop.type_symbol 
_atom_site_anisotrop.pdbx_label_atom_id 
_atom_site_anisotrop.pdbx_label_alt_id 
_atom_site_anisotrop.pdbx_label_comp_id 
_atom_site_anisotrop.pdbx_label_asym_id 
_atom_site_anisotrop.pdbx_label_seq_id 
_atom_site_anisotrop.pdbx_PDB_ins_code 
_atom_site_anisotrop.U[1][1] 
_atom_site_anisotrop.U[2][2] 
_atom_site_anisotrop.U[3][3] 
_atom_site_anisotrop.U[1][2] 
_atom_site_anisotrop.U[1][3] 
_atom_site_anisotrop.U[2][3] 
_atom_site_anisotrop.pdbx_auth_seq_id 
_atom_site_anisotrop.pdbx_auth_comp_id 
_atom_site_anisotrop.pdbx_auth_asym_id 
_atom_site_anisotrop.pdbx_auth_atom_id 
1   N N   . GLY A 2  ? 0.9138 0.8220 0.8205 -0.0083 0.0736  -0.0336 0  GLY A N   
2   C CA  . GLY A 2  ? 0.8904 0.7994 0.7965 -0.0005 0.0781  -0.0254 0  GLY A CA  
3   C C   . GLY A 2  ? 0.7129 0.6377 0.6192 0.0024  0.0725  -0.0158 0  GLY A C   
4   O O   . GLY A 2  ? 0.7389 0.6716 0.6384 0.0065  0.0743  -0.0147 0  GLY A O   
5   N N   . HIS A 3  ? 0.6394 0.5685 0.5538 0.0007  0.0664  -0.0087 1  HIS A N   
6   C CA  . HIS A 3  ? 0.5613 0.5041 0.4793 0.0028  0.0613  0.0006  1  HIS A CA  
7   C C   . HIS A 3  ? 0.5286 0.4702 0.4590 0.0043  0.0592  0.0098  1  HIS A C   
8   O O   . HIS A 3  ? 0.5028 0.4487 0.4391 0.0015  0.0531  0.0122  1  HIS A O   
9   C CB  . HIS A 3  ? 0.5142 0.4675 0.4290 -0.0017 0.0545  -0.0025 1  HIS A CB  
10  C CG  . HIS A 3  ? 0.5414 0.5026 0.4441 -0.0017 0.0556  -0.0099 1  HIS A CG  
11  N ND1 . HIS A 3  ? 0.5946 0.5689 0.4931 0.0033  0.0560  -0.0043 1  HIS A ND1 
12  C CD2 . HIS A 3  ? 0.5883 0.5468 0.4825 -0.0059 0.0563  -0.0227 1  HIS A CD2 
13  C CE1 . HIS A 3  ? 0.6763 0.6573 0.5624 0.0028  0.0566  -0.0134 1  HIS A CE1 
14  N NE2 . HIS A 3  ? 0.6615 0.6329 0.5450 -0.0032 0.0565  -0.0255 1  HIS A NE2 
15  N N   . PRO A 4  ? 0.5023 0.4390 0.4369 0.0091  0.0642  0.0148  2  PRO A N   
16  C CA  . PRO A 4  ? 0.5304 0.4683 0.4768 0.0107  0.0618  0.0226  2  PRO A CA  
17  C C   . PRO A 4  ? 0.4845 0.4340 0.4387 0.0110  0.0562  0.0298  2  PRO A C   
18  O O   . PRO A 4  ? 0.4543 0.4061 0.4182 0.0102  0.0518  0.0331  2  PRO A O   
19  C CB  . PRO A 4  ? 0.5975 0.5307 0.5458 0.0163  0.0689  0.0267  2  PRO A CB  
20  C CG  . PRO A 4  ? 0.6159 0.5496 0.5548 0.0188  0.0741  0.0242  2  PRO A CG  
21  C CD  . PRO A 4  ? 0.5534 0.4858 0.4825 0.0138  0.0722  0.0140  2  PRO A CD  
22  N N   . GLU A 5  ? 0.4342 0.3916 0.3853 0.0126  0.0568  0.0321  3  GLU A N   
23  C CA  . GLU A 5  ? 0.4225 0.3903 0.3835 0.0129  0.0526  0.0397  3  GLU A CA  
24  C C   . GLU A 5  ? 0.4314 0.4016 0.3943 0.0081  0.0459  0.0372  3  GLU A C   
25  O O   . GLU A 5  ? 0.3887 0.3634 0.3633 0.0076  0.0418  0.0422  3  GLU A O   
26  C CB  . GLU A 5  ? 0.4606 0.4375 0.4178 0.0166  0.0558  0.0443  3  GLU A CB  
27  C CG  . GLU A 5  ? 0.4469 0.4292 0.3918 0.0151  0.0547  0.0390  3  GLU A CG  
28  C CD  . GLU A 5  ? 0.5992 0.5745 0.5293 0.0143  0.0585  0.0282  3  GLU A CD  
29  O OE1 . GLU A 5  ? 0.5477 0.5128 0.4772 0.0158  0.0631  0.0260  3  GLU A OE1 
30  O OE2 . GLU A 5  ? 0.6531 0.6336 0.5733 0.0122  0.0568  0.0219  3  GLU A OE2 
31  N N   . ILE A 6  ? 0.4268 0.3944 0.3797 0.0046  0.0448  0.0292  4  ILE A N   
32  C CA  . ILE A 6  ? 0.4191 0.3894 0.3743 0.0004  0.0388  0.0273  4  ILE A CA  
33  C C   . ILE A 6  ? 0.4061 0.3699 0.3681 -0.0012 0.0362  0.0264  4  ILE A C   
34  O O   . ILE A 6  ? 0.4097 0.3768 0.3797 -0.0025 0.0315  0.0286  4  ILE A O   
35  C CB  . ILE A 6  ? 0.5034 0.4746 0.4468 -0.0032 0.0382  0.0193  4  ILE A CB  
36  C CG1 . ILE A 6  ? 0.5092 0.4902 0.4446 -0.0008 0.0402  0.0199  4  ILE A CG1 
37  C CG2 . ILE A 6  ? 0.4509 0.4259 0.3974 -0.0071 0.0322  0.0183  4  ILE A CG2 
38  C CD1 . ILE A 6  ? 0.5356 0.5202 0.4594 -0.0045 0.0389  0.0104  4  ILE A CD1 
39  N N   . VAL A 7  ? 0.4362 0.3910 0.3954 -0.0006 0.0399  0.0232  5  VAL A N   
40  C CA  . VAL A 7  ? 0.4138 0.3647 0.3791 -0.0007 0.0381  0.0235  5  VAL A CA  
41  C C   . VAL A 7  ? 0.4025 0.3593 0.3792 0.0019  0.0354  0.0297  5  VAL A C   
42  O O   . VAL A 7  ? 0.4084 0.3677 0.3915 0.0009  0.0306  0.0297  5  VAL A O   
43  C CB  . VAL A 7  ? 0.4417 0.3830 0.4033 0.0010  0.0441  0.0212  5  VAL A CB  
44  C CG1 . VAL A 7  ? 0.4722 0.4129 0.4405 0.0027  0.0428  0.0237  5  VAL A CG1 
45  C CG2 . VAL A 7  ? 0.5395 0.4745 0.4929 -0.0028 0.0464  0.0136  5  VAL A CG2 
46  N N   . ALA A 8  ? 0.3761 0.3354 0.3561 0.0051  0.0384  0.0345  6  ALA A N   
47  C CA  . ALA A 8  ? 0.3744 0.3400 0.3677 0.0069  0.0358  0.0399  6  ALA A CA  
48  C C   . ALA A 8  ? 0.3887 0.3603 0.3900 0.0046  0.0307  0.0415  6  ALA A C   
49  O O   . ALA A 8  ? 0.3748 0.3498 0.3875 0.0041  0.0266  0.0422  6  ALA A O   
50  C CB  . ALA A 8  ? 0.4212 0.3889 0.4174 0.0108  0.0408  0.0456  6  ALA A CB  
51  N N   . ALA A 9  ? 0.3290 0.3027 0.3250 0.0034  0.0313  0.0418  7  ALA A N   
52  C CA  . ALA A 9  ? 0.3352 0.3146 0.3396 0.0019  0.0274  0.0445  7  ALA A CA  
53  C C   . ALA A 9  ? 0.3588 0.3362 0.3643 -0.0010 0.0223  0.0394  7  ALA A C   
54  O O   . ALA A 9  ? 0.3366 0.3163 0.3535 -0.0017 0.0187  0.0405  7  ALA A O   
55  C CB  . ALA A 9  ? 0.4009 0.3855 0.3984 0.0023  0.0293  0.0468  7  ALA A CB  
56  N N   . ALA A 10 ? 0.3449 0.3175 0.3393 -0.0027 0.0224  0.0338  8  ALA A N   
57  C CA  . ALA A 10 ? 0.3619 0.3332 0.3567 -0.0048 0.0182  0.0299  8  ALA A CA  
58  C C   . ALA A 10 ? 0.3489 0.3201 0.3519 -0.0034 0.0158  0.0291  8  ALA A C   
59  O O   . ALA A 10 ? 0.3445 0.3180 0.3539 -0.0040 0.0115  0.0275  8  ALA A O   
60  C CB  . ALA A 10 ? 0.3711 0.3375 0.3542 -0.0067 0.0198  0.0249  8  ALA A CB  
61  N N   . VAL A 11 ? 0.3242 0.2937 0.3270 -0.0009 0.0185  0.0300  9  VAL A N   
62  C CA  . VAL A 11 ? 0.3115 0.2841 0.3219 0.0010  0.0159  0.0295  9  VAL A CA  
63  C C   . VAL A 11 ? 0.3307 0.3091 0.3555 0.0004  0.0121  0.0309  9  VAL A C   
64  O O   . VAL A 11 ? 0.3444 0.3265 0.3766 0.0003  0.0075  0.0275  9  VAL A O   
65  C CB  . VAL A 11 ? 0.3449 0.3166 0.3534 0.0044  0.0202  0.0318  9  VAL A CB  
66  C CG1 . VAL A 11 ? 0.3774 0.3562 0.3951 0.0069  0.0169  0.0318  9  VAL A CG1 
67  C CG2 . VAL A 11 ? 0.3792 0.3440 0.3763 0.0050  0.0243  0.0300  9  VAL A CG2 
68  N N   . ALA A 12 ? 0.3374 0.3172 0.3674 0.0003  0.0145  0.0357  10 ALA A N   
69  C CA  . ALA A 12 ? 0.3214 0.3058 0.3678 -0.0005 0.0122  0.0381  10 ALA A CA  
70  C C   . ALA A 12 ? 0.3410 0.3252 0.3924 -0.0028 0.0086  0.0355  10 ALA A C   
71  O O   . ALA A 12 ? 0.3527 0.3394 0.4182 -0.0038 0.0051  0.0334  10 ALA A O   
72  C CB  . ALA A 12 ? 0.3159 0.3020 0.3662 0.0006  0.0169  0.0456  10 ALA A CB  
73  N N   . PHE A 13 ? 0.3079 0.2898 0.3487 -0.0036 0.0093  0.0352  11 PHE A N   
74  C CA  . PHE A 13 ? 0.2884 0.2705 0.3333 -0.0051 0.0062  0.0332  11 PHE A CA  
75  C C   . PHE A 13 ? 0.3195 0.3010 0.3643 -0.0052 0.0018  0.0261  11 PHE A C   
76  O O   . PHE A 13 ? 0.3320 0.3145 0.3869 -0.0058 -0.0013 0.0232  11 PHE A O   
77  C CB  . PHE A 13 ? 0.3092 0.2911 0.3424 -0.0059 0.0077  0.0347  11 PHE A CB  
78  C CG  . PHE A 13 ? 0.3301 0.3160 0.3653 -0.0050 0.0111  0.0421  11 PHE A CG  
79  C CD1 . PHE A 13 ? 0.3648 0.3537 0.4154 -0.0044 0.0115  0.0473  11 PHE A CD1 
80  C CD2 . PHE A 13 ? 0.3553 0.3426 0.3777 -0.0044 0.0143  0.0436  11 PHE A CD2 
81  C CE1 . PHE A 13 ? 0.4508 0.4452 0.5035 -0.0024 0.0154  0.0559  11 PHE A CE1 
82  C CE2 . PHE A 13 ? 0.3639 0.3576 0.3870 -0.0026 0.0175  0.0506  11 PHE A CE2 
83  C CZ  . PHE A 13 ? 0.3737 0.3715 0.4118 -0.0012 0.0182  0.0576  11 PHE A CZ  
84  N N   . VAL A 14 ? 0.3192 0.2995 0.3532 -0.0041 0.0021  0.0233  12 VAL A N   
85  C CA  . VAL A 14 ? 0.2998 0.2820 0.3334 -0.0029 -0.0015 0.0175  12 VAL A CA  
86  C C   . VAL A 14 ? 0.3220 0.3094 0.3691 -0.0023 -0.0049 0.0148  12 VAL A C   
87  O O   . VAL A 14 ? 0.3347 0.3250 0.3873 -0.0020 -0.0091 0.0090  12 VAL A O   
88  C CB  . VAL A 14 ? 0.3387 0.3193 0.3599 -0.0010 0.0007  0.0172  12 VAL A CB  
89  C CG1 . VAL A 14 ? 0.3585 0.3442 0.3797 0.0017  -0.0027 0.0127  12 VAL A CG1 
90  C CG2 . VAL A 14 ? 0.3230 0.2990 0.3333 -0.0027 0.0033  0.0180  12 VAL A CG2 
91  N N   . ARG A 15 ? 0.2927 0.2819 0.3456 -0.0019 -0.0031 0.0183  13 ARG A N   
92  C CA  . ARG A 15 ? 0.2810 0.2764 0.3489 -0.0020 -0.0065 0.0155  13 ARG A CA  
93  C C   . ARG A 15 ? 0.3122 0.3069 0.3953 -0.0048 -0.0089 0.0132  13 ARG A C   
94  O O   . ARG A 15 ? 0.3307 0.3297 0.4248 -0.0055 -0.0135 0.0061  13 ARG A O   
95  C CB  . ARG A 15 ? 0.3043 0.3021 0.3774 -0.0013 -0.0034 0.0213  13 ARG A CB  
96  C CG  . ARG A 15 ? 0.3534 0.3597 0.4424 -0.0018 -0.0074 0.0180  13 ARG A CG  
97  C CD  . ARG A 15 ? 0.4157 0.4252 0.5108 -0.0008 -0.0039 0.0247  13 ARG A CD  
98  N NE  . ARG A 15 ? 0.6188 0.6365 0.7342 -0.0028 -0.0078 0.0220  13 ARG A NE  
99  C CZ  . ARG A 15 ? 0.6787 0.7068 0.7982 -0.0017 -0.0121 0.0172  13 ARG A CZ  
100 N NH1 . ARG A 15 ? 0.7618 0.7933 0.8662 0.0024  -0.0124 0.0162  13 ARG A NH1 
101 N NH2 . ARG A 15 ? 0.6013 0.6373 0.7409 -0.0044 -0.0160 0.0138  13 ARG A NH2 
102 N N   . GLN A 16 ? 0.3196 0.3094 0.4043 -0.0061 -0.0056 0.0186  14 GLN A N   
103 C CA  . GLN A 16 ? 0.3219 0.3106 0.4226 -0.0080 -0.0066 0.0177  14 GLN A CA  
104 C C   . GLN A 16 ? 0.3321 0.3197 0.4306 -0.0079 -0.0105 0.0097  14 GLN A C   
105 O O   . GLN A 16 ? 0.3395 0.3274 0.4526 -0.0091 -0.0132 0.0038  14 GLN A O   
106 C CB  . GLN A 16 ? 0.3414 0.3271 0.4431 -0.0081 -0.0017 0.0269  14 GLN A CB  
107 C CG  . GLN A 16 ? 0.4695 0.4534 0.5893 -0.0093 -0.0012 0.0280  14 GLN A CG  
108 C CD  . GLN A 16 ? 0.6983 0.6837 0.8416 -0.0112 -0.0016 0.0273  14 GLN A CD  
109 O OE1 . GLN A 16 ? 0.7868 0.7731 0.9410 -0.0110 0.0027  0.0362  14 GLN A OE1 
110 N NE2 . GLN A 16 ? 0.4468 0.4330 0.5985 -0.0128 -0.0067 0.0166  14 GLN A NE2 
111 N N   . ILE A 17 ? 0.2949 0.2814 0.3760 -0.0064 -0.0105 0.0089  15 ILE A N   
112 C CA  . ILE A 17 ? 0.3327 0.3191 0.4108 -0.0055 -0.0136 0.0021  15 ILE A CA  
113 C C   . ILE A 17 ? 0.3428 0.3352 0.4223 -0.0040 -0.0183 -0.0067 15 ILE A C   
114 O O   . ILE A 17 ? 0.3143 0.3081 0.3990 -0.0035 -0.0217 -0.0146 15 ILE A O   
115 C CB  . ILE A 17 ? 0.3443 0.3286 0.4052 -0.0044 -0.0118 0.0047  15 ILE A CB  
116 C CG1 . ILE A 17 ? 0.4118 0.3933 0.4731 -0.0058 -0.0083 0.0122  15 ILE A CG1 
117 C CG2 . ILE A 17 ? 0.3521 0.3377 0.4093 -0.0027 -0.0147 -0.0017 15 ILE A CG2 
118 C CD1 . ILE A 17 ? 0.4647 0.4455 0.5109 -0.0058 -0.0068 0.0145  15 ILE A CD1 
119 N N   . TRP A 18 ? 0.3126 0.3095 0.3876 -0.0028 -0.0183 -0.0057 16 TRP A N   
120 C CA  . TRP A 18 ? 0.3124 0.3184 0.3902 -0.0010 -0.0230 -0.0132 16 TRP A CA  
121 C C   . TRP A 18 ? 0.3387 0.3473 0.4370 -0.0038 -0.0266 -0.0198 16 TRP A C   
122 O O   . TRP A 18 ? 0.3216 0.3359 0.4240 -0.0030 -0.0316 -0.0300 16 TRP A O   
123 C CB  . TRP A 18 ? 0.2918 0.3027 0.3638 0.0011  -0.0215 -0.0087 16 TRP A CB  
124 C CG  . TRP A 18 ? 0.3001 0.3232 0.3787 0.0027  -0.0262 -0.0148 16 TRP A CG  
125 C CD1 . TRP A 18 ? 0.3118 0.3448 0.3838 0.0067  -0.0301 -0.0211 16 TRP A CD1 
126 C CD2 . TRP A 18 ? 0.3530 0.3819 0.4464 0.0008  -0.0277 -0.0147 16 TRP A CD2 
127 N NE1 . TRP A 18 ? 0.3523 0.3979 0.4335 0.0073  -0.0345 -0.0257 16 TRP A NE1 
128 C CE2 . TRP A 18 ? 0.4125 0.4554 0.5075 0.0034  -0.0331 -0.0220 16 TRP A CE2 
129 C CE3 . TRP A 18 ? 0.4360 0.4608 0.5415 -0.0024 -0.0247 -0.0088 16 TRP A CE3 
130 C CZ2 . TRP A 18 ? 0.4826 0.5357 0.5919 0.0020  -0.0362 -0.0241 16 TRP A CZ2 
131 C CZ3 . TRP A 18 ? 0.4528 0.4866 0.5732 -0.0037 -0.0271 -0.0101 16 TRP A CZ3 
132 C CH2 . TRP A 18 ? 0.4918 0.5396 0.6143 -0.0019 -0.0330 -0.0180 16 TRP A CH2 
133 N N   . GLU A 19 ? 0.3441 0.3487 0.4560 -0.0070 -0.0239 -0.0144 17 GLU A N   
134 C CA  . GLU A 19 ? 0.3812 0.3867 0.5160 -0.0104 -0.0263 -0.0200 17 GLU A CA  
135 C C   . GLU A 19 ? 0.3453 0.3457 0.4858 -0.0111 -0.0276 -0.0268 17 GLU A C   
136 O O   . GLU A 19 ? 0.3802 0.3839 0.5329 -0.0124 -0.0321 -0.0381 17 GLU A O   
137 C CB  . GLU A 19 ? 0.3782 0.3797 0.5266 -0.0129 -0.0216 -0.0102 17 GLU A CB  
138 C CG  . GLU A 19 ? 0.5242 0.5310 0.6696 -0.0121 -0.0199 -0.0038 17 GLU A CG  
139 C CD  . GLU A 19 ? 0.8030 0.8174 0.9689 -0.0147 -0.0230 -0.0076 17 GLU A CD  
140 O OE1 . GLU A 19 ? 0.8693 0.8891 1.0439 -0.0161 -0.0289 -0.0194 17 GLU A OE1 
141 O OE2 . GLU A 19 ? 0.8038 0.8197 0.9775 -0.0152 -0.0195 0.0007  17 GLU A OE2 
142 N N   . TYR A 20 ? 0.3133 0.3062 0.4459 -0.0101 -0.0237 -0.0205 18 TYR A N   
143 C CA  . TYR A 20 ? 0.3471 0.3349 0.4840 -0.0099 -0.0240 -0.0255 18 TYR A CA  
144 C C   . TYR A 20 ? 0.3475 0.3407 0.4756 -0.0073 -0.0291 -0.0374 18 TYR A C   
145 O O   . TYR A 20 ? 0.3667 0.3593 0.5059 -0.0078 -0.0317 -0.0475 18 TYR A O   
146 C CB  . TYR A 20 ? 0.3409 0.3230 0.4670 -0.0085 -0.0192 -0.0159 18 TYR A CB  
147 C CG  . TYR A 20 ? 0.3555 0.3340 0.4894 -0.0099 -0.0138 -0.0039 18 TYR A CG  
148 C CD1 . TYR A 20 ? 0.3977 0.3749 0.5529 -0.0123 -0.0121 -0.0016 18 TYR A CD1 
149 C CD2 . TYR A 20 ? 0.3464 0.3237 0.4664 -0.0085 -0.0102 0.0055  18 TYR A CD2 
150 C CE1 . TYR A 20 ? 0.4413 0.4168 0.6032 -0.0124 -0.0064 0.0108  18 TYR A CE1 
151 C CE2 . TYR A 20 ? 0.3967 0.3733 0.5221 -0.0089 -0.0053 0.0164  18 TYR A CE2 
152 C CZ  . TYR A 20 ? 0.4390 0.4148 0.5847 -0.0103 -0.0032 0.0198  18 TYR A CZ  
153 O OH  . TYR A 20 ? 0.4470 0.4238 0.5974 -0.0094 0.0024  0.0320  18 TYR A OH  
154 N N   . ALA A 21 ? 0.3666 0.3655 0.4754 -0.0040 -0.0301 -0.0362 19 ALA A N   
155 C CA  . ALA A 21 ? 0.3567 0.3630 0.4556 -0.0003 -0.0344 -0.0456 19 ALA A CA  
156 C C   . ALA A 21 ? 0.3708 0.3863 0.4810 -0.0008 -0.0401 -0.0576 19 ALA A C   
157 O O   . ALA A 21 ? 0.3917 0.4111 0.5045 0.0007  -0.0439 -0.0693 19 ALA A O   
158 C CB  . ALA A 21 ? 0.3649 0.3760 0.4434 0.0036  -0.0332 -0.0399 19 ALA A CB  
159 N N   . ARG A 22 ? 0.3403 0.3608 0.4575 -0.0029 -0.0410 -0.0552 20 ARG A N   
160 C CA  . ARG A 22 ? 0.3725 0.4042 0.5021 -0.0040 -0.0470 -0.0665 20 ARG A CA  
161 C C   . ARG A 22 ? 0.4165 0.4429 0.5677 -0.0083 -0.0488 -0.0766 20 ARG A C   
162 O O   . ARG A 22 ? 0.4413 0.4763 0.5996 -0.0085 -0.0546 -0.0910 20 ARG A O   
163 C CB  . ARG A 22 ? 0.3465 0.3833 0.4824 -0.0060 -0.0465 -0.0599 20 ARG A CB  
164 C CG  . ARG A 22 ? 0.5292 0.5820 0.6739 -0.0062 -0.0533 -0.0702 20 ARG A CG  
165 C CD  . ARG A 22 ? 0.5995 0.6590 0.7458 -0.0064 -0.0522 -0.0615 20 ARG A CD  
166 N NE  . ARG A 22 ? 0.6690 0.7178 0.8290 -0.0109 -0.0469 -0.0520 20 ARG A NE  
167 C CZ  . ARG A 22 ? 0.7806 0.8344 0.9498 -0.0124 -0.0460 -0.0458 20 ARG A CZ  
168 N NH1 . ARG A 22 ? 0.7205 0.7901 0.8871 -0.0100 -0.0500 -0.0482 20 ARG A NH1 
169 N NH2 . ARG A 22 ? 0.7708 0.8154 0.9517 -0.0156 -0.0406 -0.0364 20 ARG A NH2 
170 N N   . GLN A 23 ? 0.3980 0.4111 0.5603 -0.0115 -0.0435 -0.0694 21 GLN A N   
171 C CA  . GLN A 23 ? 0.4056 0.4115 0.5911 -0.0153 -0.0433 -0.0770 21 GLN A CA  
172 C C   . GLN A 23 ? 0.4906 0.4919 0.6717 -0.0126 -0.0437 -0.0855 21 GLN A C   
173 O O   . GLN A 23 ? 0.4564 0.4504 0.6567 -0.0153 -0.0428 -0.0926 21 GLN A O   
174 C CB  . GLN A 23 ? 0.4272 0.4219 0.6270 -0.0184 -0.0363 -0.0638 21 GLN A CB  
175 C CG  . GLN A 23 ? 0.4833 0.4825 0.6931 -0.0214 -0.0357 -0.0569 21 GLN A CG  
176 C CD  . GLN A 23 ? 0.6198 0.6110 0.8322 -0.0218 -0.0280 -0.0399 21 GLN A CD  
177 O OE1 . GLN A 23 ? 0.6035 0.5863 0.8123 -0.0203 -0.0234 -0.0333 21 GLN A OE1 
178 N NE2 . GLN A 23 ? 0.7677 0.7631 0.9859 -0.0233 -0.0266 -0.0324 21 GLN A NE2 
179 N N   . GLY A 24 ? 0.4052 0.4104 0.5628 -0.0073 -0.0443 -0.0844 22 GLY A N   
180 C CA  . GLY A 24 ? 0.4379 0.4401 0.5898 -0.0039 -0.0444 -0.0918 22 GLY A CA  
181 C C   . GLY A 24 ? 0.4279 0.4177 0.5786 -0.0032 -0.0379 -0.0814 22 GLY A C   
182 O O   . GLY A 24 ? 0.4477 0.4326 0.6011 -0.0012 -0.0369 -0.0876 22 GLY A O   
183 N N   . MET A 25 ? 0.3607 0.3462 0.5072 -0.0043 -0.0333 -0.0661 23 MET A N   
184 C CA  . MET A 25 ? 0.4249 0.4016 0.5698 -0.0034 -0.0275 -0.0556 23 MET A CA  
185 C C   . MET A 25 ? 0.4173 0.3960 0.5438 0.0015  -0.0277 -0.0567 23 MET A C   
186 O O   . MET A 25 ? 0.3951 0.3819 0.5046 0.0042  -0.0305 -0.0587 23 MET A O   
187 C CB  . MET A 25 ? 0.3687 0.3440 0.5089 -0.0050 -0.0235 -0.0403 23 MET A CB  
188 C CG  . MET A 25 ? 0.3525 0.3220 0.4909 -0.0039 -0.0179 -0.0290 23 MET A CG  
189 S SD  . MET A 25 ? 0.3907 0.3601 0.5256 -0.0055 -0.0133 -0.0127 23 MET A SD  
190 C CE  . MET A 25 ? 0.3850 0.3511 0.5474 -0.0090 -0.0112 -0.0113 23 MET A CE  
191 N N   . SER A 26 ? 0.3603 0.3322 0.4918 0.0029  -0.0240 -0.0547 24 SER A N   
192 C CA  . SER A 26 ? 0.3880 0.3617 0.5041 0.0075  -0.0234 -0.0541 24 SER A CA  
193 C C   . SER A 26 ? 0.4036 0.3808 0.5016 0.0080  -0.0218 -0.0421 24 SER A C   
194 O O   . SER A 26 ? 0.3692 0.3444 0.4684 0.0051  -0.0193 -0.0321 24 SER A O   
195 C CB  . SER A 26 ? 0.4779 0.4438 0.6053 0.0089  -0.0189 -0.0523 24 SER A CB  
196 O OG  . SER A 26 ? 0.5815 0.5434 0.7122 0.0073  -0.0139 -0.0374 24 SER A OG  
197 N N   . LEU A 27 ? 0.3720 0.3544 0.4538 0.0119  -0.0228 -0.0433 25 LEU A N   
198 C CA  . LEU A 27 ? 0.3620 0.3472 0.4284 0.0120  -0.0210 -0.0331 25 LEU A CA  
199 C C   . LEU A 27 ? 0.3812 0.3619 0.4505 0.0100  -0.0168 -0.0220 25 LEU A C   
200 O O   . LEU A 27 ? 0.3608 0.3423 0.4239 0.0076  -0.0153 -0.0136 25 LEU A O   
201 C CB  . LEU A 27 ? 0.3710 0.3625 0.4229 0.0169  -0.0219 -0.0355 25 LEU A CB  
202 C CG  . LEU A 27 ? 0.3759 0.3696 0.4143 0.0167  -0.0194 -0.0255 25 LEU A CG  
203 C CD1 . LEU A 27 ? 0.3742 0.3694 0.4072 0.0142  -0.0198 -0.0222 25 LEU A CD1 
204 C CD2 . LEU A 27 ? 0.4139 0.4139 0.4416 0.0220  -0.0193 -0.0269 25 LEU A CD2 
205 N N   . ASP A 28 ? 0.3538 0.3307 0.4324 0.0115  -0.0145 -0.0217 26 ASP A N   
206 C CA  . ASP A 28 ? 0.3471 0.3230 0.4277 0.0107  -0.0105 -0.0101 26 ASP A CA  
207 C C   . ASP A 28 ? 0.3912 0.3646 0.4809 0.0071  -0.0086 -0.0032 26 ASP A C   
208 O O   . ASP A 28 ? 0.3706 0.3471 0.4543 0.0056  -0.0069 0.0064  26 ASP A O   
209 C CB  . ASP A 28 ? 0.3607 0.3339 0.4501 0.0140  -0.0076 -0.0097 26 ASP A CB  
210 C CG  . ASP A 28 ? 0.5729 0.5391 0.6803 0.0146  -0.0071 -0.0182 26 ASP A CG  
211 O OD1 . ASP A 28 ? 0.6291 0.5939 0.7417 0.0123  -0.0100 -0.0260 26 ASP A OD1 
212 O OD2 . ASP A 28 ? 0.6763 0.6386 0.7934 0.0174  -0.0037 -0.0172 26 ASP A OD2 
213 N N   . GLU A 29 ? 0.3583 0.3275 0.4628 0.0056  -0.0091 -0.0082 27 GLU A N   
214 C CA  . GLU A 29 ? 0.3529 0.3207 0.4666 0.0027  -0.0068 -0.0008 27 GLU A CA  
215 C C   . GLU A 29 ? 0.3550 0.3268 0.4559 0.0005  -0.0088 0.0012  27 GLU A C   
216 O O   . GLU A 29 ? 0.3611 0.3343 0.4610 -0.0009 -0.0062 0.0103  27 GLU A O   
217 C CB  . GLU A 29 ? 0.3857 0.3481 0.5211 0.0012  -0.0065 -0.0065 27 GLU A CB  
218 C CG  . GLU A 29 ? 0.5448 0.5053 0.6944 -0.0004 -0.0020 0.0045  27 GLU A CG  
219 C CD  . GLU A 29 ? 0.6643 0.6198 0.8371 -0.0028 -0.0014 -0.0007 27 GLU A CD  
220 O OE1 . GLU A 29 ? 0.6242 0.5765 0.8045 -0.0032 -0.0045 -0.0137 27 GLU A OE1 
221 O OE2 . GLU A 29 ? 0.5911 0.5464 0.7750 -0.0043 0.0020  0.0082  27 GLU A OE2 
222 N N   . MET A 30 ? 0.3241 0.2984 0.4152 0.0009  -0.0127 -0.0069 28 MET A N   
223 C CA  . MET A 30 ? 0.3280 0.3055 0.4074 -0.0005 -0.0135 -0.0046 28 MET A CA  
224 C C   . MET A 30 ? 0.3463 0.3257 0.4117 -0.0008 -0.0113 0.0034  28 MET A C   
225 O O   . MET A 30 ? 0.3133 0.2935 0.3738 -0.0027 -0.0098 0.0087  28 MET A O   
226 C CB  . MET A 30 ? 0.3231 0.3044 0.3946 0.0011  -0.0175 -0.0135 28 MET A CB  
227 C CG  . MET A 30 ? 0.3430 0.3253 0.4276 0.0006  -0.0206 -0.0224 28 MET A CG  
228 S SD  . MET A 30 ? 0.3701 0.3613 0.4446 0.0039  -0.0256 -0.0326 28 MET A SD  
229 C CE  . MET A 30 ? 0.3261 0.3197 0.3852 0.0039  -0.0237 -0.0238 28 MET A CE  
230 N N   . ILE A 31 ? 0.3349 0.3157 0.3945 0.0009  -0.0111 0.0038  29 ILE A N   
231 C CA  . ILE A 31 ? 0.3057 0.2895 0.3540 0.0000  -0.0095 0.0105  29 ILE A CA  
232 C C   . ILE A 31 ? 0.3503 0.3355 0.4041 -0.0013 -0.0066 0.0192  29 ILE A C   
233 O O   . ILE A 31 ? 0.3232 0.3114 0.3686 -0.0033 -0.0055 0.0240  29 ILE A O   
234 C CB  . ILE A 31 ? 0.3095 0.2958 0.3524 0.0023  -0.0099 0.0092  29 ILE A CB  
235 C CG1 . ILE A 31 ? 0.3626 0.3502 0.3963 0.0042  -0.0119 0.0029  29 ILE A CG1 
236 C CG2 . ILE A 31 ? 0.3357 0.3264 0.3715 0.0007  -0.0082 0.0164  29 ILE A CG2 
237 C CD1 . ILE A 31 ? 0.3592 0.3499 0.3886 0.0075  -0.0119 0.0015  29 ILE A CD1 
238 N N   . ALA A 32 ? 0.3230 0.3064 0.3911 0.0001  -0.0049 0.0215  30 ALA A N   
239 C CA  . ALA A 32 ? 0.3182 0.3044 0.3928 0.0000  -0.0014 0.0314  30 ALA A CA  
240 C C   . ALA A 32 ? 0.3441 0.3306 0.4180 -0.0019 -0.0006 0.0342  30 ALA A C   
241 O O   . ALA A 32 ? 0.3217 0.3139 0.3896 -0.0023 0.0012  0.0413  30 ALA A O   
242 C CB  . ALA A 32 ? 0.3485 0.3314 0.4421 0.0023  0.0013  0.0337  30 ALA A CB  
243 N N   . TRP A 33 ? 0.3047 0.2867 0.3848 -0.0028 -0.0020 0.0286  31 TRP A N   
244 C CA  . TRP A 33 ? 0.3852 0.3677 0.4643 -0.0043 -0.0009 0.0313  31 TRP A CA  
245 C C   . TRP A 33 ? 0.3559 0.3407 0.4164 -0.0055 -0.0018 0.0305  31 TRP A C   
246 O O   . TRP A 33 ? 0.3274 0.3150 0.3830 -0.0060 0.0003  0.0355  31 TRP A O   
247 C CB  . TRP A 33 ? 0.3638 0.3424 0.4536 -0.0051 -0.0028 0.0249  31 TRP A CB  
248 C CG  . TRP A 33 ? 0.3662 0.3421 0.4778 -0.0049 -0.0007 0.0269  31 TRP A CG  
249 C CD1 . TRP A 33 ? 0.3834 0.3551 0.5085 -0.0049 -0.0021 0.0198  31 TRP A CD1 
250 C CD2 . TRP A 33 ? 0.3638 0.3409 0.4876 -0.0047 0.0038  0.0367  31 TRP A CD2 
251 N NE1 . TRP A 33 ? 0.4214 0.3903 0.5680 -0.0052 0.0015  0.0244  31 TRP A NE1 
252 C CE2 . TRP A 33 ? 0.4536 0.4261 0.5999 -0.0048 0.0054  0.0357  31 TRP A CE2 
253 C CE3 . TRP A 33 ? 0.4266 0.4085 0.5447 -0.0041 0.0070  0.0462  31 TRP A CE3 
254 C CZ2 . TRP A 33 ? 0.4664 0.4388 0.6310 -0.0044 0.0106  0.0454  31 TRP A CZ2 
255 C CZ3 . TRP A 33 ? 0.5023 0.4855 0.6368 -0.0029 0.0119  0.0558  31 TRP A CZ3 
256 C CH2 . TRP A 33 ? 0.4667 0.4451 0.6248 -0.0031 0.0138  0.0560  31 TRP A CH2 
257 N N   . ALA A 34 ? 0.3467 0.3307 0.3977 -0.0056 -0.0044 0.0241  32 ALA A N   
258 C CA  . ALA A 34 ? 0.3399 0.3246 0.3754 -0.0069 -0.0043 0.0232  32 ALA A CA  
259 C C   . ALA A 34 ? 0.3738 0.3633 0.4022 -0.0082 -0.0025 0.0287  32 ALA A C   
260 O O   . ALA A 34 ? 0.3337 0.3241 0.3537 -0.0096 -0.0012 0.0297  32 ALA A O   
261 C CB  . ALA A 34 ? 0.3675 0.3515 0.3961 -0.0061 -0.0065 0.0173  32 ALA A CB  
262 N N   . VAL A 35 ? 0.3076 0.3011 0.3392 -0.0074 -0.0026 0.0319  33 VAL A N   
263 C CA  . VAL A 35 ? 0.3166 0.3177 0.3415 -0.0085 -0.0016 0.0369  33 VAL A CA  
264 C C   . VAL A 35 ? 0.3123 0.3177 0.3401 -0.0077 0.0010  0.0434  33 VAL A C   
265 O O   . VAL A 35 ? 0.3225 0.3334 0.3406 -0.0089 0.0017  0.0446  33 VAL A O   
266 C CB  . VAL A 35 ? 0.3282 0.3342 0.3571 -0.0070 -0.0021 0.0400  33 VAL A CB  
267 C CG1 . VAL A 35 ? 0.3473 0.3645 0.3708 -0.0077 -0.0014 0.0457  33 VAL A CG1 
268 C CG2 . VAL A 35 ? 0.3292 0.3325 0.3536 -0.0074 -0.0041 0.0341  33 VAL A CG2 
269 N N   . LYS A 36 ? 0.3250 0.3284 0.3665 -0.0054 0.0028  0.0475  34 LYS A N   
270 C CA  . LYS A 36 ? 0.3169 0.3248 0.3631 -0.0038 0.0060  0.0551  34 LYS A CA  
271 C C   . LYS A 36 ? 0.3522 0.3583 0.3892 -0.0051 0.0066  0.0523  34 LYS A C   
272 O O   . LYS A 36 ? 0.3422 0.3550 0.3718 -0.0046 0.0085  0.0562  34 LYS A O   
273 C CB  . LYS A 36 ? 0.3687 0.3724 0.4343 -0.0017 0.0083  0.0590  34 LYS A CB  
274 C CG  . LYS A 36 ? 0.4681 0.4769 0.5417 0.0006  0.0127  0.0687  34 LYS A CG  
275 C CD  . LYS A 36 ? 0.5755 0.5809 0.6719 0.0026  0.0157  0.0741  34 LYS A CD  
276 C CE  . LYS A 36 ? 0.6392 0.6514 0.7451 0.0060  0.0214  0.0868  34 LYS A CE  
277 N NZ  . LYS A 36 ? 0.7477 0.7576 0.8772 0.0083  0.0256  0.0940  34 LYS A NZ  
278 N N   . TYR A 37 ? 0.3208 0.3185 0.3579 -0.0065 0.0050  0.0456  35 TYR A N   
279 C CA  . TYR A 37 ? 0.3583 0.3538 0.3884 -0.0071 0.0062  0.0436  35 TYR A CA  
280 C C   . TYR A 37 ? 0.3262 0.3227 0.3396 -0.0091 0.0060  0.0396  35 TYR A C   
281 O O   . TYR A 37 ? 0.3288 0.3264 0.3347 -0.0091 0.0083  0.0400  35 TYR A O   
282 C CB  . TYR A 37 ? 0.3160 0.3045 0.3514 -0.0074 0.0046  0.0382  35 TYR A CB  
283 C CG  . TYR A 37 ? 0.3543 0.3417 0.4077 -0.0063 0.0049  0.0406  35 TYR A CG  
284 C CD1 . TYR A 37 ? 0.3491 0.3405 0.4132 -0.0049 0.0080  0.0491  35 TYR A CD1 
285 C CD2 . TYR A 37 ? 0.4003 0.3842 0.4611 -0.0067 0.0022  0.0344  35 TYR A CD2 
286 C CE1 . TYR A 37 ? 0.3796 0.3692 0.4631 -0.0045 0.0090  0.0513  35 TYR A CE1 
287 C CE2 . TYR A 37 ? 0.3769 0.3600 0.4560 -0.0067 0.0022  0.0351  35 TYR A CE2 
288 C CZ  . TYR A 37 ? 0.4335 0.4186 0.5248 -0.0059 0.0057  0.0435  35 TYR A CZ  
289 O OH  . TYR A 37 ? 0.4326 0.4162 0.5450 -0.0064 0.0064  0.0444  35 TYR A OH  
290 N N   . ALA A 38 ? 0.3475 0.3436 0.3557 -0.0109 0.0036  0.0355  36 ALA A N   
291 C CA  . ALA A 38 ? 0.3486 0.3459 0.3439 -0.0136 0.0037  0.0316  36 ALA A CA  
292 C C   . ALA A 38 ? 0.3413 0.3483 0.3311 -0.0137 0.0049  0.0351  36 ALA A C   
293 O O   . ALA A 38 ? 0.3363 0.3439 0.3164 -0.0152 0.0063  0.0318  36 ALA A O   
294 C CB  . ALA A 38 ? 0.3374 0.3344 0.3307 -0.0152 0.0013  0.0281  36 ALA A CB  
295 N N   . LYS A 39 ? 0.3399 0.3555 0.3361 -0.0116 0.0046  0.0418  37 LYS A N   
296 C CA  . LYS A 39 ? 0.3204 0.3484 0.3113 -0.0105 0.0057  0.0463  37 LYS A CA  
297 C C   . LYS A 39 ? 0.3474 0.3762 0.3367 -0.0080 0.0092  0.0492  37 LYS A C   
298 O O   . LYS A 39 ? 0.3801 0.4163 0.3588 -0.0081 0.0102  0.0480  37 LYS A O   
299 C CB  . LYS A 39 ? 0.3621 0.3997 0.3621 -0.0074 0.0057  0.0550  37 LYS A CB  
300 C CG  . LYS A 39 ? 0.3889 0.4304 0.3873 -0.0095 0.0027  0.0529  37 LYS A CG  
301 C CD  . LYS A 39 ? 0.4667 0.5117 0.4781 -0.0059 0.0034  0.0609  37 LYS A CD  
302 C CE  . LYS A 39 ? 0.6480 0.7072 0.6625 -0.0015 0.0061  0.0719  37 LYS A CE  
303 N NZ  . LYS A 39 ? 0.5827 0.6443 0.6122 0.0026  0.0082  0.0808  37 LYS A NZ  
304 N N   . LYS A 40 ? 0.3255 0.3476 0.3256 -0.0059 0.0110  0.0527  38 LYS A N   
305 C CA  . LYS A 40 ? 0.2923 0.3151 0.2921 -0.0033 0.0147  0.0563  38 LYS A CA  
306 C C   . LYS A 40 ? 0.4011 0.4179 0.3882 -0.0054 0.0154  0.0482  38 LYS A C   
307 O O   . LYS A 40 ? 0.3747 0.3965 0.3537 -0.0036 0.0182  0.0488  38 LYS A O   
308 C CB  . LYS A 40 ? 0.3662 0.3829 0.3822 -0.0015 0.0162  0.0608  38 LYS A CB  
309 C CG  . LYS A 40 ? 0.3836 0.4052 0.4153 0.0011  0.0175  0.0700  38 LYS A CG  
310 C CD  . LYS A 40 ? 0.4870 0.5020 0.5366 0.0019  0.0191  0.0727  38 LYS A CD  
311 C CE  . LYS A 40 ? 0.5916 0.6091 0.6596 0.0041  0.0211  0.0810  38 LYS A CE  
312 N NZ  . LYS A 40 ? 0.6417 0.6716 0.7104 0.0086  0.0256  0.0930  38 LYS A NZ  
313 N N   . ILE A 41 ? 0.3495 0.3561 0.3354 -0.0084 0.0135  0.0410  39 ILE A N   
314 C CA  . ILE A 41 ? 0.3640 0.3637 0.3398 -0.0100 0.0151  0.0341  39 ILE A CA  
315 C C   . ILE A 41 ? 0.4206 0.4257 0.3838 -0.0124 0.0150  0.0289  39 ILE A C   
316 O O   . ILE A 41 ? 0.3737 0.3784 0.3283 -0.0121 0.0180  0.0256  39 ILE A O   
317 C CB  . ILE A 41 ? 0.3253 0.3148 0.3035 -0.0119 0.0135  0.0291  39 ILE A CB  
318 C CG1 . ILE A 41 ? 0.3561 0.3419 0.3459 -0.0095 0.0134  0.0324  39 ILE A CG1 
319 C CG2 . ILE A 41 ? 0.3750 0.3574 0.3438 -0.0135 0.0159  0.0225  39 ILE A CG2 
320 C CD1 . ILE A 41 ? 0.3435 0.3238 0.3367 -0.0102 0.0107  0.0283  39 ILE A CD1 
321 N N   . PHE A 42 ? 0.3497 0.3604 0.3120 -0.0150 0.0117  0.0275  40 PHE A N   
322 C CA  . PHE A 42 ? 0.3340 0.3515 0.2855 -0.0181 0.0110  0.0215  40 PHE A CA  
323 C C   . PHE A 42 ? 0.4166 0.4467 0.3619 -0.0150 0.0126  0.0246  40 PHE A C   
324 O O   . PHE A 42 ? 0.4116 0.4450 0.3463 -0.0166 0.0134  0.0176  40 PHE A O   
325 C CB  . PHE A 42 ? 0.3576 0.3817 0.3106 -0.0210 0.0069  0.0207  40 PHE A CB  
326 C CG  . PHE A 42 ? 0.3547 0.3853 0.2983 -0.0255 0.0055  0.0126  40 PHE A CG  
327 C CD1 . PHE A 42 ? 0.4030 0.4232 0.3433 -0.0301 0.0065  0.0034  40 PHE A CD1 
328 C CD2 . PHE A 42 ? 0.3943 0.4425 0.3333 -0.0249 0.0035  0.0142  40 PHE A CD2 
329 C CE1 . PHE A 42 ? 0.4241 0.4497 0.3578 -0.0351 0.0053  -0.0054 40 PHE A CE1 
330 C CE2 . PHE A 42 ? 0.4527 0.5085 0.3836 -0.0296 0.0016  0.0051  40 PHE A CE2 
331 C CZ  . PHE A 42 ? 0.4303 0.4741 0.3591 -0.0352 0.0024  -0.0053 40 PHE A CZ  
332 N N   . ASP A 43 ? 0.3906 0.4288 0.3431 -0.0102 0.0133  0.0351  41 ASP A N   
333 C CA  . ASP A 43 ? 0.4002 0.4526 0.3473 -0.0060 0.0156  0.0399  41 ASP A CA  
334 C C   . ASP A 43 ? 0.3930 0.4398 0.3333 -0.0041 0.0198  0.0367  41 ASP A C   
335 O O   . ASP A 43 ? 0.4900 0.5468 0.4191 -0.0024 0.0213  0.0341  41 ASP A O   
336 C CB  . ASP A 43 ? 0.3933 0.4536 0.3523 -0.0006 0.0171  0.0535  41 ASP A CB  
337 C CG  . ASP A 43 ? 0.6439 0.7242 0.5971 0.0042  0.0186  0.0602  41 ASP A CG  
338 O OD1 . ASP A 43 ? 0.6155 0.7006 0.5719 0.0097  0.0230  0.0686  41 ASP A OD1 
339 O OD2 . ASP A 43 ? 0.5930 0.6861 0.5389 0.0027  0.0153  0.0574  41 ASP A OD2 
340 N N   . LEU A 44 ? 0.3796 0.4119 0.3261 -0.0040 0.0219  0.0367  42 LEU A N   
341 C CA  . LEU A 44 ? 0.4040 0.4301 0.3446 -0.0022 0.0263  0.0336  42 LEU A CA  
342 C C   . LEU A 44 ? 0.4615 0.4841 0.3888 -0.0061 0.0264  0.0210  42 LEU A C   
343 O O   . LEU A 44 ? 0.4481 0.4750 0.3650 -0.0042 0.0294  0.0172  42 LEU A O   
344 C CB  . LEU A 44 ? 0.3853 0.3977 0.3358 -0.0019 0.0278  0.0356  42 LEU A CB  
345 C CG  . LEU A 44 ? 0.3748 0.3888 0.3411 0.0010  0.0277  0.0461  42 LEU A CG  
346 C CD1 . LEU A 44 ? 0.4028 0.4049 0.3771 0.0004  0.0281  0.0451  42 LEU A CD1 
347 C CD2 . LEU A 44 ? 0.4063 0.4310 0.3746 0.0066  0.0318  0.0557  42 LEU A CD2 
348 N N   . VAL A 45 ? 0.4029 0.4173 0.3309 -0.0116 0.0236  0.0141  43 VAL A N   
349 C CA  . VAL A 45 ? 0.3740 0.3833 0.2930 -0.0163 0.0241  0.0019  43 VAL A CA  
350 C C   . VAL A 45 ? 0.4221 0.4474 0.3311 -0.0172 0.0221  -0.0031 43 VAL A C   
351 O O   . VAL A 45 ? 0.4895 0.5152 0.3885 -0.0178 0.0245  -0.0119 43 VAL A O   
352 C CB  . VAL A 45 ? 0.4075 0.4076 0.3321 -0.0215 0.0214  -0.0021 43 VAL A CB  
353 C CG1 . VAL A 45 ? 0.5051 0.5008 0.4233 -0.0271 0.0222  -0.0144 43 VAL A CG1 
354 C CG2 . VAL A 45 ? 0.4408 0.4278 0.3736 -0.0196 0.0236  0.0020  43 VAL A CG2 
355 N N   . LYS A 46 ? 0.4006 0.4399 0.3120 -0.0173 0.0177  0.0021  44 LYS A N   
356 C CA  . LYS A 46 ? 0.4640 0.5219 0.3662 -0.0181 0.0150  -0.0022 44 LYS A CA  
357 C C   . LYS A 46 ? 0.4898 0.5595 0.3832 -0.0117 0.0183  0.0006  44 LYS A C   
358 O O   . LYS A 46 ? 0.4714 0.5488 0.3528 -0.0125 0.0184  -0.0093 44 LYS A O   
359 C CB  . LYS A 46 ? 0.4344 0.5059 0.3425 -0.0180 0.0102  0.0053  44 LYS A CB  
360 C CG  . LYS A 46 ? 0.5489 0.6440 0.4481 -0.0175 0.0072  0.0034  44 LYS A CG  
361 C CD  . LYS A 46 ? 0.6612 0.7691 0.5672 -0.0181 0.0027  0.0102  44 LYS A CD  
362 C CE  . LYS A 46 ? 0.7451 0.8534 0.6626 -0.0118 0.0046  0.0263  44 LYS A CE  
363 N NZ  . LYS A 46 ? 0.8059 0.9257 0.7305 -0.0119 0.0011  0.0330  44 LYS A NZ  
364 N N   . LYS A 47 ? 0.4391 0.5110 0.3388 -0.0050 0.0211  0.0139  45 LYS A N   
365 C CA  . LYS A 47 ? 0.4344 0.5201 0.3270 0.0021  0.0247  0.0190  45 LYS A CA  
366 C C   . LYS A 47 ? 0.4314 0.5069 0.3156 0.0033  0.0297  0.0114  45 LYS A C   
367 O O   . LYS A 47 ? 0.4922 0.5801 0.3659 0.0084  0.0325  0.0109  45 LYS A O   
368 C CB  . LYS A 47 ? 0.4475 0.5375 0.3523 0.0086  0.0273  0.0363  45 LYS A CB  
369 C CG  . LYS A 47 ? 0.4951 0.5989 0.4074 0.0095  0.0238  0.0455  45 LYS A CG  
370 C CD  . LYS A 47 ? 0.6419 0.7696 0.5417 0.0113  0.0214  0.0432  45 LYS A CD  
371 C CE  . LYS A 47 ? 0.6713 0.8127 0.5783 0.0119  0.0179  0.0517  45 LYS A CE  
372 N NZ  . LYS A 47 ? 0.8007 0.9439 0.7228 0.0184  0.0219  0.0695  45 LYS A NZ  
373 N N   . MET A 48 ? 0.4555 0.5101 0.3442 -0.0004 0.0314  0.0062  46 MET A N   
374 C CA  . MET A 48 ? 0.5437 0.5871 0.4253 0.0005  0.0367  -0.0018 46 MET A CA  
375 C C   . MET A 48 ? 0.5902 0.6323 0.4608 -0.0049 0.0357  -0.0188 46 MET A C   
376 O O   . MET A 48 ? 0.7250 0.7590 0.5882 -0.0038 0.0406  -0.0270 46 MET A O   
377 C CB  . MET A 48 ? 0.5619 0.5846 0.4536 -0.0007 0.0392  0.0005  46 MET A CB  
378 C CG  . MET A 48 ? 0.7065 0.7294 0.6082 0.0051  0.0418  0.0144  46 MET A CG  
379 S SD  . MET A 48 ? 0.7909 0.8177 0.6846 0.0128  0.0492  0.0167  46 MET A SD  
380 C CE  . MET A 48 ? 0.6332 0.6486 0.5432 0.0156  0.0522  0.0280  46 MET A CE  
381 N N   . GLY A 49 ? 0.5569 0.6060 0.4270 -0.0108 0.0299  -0.0246 47 GLY A N   
382 C CA  . GLY A 49 ? 0.6164 0.6617 0.4800 -0.0177 0.0287  -0.0416 47 GLY A CA  
383 C C   . GLY A 49 ? 0.6582 0.6788 0.5282 -0.0220 0.0326  -0.0477 47 GLY A C   
384 O O   . GLY A 49 ? 0.6802 0.6923 0.5451 -0.0251 0.0357  -0.0610 47 GLY A O   
385 N N   . ALA A 50 ? 0.5797 0.5891 0.4612 -0.0217 0.0328  -0.0379 48 ALA A N   
386 C CA  . ALA A 50 ? 0.6221 0.6104 0.5105 -0.0243 0.0367  -0.0410 48 ALA A CA  
387 C C   . ALA A 50 ? 0.5584 0.5416 0.4508 -0.0326 0.0339  -0.0502 48 ALA A C   
388 O O   . ALA A 50 ? 0.5682 0.5634 0.4617 -0.0362 0.0279  -0.0504 48 ALA A O   
389 C CB  . ALA A 50 ? 0.5266 0.5078 0.4253 -0.0206 0.0372  -0.0278 48 ALA A CB  
390 N N   . SER A 51 ? 0.5705 0.5358 0.4665 -0.0352 0.0391  -0.0566 49 SER A N   
391 C CA  . SER A 51 ? 0.5712 0.5306 0.4725 -0.0433 0.0381  -0.0662 49 SER A CA  
392 C C   . SER A 51 ? 0.5870 0.5431 0.4991 -0.0450 0.0353  -0.0578 49 SER A C   
393 O O   . SER A 51 ? 0.5489 0.5043 0.4650 -0.0401 0.0348  -0.0460 49 SER A O   
394 C CB  . SER A 51 ? 0.6511 0.5918 0.5540 -0.0450 0.0461  -0.0754 49 SER A CB  
395 O OG  . SER A 51 ? 0.5708 0.4974 0.4809 -0.0404 0.0513  -0.0657 49 SER A OG  
396 N N   . ASP A 52 ? 0.5147 0.4692 0.4325 -0.0522 0.0336  -0.0647 50 ASP A N   
397 C CA  . ASP A 52 ? 0.5281 0.4778 0.4566 -0.0537 0.0326  -0.0577 50 ASP A CA  
398 C C   . ASP A 52 ? 0.5184 0.4514 0.4528 -0.0493 0.0392  -0.0514 50 ASP A C   
399 O O   . ASP A 52 ? 0.5038 0.4358 0.4440 -0.0465 0.0380  -0.0417 50 ASP A O   
400 C CB  . ASP A 52 ? 0.6241 0.5731 0.5590 -0.0623 0.0314  -0.0667 50 ASP A CB  
401 C CG  . ASP A 52 ? 0.7298 0.6988 0.6610 -0.0666 0.0236  -0.0709 50 ASP A CG  
402 O OD1 . ASP A 52 ? 0.8570 0.8395 0.7844 -0.0624 0.0187  -0.0624 50 ASP A OD1 
403 O OD2 . ASP A 52 ? 0.8218 0.7935 0.7553 -0.0742 0.0224  -0.0826 50 ASP A OD2 
404 N N   . GLU A 53 ? 0.5585 0.4791 0.4914 -0.0483 0.0463  -0.0568 51 GLU A N   
405 C CA  . GLU A 53 ? 0.5697 0.4764 0.5081 -0.0430 0.0531  -0.0496 51 GLU A CA  
406 C C   . GLU A 53 ? 0.5355 0.4477 0.4713 -0.0356 0.0512  -0.0383 51 GLU A C   
407 O O   . GLU A 53 ? 0.5063 0.4150 0.4483 -0.0317 0.0523  -0.0294 51 GLU A O   
408 C CB  . GLU A 53 ? 0.6156 0.5086 0.5529 -0.0428 0.0618  -0.0576 51 GLU A CB  
409 N N   . VAL A 54 ? 0.4647 0.3868 0.3921 -0.0333 0.0486  -0.0384 52 VAL A N   
410 C CA  . VAL A 54 ? 0.4838 0.4122 0.4113 -0.0270 0.0467  -0.0276 52 VAL A CA  
411 C C   . VAL A 54 ? 0.4327 0.3686 0.3662 -0.0275 0.0403  -0.0207 52 VAL A C   
412 O O   . VAL A 54 ? 0.4250 0.3598 0.3640 -0.0235 0.0398  -0.0125 52 VAL A O   
413 C CB  . VAL A 54 ? 0.5575 0.4963 0.4763 -0.0245 0.0456  -0.0283 52 VAL A CB  
414 C CG1 . VAL A 54 ? 0.5034 0.4496 0.4255 -0.0189 0.0432  -0.0165 52 VAL A CG1 
415 C CG2 . VAL A 54 ? 0.5750 0.5057 0.4878 -0.0223 0.0529  -0.0344 52 VAL A CG2 
416 N N   . LEU A 55 ? 0.4034 0.3475 0.3361 -0.0324 0.0351  -0.0243 53 LEU A N   
417 C CA  . LEU A 55 ? 0.3896 0.3405 0.3280 -0.0326 0.0296  -0.0179 53 LEU A CA  
418 C C   . LEU A 55 ? 0.4151 0.3569 0.3610 -0.0318 0.0315  -0.0147 53 LEU A C   
419 O O   . LEU A 55 ? 0.3904 0.3349 0.3409 -0.0285 0.0289  -0.0077 53 LEU A O   
420 C CB  . LEU A 55 ? 0.4262 0.3877 0.3631 -0.0378 0.0246  -0.0223 53 LEU A CB  
421 C CG  . LEU A 55 ? 0.3927 0.3616 0.3353 -0.0375 0.0194  -0.0156 53 LEU A CG  
422 C CD1 . LEU A 55 ? 0.4078 0.3833 0.3512 -0.0321 0.0172  -0.0073 53 LEU A CD1 
423 C CD2 . LEU A 55 ? 0.4453 0.4249 0.3872 -0.0428 0.0151  -0.0198 53 LEU A CD2 
424 N N   . LYS A 56 ? 0.4122 0.3437 0.3600 -0.0345 0.0365  -0.0196 54 LYS A N   
425 C CA  . LYS A 56 ? 0.4349 0.3589 0.3900 -0.0326 0.0395  -0.0151 54 LYS A CA  
426 C C   . LYS A 56 ? 0.3738 0.2942 0.3302 -0.0256 0.0425  -0.0082 54 LYS A C   
427 O O   . LYS A 56 ? 0.4218 0.3439 0.3828 -0.0220 0.0413  -0.0019 54 LYS A O   
428 C CB  . LYS A 56 ? 0.4953 0.4088 0.4545 -0.0369 0.0455  -0.0212 54 LYS A CB  
429 C CG  . LYS A 56 ? 0.6032 0.5089 0.5705 -0.0337 0.0505  -0.0149 54 LYS A CG  
430 C CD  . LYS A 56 ? 0.7503 0.6636 0.7221 -0.0341 0.0459  -0.0102 54 LYS A CD  
431 C CE  . LYS A 56 ? 0.8229 0.7303 0.8029 -0.0309 0.0517  -0.0041 54 LYS A CE  
432 N NZ  . LYS A 56 ? 0.9001 0.7954 0.8825 -0.0279 0.0607  -0.0032 54 LYS A NZ  
433 N N   . LYS A 57 ? 0.4059 0.3223 0.3583 -0.0233 0.0464  -0.0095 55 LYS A N   
434 C CA  . LYS A 57 ? 0.4253 0.3402 0.3797 -0.0167 0.0489  -0.0025 55 LYS A CA  
435 C C   . LYS A 57 ? 0.4357 0.3613 0.3917 -0.0141 0.0422  0.0033  55 LYS A C   
436 O O   . LYS A 57 ? 0.4079 0.3351 0.3685 -0.0097 0.0418  0.0090  55 LYS A O   
437 C CB  . LYS A 57 ? 0.4330 0.3428 0.3826 -0.0147 0.0543  -0.0048 55 LYS A CB  
438 C CG  . LYS A 57 ? 0.5368 0.4333 0.4869 -0.0159 0.0626  -0.0102 55 LYS A CG  
439 C CD  . LYS A 57 ? 0.7240 0.6153 0.6699 -0.0120 0.0687  -0.0111 55 LYS A CD  
440 C CE  . LYS A 57 ? 0.7960 0.6724 0.7449 -0.0119 0.0784  -0.0151 55 LYS A CE  
441 N NZ  . LYS A 57 ? 0.8648 0.7362 0.8077 -0.0092 0.0843  -0.0192 55 LYS A NZ  
442 N N   . VAL A 58 ? 0.3785 0.3120 0.3315 -0.0167 0.0374  0.0016  56 VAL A N   
443 C CA  . VAL A 58 ? 0.3601 0.3027 0.3169 -0.0147 0.0317  0.0069  56 VAL A CA  
444 C C   . VAL A 58 ? 0.3515 0.2963 0.3136 -0.0149 0.0279  0.0086  56 VAL A C   
445 O O   . VAL A 58 ? 0.3680 0.3161 0.3353 -0.0116 0.0255  0.0127  56 VAL A O   
446 C CB  . VAL A 58 ? 0.3818 0.3330 0.3351 -0.0168 0.0284  0.0059  56 VAL A CB  
447 C CG1 . VAL A 58 ? 0.4068 0.3660 0.3665 -0.0153 0.0232  0.0115  56 VAL A CG1 
448 C CG2 . VAL A 58 ? 0.4066 0.3579 0.3547 -0.0148 0.0323  0.0055  56 VAL A CG2 
449 N N   . MET A 59 ? 0.3384 0.2822 0.2994 -0.0188 0.0275  0.0052  57 MET A N   
450 C CA  . MET A 59 ? 0.3592 0.3057 0.3246 -0.0182 0.0244  0.0072  57 MET A CA  
451 C C   . MET A 59 ? 0.3904 0.3333 0.3590 -0.0136 0.0274  0.0107  57 MET A C   
452 O O   . MET A 59 ? 0.3474 0.2955 0.3195 -0.0103 0.0241  0.0135  57 MET A O   
453 C CB  . MET A 59 ? 0.3658 0.3123 0.3304 -0.0232 0.0241  0.0036  57 MET A CB  
454 C CG  . MET A 59 ? 0.3955 0.3505 0.3580 -0.0268 0.0195  0.0017  57 MET A CG  
455 S SD  . MET A 59 ? 0.5281 0.4845 0.4902 -0.0337 0.0193  -0.0040 57 MET A SD  
456 C CE  . MET A 59 ? 0.7279 0.6802 0.6966 -0.0323 0.0213  -0.0007 57 MET A CE  
457 N N   . ASP A 60 ? 0.3668 0.3017 0.3345 -0.0127 0.0338  0.0104  58 ASP A N   
458 C CA  . ASP A 60 ? 0.3815 0.3148 0.3526 -0.0071 0.0374  0.0152  58 ASP A CA  
459 C C   . ASP A 60 ? 0.3705 0.3099 0.3434 -0.0025 0.0346  0.0187  58 ASP A C   
460 O O   . ASP A 60 ? 0.3863 0.3314 0.3622 0.0021  0.0331  0.0220  58 ASP A O   
461 C CB  . ASP A 60 ? 0.3905 0.3133 0.3614 -0.0066 0.0459  0.0149  58 ASP A CB  
462 C CG  . ASP A 60 ? 0.5335 0.4495 0.5065 -0.0106 0.0499  0.0124  58 ASP A CG  
463 O OD1 . ASP A 60 ? 0.5294 0.4500 0.5043 -0.0123 0.0466  0.0127  58 ASP A OD1 
464 O OD2 . ASP A 60 ? 0.5403 0.4463 0.5140 -0.0120 0.0567  0.0097  58 ASP A OD2 
465 N N   . ALA A 61 ? 0.3688 0.3083 0.3402 -0.0032 0.0340  0.0179  59 ALA A N   
466 C CA  . ALA A 61 ? 0.3567 0.3024 0.3323 0.0005  0.0317  0.0212  59 ALA A CA  
467 C C   . ALA A 61 ? 0.3477 0.3017 0.3279 0.0003  0.0244  0.0210  59 ALA A C   
468 O O   . ALA A 61 ? 0.3608 0.3210 0.3462 0.0037  0.0218  0.0227  59 ALA A O   
469 C CB  . ALA A 61 ? 0.3696 0.3138 0.3436 -0.0001 0.0335  0.0213  59 ALA A CB  
470 N N   . VAL A 62 ? 0.3272 0.2823 0.3062 -0.0036 0.0211  0.0184  60 VAL A N   
471 C CA  . VAL A 62 ? 0.3038 0.2655 0.2878 -0.0036 0.0151  0.0179  60 VAL A CA  
472 C C   . VAL A 62 ? 0.3440 0.3090 0.3292 -0.0004 0.0136  0.0177  60 VAL A C   
473 O O   . VAL A 62 ? 0.3250 0.2965 0.3156 0.0022  0.0097  0.0171  60 VAL A O   
474 C CB  . VAL A 62 ? 0.3242 0.2868 0.3064 -0.0077 0.0129  0.0162  60 VAL A CB  
475 C CG1 . VAL A 62 ? 0.3459 0.3139 0.3332 -0.0072 0.0079  0.0155  60 VAL A CG1 
476 C CG2 . VAL A 62 ? 0.3279 0.2913 0.3099 -0.0093 0.0135  0.0175  60 VAL A CG2 
477 N N   . LEU A 63 ? 0.3299 0.2917 0.3111 -0.0002 0.0168  0.0179  61 LEU A N   
478 C CA  . LEU A 63 ? 0.3359 0.3026 0.3177 0.0040  0.0162  0.0191  61 LEU A CA  
479 C C   . LEU A 63 ? 0.3585 0.3294 0.3423 0.0095  0.0174  0.0218  61 LEU A C   
480 O O   . LEU A 63 ? 0.3565 0.3367 0.3426 0.0136  0.0137  0.0212  61 LEU A O   
481 C CB  . LEU A 63 ? 0.3843 0.3465 0.3632 0.0031  0.0208  0.0204  61 LEU A CB  
482 C CG  . LEU A 63 ? 0.5817 0.5490 0.5610 0.0090  0.0225  0.0240  61 LEU A CG  
483 C CD1 . LEU A 63 ? 0.6505 0.6273 0.6306 0.0114  0.0164  0.0220  61 LEU A CD1 
484 C CD2 . LEU A 63 ? 0.5360 0.4972 0.5150 0.0076  0.0286  0.0265  61 LEU A CD2 
485 N N   . ALA A 64 ? 0.3689 0.3348 0.3519 0.0102  0.0226  0.0244  62 ALA A N   
486 C CA  . ALA A 64 ? 0.3711 0.3423 0.3563 0.0159  0.0243  0.0281  62 ALA A CA  
487 C C   . ALA A 64 ? 0.3605 0.3402 0.3514 0.0164  0.0181  0.0261  62 ALA A C   
488 O O   . ALA A 64 ? 0.3380 0.3281 0.3320 0.0209  0.0153  0.0265  62 ALA A O   
489 C CB  . ALA A 64 ? 0.3936 0.3565 0.3776 0.0165  0.0318  0.0313  62 ALA A CB  
490 N N   . ALA A 65 ? 0.3284 0.3047 0.3216 0.0119  0.0161  0.0239  63 ALA A N   
491 C CA  . ALA A 65 ? 0.3323 0.3157 0.3339 0.0116  0.0108  0.0222  63 ALA A CA  
492 C C   . ALA A 65 ? 0.3559 0.3471 0.3610 0.0123  0.0044  0.0176  63 ALA A C   
493 O O   . ALA A 65 ? 0.3263 0.3267 0.3379 0.0144  0.0003  0.0155  63 ALA A O   
494 C CB  . ALA A 65 ? 0.3299 0.3085 0.3341 0.0071  0.0108  0.0222  63 ALA A CB  
495 N N   . ALA A 66 ? 0.3218 0.3102 0.3227 0.0107  0.0036  0.0156  64 ALA A N   
496 C CA  . ALA A 66 ? 0.3169 0.3120 0.3204 0.0119  -0.0018 0.0108  64 ALA A CA  
497 C C   . ALA A 66 ? 0.2927 0.2977 0.2936 0.0181  -0.0025 0.0107  64 ALA A C   
498 O O   . ALA A 66 ? 0.3251 0.3400 0.3304 0.0203  -0.0078 0.0058  64 ALA A O   
499 C CB  . ALA A 66 ? 0.3444 0.3349 0.3438 0.0095  -0.0017 0.0099  64 ALA A CB  
500 N N   . GLN A 67 ? 0.3031 0.3064 0.2976 0.0212  0.0030  0.0160  65 GLN A N   
501 C CA  . GLN A 67 ? 0.3147 0.3292 0.3069 0.0284  0.0035  0.0182  65 GLN A CA  
502 C C   . GLN A 67 ? 0.3291 0.3538 0.3268 0.0312  0.0010  0.0180  65 GLN A C   
503 O O   . GLN A 67 ? 0.3204 0.3594 0.3186 0.0362  -0.0030 0.0156  65 GLN A O   
504 C CB  . GLN A 67 ? 0.3094 0.3186 0.2964 0.0311  0.0116  0.0258  65 GLN A CB  
505 C CG  . GLN A 67 ? 0.3983 0.4014 0.3813 0.0293  0.0138  0.0262  65 GLN A CG  
506 C CD  . GLN A 67 ? 0.6241 0.6188 0.6053 0.0299  0.0225  0.0329  65 GLN A CD  
507 O OE1 . GLN A 67 ? 0.6865 0.6761 0.6686 0.0304  0.0273  0.0364  65 GLN A OE1 
508 N NE2 . GLN A 67 ? 0.6184 0.6115 0.5979 0.0300  0.0250  0.0348  65 GLN A NE2 
509 N N   . ALA A 68 ? 0.3243 0.3429 0.3256 0.0284  0.0033  0.0205  66 ALA A N   
510 C CA  . ALA A 68 ? 0.3442 0.3731 0.3522 0.0307  0.0010  0.0209  66 ALA A CA  
511 C C   . ALA A 68 ? 0.3445 0.3818 0.3612 0.0283  -0.0074 0.0124  66 ALA A C   
512 O O   . ALA A 68 ? 0.3319 0.3844 0.3524 0.0319  -0.0120 0.0094  66 ALA A O   
513 C CB  . ALA A 68 ? 0.3316 0.3517 0.3421 0.0284  0.0059  0.0256  66 ALA A CB  
514 N N   . TYR A 69 ? 0.2986 0.3268 0.3194 0.0222  -0.0093 0.0085  67 TYR A N   
515 C CA  . TYR A 69 ? 0.3226 0.3565 0.3547 0.0193  -0.0162 0.0007  67 TYR A CA  
516 C C   . TYR A 69 ? 0.3457 0.3879 0.3757 0.0218  -0.0214 -0.0070 67 TYR A C   
517 O O   . TYR A 69 ? 0.3461 0.3970 0.3854 0.0211  -0.0274 -0.0151 67 TYR A O   
518 C CB  . TYR A 69 ? 0.3357 0.3578 0.3738 0.0131  -0.0155 0.0006  67 TYR A CB  
519 C CG  . TYR A 69 ? 0.3152 0.3346 0.3607 0.0109  -0.0128 0.0055  67 TYR A CG  
520 C CD1 . TYR A 69 ? 0.3372 0.3661 0.3957 0.0106  -0.0164 0.0034  67 TYR A CD1 
521 C CD2 . TYR A 69 ? 0.3565 0.3656 0.3964 0.0095  -0.0068 0.0121  67 TYR A CD2 
522 C CE1 . TYR A 69 ? 0.3680 0.3953 0.4340 0.0090  -0.0135 0.0089  67 TYR A CE1 
523 C CE2 . TYR A 69 ? 0.3625 0.3702 0.4085 0.0084  -0.0040 0.0171  67 TYR A CE2 
524 C CZ  . TYR A 69 ? 0.4041 0.4208 0.4632 0.0084  -0.0070 0.0161  67 TYR A CZ  
525 O OH  . TYR A 69 ? 0.4199 0.4361 0.4858 0.0079  -0.0037 0.0219  67 TYR A OH  
526 N N   . ALA A 70 ? 0.3046 0.3451 0.3236 0.0250  -0.0188 -0.0051 68 ALA A N   
527 C CA  . ALA A 70 ? 0.3317 0.3821 0.3473 0.0290  -0.0230 -0.0116 68 ALA A CA  
528 C C   . ALA A 70 ? 0.3911 0.4603 0.4072 0.0349  -0.0267 -0.0142 68 ALA A C   
529 O O   . ALA A 70 ? 0.3615 0.4423 0.3786 0.0374  -0.0325 -0.0231 68 ALA A O   
530 C CB  . ALA A 70 ? 0.3241 0.3702 0.3282 0.0319  -0.0185 -0.0067 68 ALA A CB  
531 N N   . GLN A 71 ? 0.3547 0.4284 0.3704 0.0375  -0.0236 -0.0069 69 GLN A N   
532 C CA  . GLN A 71 ? 0.3406 0.4345 0.3578 0.0433  -0.0273 -0.0085 69 GLN A CA  
533 C C   . GLN A 71 ? 0.3760 0.4779 0.4070 0.0391  -0.0347 -0.0179 69 GLN A C   
534 O O   . GLN A 71 ? 0.4401 0.5617 0.4735 0.0432  -0.0396 -0.0219 69 GLN A O   
535 C CB  . GLN A 71 ? 0.3498 0.4458 0.3637 0.0478  -0.0208 0.0034  69 GLN A CB  
536 C CG  . GLN A 71 ? 0.3617 0.4527 0.3645 0.0529  -0.0132 0.0124  69 GLN A CG  
537 C CD  . GLN A 71 ? 0.4848 0.5915 0.4804 0.0604  -0.0155 0.0103  69 GLN A CD  
538 O OE1 . GLN A 71 ? 0.5591 0.6862 0.5562 0.0651  -0.0214 0.0055  69 GLN A OE1 
539 N NE2 . GLN A 71 ? 0.4599 0.5590 0.4483 0.0619  -0.0112 0.0137  69 GLN A NE2 
540 N N   . GLN A 72 ? 0.3697 0.4582 0.4106 0.0313  -0.0354 -0.0210 70 GLN A N   
541 C CA  . GLN A 72 ? 0.3829 0.4768 0.4400 0.0263  -0.0417 -0.0299 70 GLN A CA  
542 C C   . GLN A 72 ? 0.4156 0.5039 0.4785 0.0223  -0.0459 -0.0410 70 GLN A C   
543 O O   . GLN A 72 ? 0.3975 0.4795 0.4755 0.0160  -0.0477 -0.0455 70 GLN A O   
544 C CB  . GLN A 72 ? 0.3820 0.4659 0.4495 0.0210  -0.0383 -0.0235 70 GLN A CB  
545 C CG  . GLN A 72 ? 0.4538 0.5439 0.5191 0.0247  -0.0344 -0.0137 70 GLN A CG  
546 C CD  . GLN A 72 ? 0.4788 0.5614 0.5558 0.0198  -0.0316 -0.0085 70 GLN A CD  
547 O OE1 . GLN A 72 ? 0.4689 0.5563 0.5624 0.0153  -0.0361 -0.0140 70 GLN A OE1 
548 N NE2 . GLN A 72 ? 0.3705 0.4412 0.4400 0.0205  -0.0239 0.0018  70 GLN A NE2 
549 N N   . LEU A 73 ? 0.3663 0.4567 0.4180 0.0265  -0.0466 -0.0446 71 LEU A N   
550 C CA  . LEU A 73 ? 0.3505 0.4363 0.4064 0.0241  -0.0499 -0.0551 71 LEU A CA  
551 C C   . LEU A 73 ? 0.3966 0.4980 0.4431 0.0310  -0.0541 -0.0633 71 LEU A C   
552 O O   . LEU A 73 ? 0.3769 0.4890 0.4104 0.0381  -0.0522 -0.0572 71 LEU A O   
553 C CB  . LEU A 73 ? 0.3248 0.3917 0.3757 0.0216  -0.0443 -0.0490 71 LEU A CB  
554 C CG  . LEU A 73 ? 0.3347 0.3864 0.3942 0.0151  -0.0402 -0.0419 71 LEU A CG  
555 C CD1 . LEU A 73 ? 0.3379 0.3758 0.3889 0.0142  -0.0349 -0.0352 71 LEU A CD1 
556 C CD2 . LEU A 73 ? 0.3570 0.4058 0.4361 0.0094  -0.0436 -0.0496 71 LEU A CD2 
557 N N   . ASN A 74 ? 0.3738 0.4768 0.4272 0.0293  -0.0591 -0.0769 72 ASN A N   
558 C CA  . ASN A 74 ? 0.4078 0.5238 0.4507 0.0363  -0.0622 -0.0851 72 ASN A CA  
559 C C   . ASN A 74 ? 0.3767 0.4826 0.4054 0.0398  -0.0561 -0.0764 72 ASN A C   
560 O O   . ASN A 74 ? 0.3806 0.4697 0.4094 0.0358  -0.0505 -0.0664 72 ASN A O   
561 C CB  . ASN A 74 ? 0.4493 0.5680 0.5039 0.0334  -0.0687 -0.1031 72 ASN A CB  
562 C CG  . ASN A 74 ? 0.5411 0.6379 0.6053 0.0272  -0.0657 -0.1044 72 ASN A CG  
563 O OD1 . ASN A 74 ? 0.6194 0.7051 0.6745 0.0288  -0.0605 -0.0971 72 ASN A OD1 
564 N ND2 . ASN A 74 ? 0.6470 0.7388 0.7312 0.0203  -0.0686 -0.1136 72 ASN A ND2 
565 N N   . ASP A 75 ? 0.4339 0.5520 0.4508 0.0476  -0.0573 -0.0803 73 ASP A N   
566 C CA  . ASP A 75 ? 0.4680 0.5808 0.4716 0.0523  -0.0511 -0.0702 73 ASP A CA  
567 C C   . ASP A 75 ? 0.3964 0.4886 0.4039 0.0466  -0.0477 -0.0688 73 ASP A C   
568 O O   . ASP A 75 ? 0.3924 0.4734 0.3952 0.0452  -0.0417 -0.0569 73 ASP A O   
569 C CB  . ASP A 75 ? 0.5149 0.6460 0.5068 0.0621  -0.0531 -0.0755 73 ASP A CB  
570 C CG  . ASP A 75 ? 0.6194 0.7714 0.6028 0.0702  -0.0534 -0.0701 73 ASP A CG  
571 O OD1 . ASP A 75 ? 0.5735 0.7248 0.5604 0.0680  -0.0517 -0.0620 73 ASP A OD1 
572 O OD2 . ASP A 75 ? 0.6085 0.7787 0.5818 0.0794  -0.0550 -0.0735 73 ASP A OD2 
573 N N   . GLU A 76 ? 0.4023 0.4904 0.4194 0.0434  -0.0514 -0.0809 74 GLU A N   
574 C CA  . GLU A 76 ? 0.4082 0.4790 0.4292 0.0394  -0.0479 -0.0789 74 GLU A CA  
575 C C   . GLU A 76 ? 0.4131 0.4686 0.4430 0.0316  -0.0445 -0.0699 74 GLU A C   
576 O O   . GLU A 76 ? 0.3971 0.4416 0.4232 0.0298  -0.0395 -0.0603 74 GLU A O   
577 C CB  . GLU A 76 ? 0.4637 0.5332 0.4948 0.0384  -0.0518 -0.0940 74 GLU A CB  
578 C CG  . GLU A 76 ? 0.4485 0.5001 0.4872 0.0341  -0.0478 -0.0912 74 GLU A CG  
579 C CD  . GLU A 76 ? 0.6017 0.6504 0.6523 0.0333  -0.0505 -0.1061 74 GLU A CD  
580 O OE1 . GLU A 76 ? 0.5335 0.5900 0.5765 0.0396  -0.0521 -0.1146 74 GLU A OE1 
581 O OE2 . GLU A 76 ? 0.6087 0.6474 0.6770 0.0267  -0.0507 -0.1092 74 GLU A OE2 
582 N N   . ALA A 77 ? 0.3278 0.3836 0.3699 0.0270  -0.0472 -0.0730 75 ALA A N   
583 C CA  . ALA A 77 ? 0.3271 0.3703 0.3774 0.0204  -0.0437 -0.0642 75 ALA A CA  
584 C C   . ALA A 77 ? 0.3502 0.3915 0.3885 0.0217  -0.0388 -0.0508 75 ALA A C   
585 O O   . ALA A 77 ? 0.3459 0.3753 0.3841 0.0180  -0.0343 -0.0423 75 ALA A O   
586 C CB  . ALA A 77 ? 0.3441 0.3908 0.4099 0.0162  -0.0474 -0.0696 75 ALA A CB  
587 N N   . ALA A 78 ? 0.3113 0.3646 0.3397 0.0271  -0.0392 -0.0489 76 ALA A N   
588 C CA  . ALA A 78 ? 0.3267 0.3771 0.3450 0.0286  -0.0337 -0.0365 76 ALA A CA  
589 C C   . ALA A 78 ? 0.3561 0.3988 0.3656 0.0294  -0.0293 -0.0309 76 ALA A C   
590 O O   . ALA A 78 ? 0.3165 0.3494 0.3231 0.0264  -0.0244 -0.0222 76 ALA A O   
591 C CB  . ALA A 78 ? 0.3363 0.4024 0.3473 0.0354  -0.0342 -0.0348 76 ALA A CB  
592 N N   . GLN A 79 ? 0.3211 0.3692 0.3263 0.0336  -0.0309 -0.0361 77 GLN A N   
593 C CA  . GLN A 79 ? 0.3066 0.3484 0.3051 0.0343  -0.0268 -0.0306 77 GLN A CA  
594 C C   . GLN A 79 ? 0.3288 0.3564 0.3341 0.0274  -0.0251 -0.0284 77 GLN A C   
595 O O   . GLN A 79 ? 0.3076 0.3284 0.3087 0.0252  -0.0210 -0.0205 77 GLN A O   
596 C CB  . GLN A 79 ? 0.3331 0.3836 0.3271 0.0403  -0.0288 -0.0373 77 GLN A CB  
597 C CG  . GLN A 79 ? 0.3760 0.4426 0.3605 0.0489  -0.0292 -0.0369 77 GLN A CG  
598 C CD  . GLN A 79 ? 0.4848 0.5632 0.4670 0.0549  -0.0335 -0.0481 77 GLN A CD  
599 O OE1 . GLN A 79 ? 0.3809 0.4536 0.3696 0.0523  -0.0360 -0.0567 77 GLN A OE1 
600 N NE2 . GLN A 79 ? 0.5537 0.6493 0.5268 0.0637  -0.0340 -0.0478 77 GLN A NE2 
601 N N   . ARG A 80 ? 0.3272 0.3514 0.3439 0.0240  -0.0283 -0.0353 78 ARG A N   
602 C CA  . ARG A 80 ? 0.3133 0.3260 0.3375 0.0186  -0.0263 -0.0320 78 ARG A CA  
603 C C   . ARG A 80 ? 0.3026 0.3092 0.3272 0.0141  -0.0233 -0.0236 78 ARG A C   
604 O O   . ARG A 80 ? 0.3113 0.3112 0.3343 0.0112  -0.0201 -0.0171 78 ARG A O   
605 C CB  . ARG A 80 ? 0.3384 0.3488 0.3773 0.0165  -0.0294 -0.0406 78 ARG A CB  
606 C CG  . ARG A 80 ? 0.3809 0.3947 0.4204 0.0205  -0.0316 -0.0497 78 ARG A CG  
607 C CD  . ARG A 80 ? 0.3792 0.3877 0.4358 0.0176  -0.0334 -0.0580 78 ARG A CD  
608 N NE  . ARG A 80 ? 0.4038 0.4153 0.4608 0.0218  -0.0352 -0.0685 78 ARG A NE  
609 C CZ  . ARG A 80 ? 0.5132 0.5208 0.5851 0.0203  -0.0368 -0.0788 78 ARG A CZ  
610 N NH1 . ARG A 80 ? 0.4483 0.4494 0.5372 0.0147  -0.0367 -0.0790 78 ARG A NH1 
611 N NH2 . ARG A 80 ? 0.4161 0.4265 0.4868 0.0249  -0.0381 -0.0891 78 ARG A NH2 
612 N N   . LEU A 81 ? 0.2927 0.3027 0.3191 0.0138  -0.0243 -0.0237 79 LEU A N   
613 C CA  . LEU A 81 ? 0.2942 0.2989 0.3199 0.0105  -0.0209 -0.0159 79 LEU A CA  
614 C C   . LEU A 81 ? 0.3217 0.3237 0.3353 0.0112  -0.0165 -0.0090 79 LEU A C   
615 O O   . LEU A 81 ? 0.3084 0.3034 0.3205 0.0076  -0.0134 -0.0036 79 LEU A O   
616 C CB  . LEU A 81 ? 0.2806 0.2911 0.3098 0.0113  -0.0223 -0.0170 79 LEU A CB  
617 C CG  . LEU A 81 ? 0.3078 0.3134 0.3346 0.0092  -0.0181 -0.0091 79 LEU A CG  
618 C CD1 . LEU A 81 ? 0.3604 0.3582 0.3953 0.0044  -0.0167 -0.0063 79 LEU A CD1 
619 C CD2 . LEU A 81 ? 0.3316 0.3448 0.3613 0.0113  -0.0192 -0.0094 79 LEU A CD2 
620 N N   . LEU A 82 ? 0.3026 0.3107 0.3082 0.0160  -0.0160 -0.0090 80 LEU A N   
621 C CA  . LEU A 82 ? 0.3242 0.3291 0.3210 0.0163  -0.0112 -0.0023 80 LEU A CA  
622 C C   . LEU A 82 ? 0.3221 0.3218 0.3176 0.0134  -0.0099 -0.0005 80 LEU A C   
623 O O   . LEU A 82 ? 0.3344 0.3287 0.3265 0.0101  -0.0063 0.0043  80 LEU A O   
624 C CB  . LEU A 82 ? 0.3108 0.3245 0.3011 0.0230  -0.0102 -0.0011 80 LEU A CB  
625 C CG  . LEU A 82 ? 0.3311 0.3513 0.3217 0.0262  -0.0103 -0.0005 80 LEU A CG  
626 C CD1 . LEU A 82 ? 0.4304 0.4627 0.4151 0.0342  -0.0095 0.0010  80 LEU A CD1 
627 C CD2 . LEU A 82 ? 0.3657 0.3776 0.3557 0.0232  -0.0054 0.0059  80 LEU A CD2 
628 N N   . VAL A 83 ? 0.2873 0.2892 0.2859 0.0145  -0.0128 -0.0047 81 VAL A N   
629 C CA  . VAL A 83 ? 0.3048 0.3031 0.3036 0.0120  -0.0116 -0.0023 81 VAL A CA  
630 C C   . VAL A 83 ? 0.3116 0.3040 0.3150 0.0065  -0.0109 0.0006  81 VAL A C   
631 O O   . VAL A 83 ? 0.3170 0.3068 0.3172 0.0033  -0.0085 0.0050  81 VAL A O   
632 C CB  . VAL A 83 ? 0.3072 0.3088 0.3096 0.0150  -0.0142 -0.0073 81 VAL A CB  
633 C CG1 . VAL A 83 ? 0.3334 0.3318 0.3378 0.0124  -0.0128 -0.0036 81 VAL A CG1 
634 C CG2 . VAL A 83 ? 0.3624 0.3720 0.3581 0.0215  -0.0143 -0.0093 81 VAL A CG2 
635 N N   . ALA A 84 ? 0.3104 0.3014 0.3221 0.0053  -0.0128 -0.0019 82 ALA A N   
636 C CA  . ALA A 84 ? 0.2980 0.2847 0.3143 0.0012  -0.0115 0.0021  82 ALA A CA  
637 C C   . ALA A 84 ? 0.3294 0.3138 0.3387 -0.0012 -0.0084 0.0064  82 ALA A C   
638 O O   . ALA A 84 ? 0.3215 0.3044 0.3290 -0.0042 -0.0067 0.0102  82 ALA A O   
639 C CB  . ALA A 84 ? 0.3257 0.3117 0.3538 0.0008  -0.0133 -0.0006 82 ALA A CB  
640 N N   . ALA A 85 ? 0.3186 0.3033 0.3239 0.0004  -0.0076 0.0057  83 ALA A N   
641 C CA  . ALA A 85 ? 0.3932 0.3742 0.3925 -0.0016 -0.0040 0.0092  83 ALA A CA  
642 C C   . ALA A 85 ? 0.3297 0.3092 0.3220 -0.0032 -0.0014 0.0109  83 ALA A C   
643 O O   . ALA A 85 ? 0.3225 0.2986 0.3113 -0.0066 0.0011  0.0126  83 ALA A O   
644 C CB  . ALA A 85 ? 0.3419 0.3240 0.3400 0.0014  -0.0029 0.0089  83 ALA A CB  
645 N N   . GLN A 86 ? 0.3080 0.2906 0.2987 -0.0008 -0.0020 0.0102  84 GLN A N   
646 C CA  . GLN A 86 ? 0.2954 0.2773 0.2821 -0.0030 0.0003  0.0122  84 GLN A CA  
647 C C   . GLN A 86 ? 0.3438 0.3263 0.3319 -0.0072 -0.0009 0.0130  84 GLN A C   
648 O O   . GLN A 86 ? 0.3538 0.3352 0.3389 -0.0113 0.0010  0.0140  84 GLN A O   
649 C CB  . GLN A 86 ? 0.3360 0.3226 0.3219 0.0011  -0.0001 0.0123  84 GLN A CB  
650 C CG  . GLN A 86 ? 0.5060 0.4945 0.4891 0.0061  0.0022  0.0133  84 GLN A CG  
651 C CD  . GLN A 86 ? 0.8469 0.8308 0.8277 0.0043  0.0076  0.0171  84 GLN A CD  
652 O OE1 . GLN A 86 ? 0.8877 0.8680 0.8687 -0.0009 0.0092  0.0178  84 GLN A OE1 
653 N NE2 . GLN A 86 ? 0.9005 0.8854 0.8803 0.0087  0.0106  0.0194  84 GLN A NE2 
654 N N   . VAL A 87 ? 0.3228 0.3077 0.3161 -0.0064 -0.0037 0.0126  85 VAL A N   
655 C CA  . VAL A 87 ? 0.3323 0.3198 0.3276 -0.0092 -0.0044 0.0150  85 VAL A CA  
656 C C   . VAL A 87 ? 0.3371 0.3233 0.3304 -0.0124 -0.0030 0.0164  85 VAL A C   
657 O O   . VAL A 87 ? 0.3231 0.3124 0.3135 -0.0156 -0.0025 0.0178  85 VAL A O   
658 C CB  . VAL A 87 ? 0.3484 0.3378 0.3518 -0.0068 -0.0065 0.0152  85 VAL A CB  
659 C CG1 . VAL A 87 ? 0.3199 0.3134 0.3262 -0.0088 -0.0063 0.0197  85 VAL A CG1 
660 C CG2 . VAL A 87 ? 0.3436 0.3349 0.3479 -0.0031 -0.0076 0.0128  85 VAL A CG2 
661 N N   . ILE A 88 ? 0.3171 0.2998 0.3118 -0.0114 -0.0023 0.0158  86 ILE A N   
662 C CA  . ILE A 88 ? 0.2893 0.2711 0.2813 -0.0136 -0.0003 0.0172  86 ILE A CA  
663 C C   . ILE A 88 ? 0.3008 0.2808 0.2845 -0.0168 0.0020  0.0155  86 ILE A C   
664 O O   . ILE A 88 ? 0.3188 0.3019 0.2988 -0.0197 0.0024  0.0156  86 ILE A O   
665 C CB  . ILE A 88 ? 0.3054 0.2838 0.3002 -0.0116 0.0006  0.0171  86 ILE A CB  
666 C CG1 . ILE A 88 ? 0.3230 0.3032 0.3285 -0.0096 -0.0016 0.0182  86 ILE A CG1 
667 C CG2 . ILE A 88 ? 0.3319 0.3095 0.3224 -0.0132 0.0035  0.0187  86 ILE A CG2 
668 C CD1 . ILE A 88 ? 0.3509 0.3293 0.3613 -0.0082 -0.0010 0.0183  86 ILE A CD1 
669 N N   . VAL A 89 ? 0.3253 0.3011 0.3067 -0.0161 0.0036  0.0137  87 VAL A N   
670 C CA  . VAL A 89 ? 0.3101 0.2824 0.2866 -0.0194 0.0068  0.0117  87 VAL A CA  
671 C C   . VAL A 89 ? 0.3460 0.3233 0.3219 -0.0232 0.0054  0.0110  87 VAL A C   
672 O O   . VAL A 89 ? 0.3497 0.3275 0.3223 -0.0276 0.0065  0.0083  87 VAL A O   
673 C CB  . VAL A 89 ? 0.3710 0.3381 0.3473 -0.0168 0.0099  0.0117  87 VAL A CB  
674 C CG1 . VAL A 89 ? 0.4508 0.4136 0.4254 -0.0204 0.0138  0.0101  87 VAL A CG1 
675 C CG2 . VAL A 89 ? 0.3645 0.3280 0.3410 -0.0136 0.0117  0.0125  87 VAL A CG2 
676 N N   . GLN A 90 ? 0.3193 0.3013 0.2987 -0.0215 0.0030  0.0129  88 GLN A N   
677 C CA  . GLN A 90 ? 0.3414 0.3297 0.3214 -0.0248 0.0016  0.0132  88 GLN A CA  
678 C C   . GLN A 90 ? 0.3465 0.3420 0.3252 -0.0274 -0.0004 0.0137  88 GLN A C   
679 O O   . GLN A 90 ? 0.3526 0.3536 0.3296 -0.0319 -0.0009 0.0119  88 GLN A O   
680 C CB  . GLN A 90 ? 0.3419 0.3340 0.3260 -0.0213 -0.0002 0.0158  88 GLN A CB  
681 C CG  . GLN A 90 ? 0.3930 0.3819 0.3773 -0.0193 0.0022  0.0159  88 GLN A CG  
682 C CD  . GLN A 90 ? 0.6107 0.6017 0.5970 -0.0132 0.0009  0.0170  88 GLN A CD  
683 O OE1 . GLN A 90 ? 0.5299 0.5240 0.5189 -0.0112 -0.0019 0.0174  88 GLN A OE1 
684 N NE2 . GLN A 90 ? 0.7275 0.7172 0.7131 -0.0098 0.0033  0.0179  88 GLN A NE2 
685 N N   . VAL A 91 ? 0.3143 0.3112 0.2948 -0.0245 -0.0014 0.0164  89 VAL A N   
686 C CA  . VAL A 91 ? 0.3335 0.3390 0.3132 -0.0255 -0.0026 0.0186  89 VAL A CA  
687 C C   . VAL A 91 ? 0.3721 0.3768 0.3447 -0.0284 -0.0009 0.0150  89 VAL A C   
688 O O   . VAL A 91 ? 0.3457 0.3592 0.3146 -0.0314 -0.0019 0.0136  89 VAL A O   
689 C CB  . VAL A 91 ? 0.3091 0.3157 0.2949 -0.0212 -0.0029 0.0236  89 VAL A CB  
690 C CG1 . VAL A 91 ? 0.3588 0.3746 0.3435 -0.0210 -0.0028 0.0276  89 VAL A CG1 
691 C CG2 . VAL A 91 ? 0.3059 0.3137 0.2988 -0.0184 -0.0044 0.0261  89 VAL A CG2 
692 N N   . LEU A 92 ? 0.3150 0.3103 0.2859 -0.0274 0.0018  0.0129  90 LEU A N   
693 C CA  . LEU A 92 ? 0.3360 0.3295 0.3003 -0.0297 0.0042  0.0087  90 LEU A CA  
694 C C   . LEU A 92 ? 0.3479 0.3419 0.3088 -0.0352 0.0045  0.0026  90 LEU A C   
695 O O   . LEU A 92 ? 0.3776 0.3774 0.3332 -0.0383 0.0043  -0.0015 90 LEU A O   
696 C CB  . LEU A 92 ? 0.3181 0.3006 0.2821 -0.0273 0.0077  0.0081  90 LEU A CB  
697 C CG  . LEU A 92 ? 0.3574 0.3399 0.3249 -0.0228 0.0079  0.0129  90 LEU A CG  
698 C CD1 . LEU A 92 ? 0.3436 0.3168 0.3116 -0.0206 0.0110  0.0122  90 LEU A CD1 
699 C CD2 . LEU A 92 ? 0.3471 0.3369 0.3112 -0.0223 0.0084  0.0148  90 LEU A CD2 
700 N N   . GLN A 93 ? 0.3248 0.3135 0.2894 -0.0364 0.0052  0.0017  91 GLN A N   
701 C CA  . GLN A 93 ? 0.3150 0.3034 0.2797 -0.0422 0.0061  -0.0037 91 GLN A CA  
702 C C   . GLN A 93 ? 0.3944 0.3968 0.3588 -0.0459 0.0020  -0.0048 91 GLN A C   
703 O O   . GLN A 93 ? 0.3794 0.3856 0.3411 -0.0512 0.0018  -0.0115 91 GLN A O   
704 C CB  . GLN A 93 ? 0.3740 0.3559 0.3443 -0.0416 0.0081  -0.0020 91 GLN A CB  
705 C CG  . GLN A 93 ? 0.5114 0.4909 0.4850 -0.0477 0.0104  -0.0070 91 GLN A CG  
706 C CD  . GLN A 93 ? 0.6419 0.6153 0.6217 -0.0458 0.0137  -0.0032 91 GLN A CD  
707 O OE1 . GLN A 93 ? 0.6507 0.6278 0.6326 -0.0414 0.0120  0.0023  91 GLN A OE1 
708 N NE2 . GLN A 93 ? 0.7935 0.7575 0.7768 -0.0484 0.0191  -0.0061 91 GLN A NE2 
709 N N   . GLN A 94 ? 0.3590 0.3698 0.3265 -0.0430 -0.0013 0.0015  92 GLN A N   
710 C CA  . GLN A 94 ? 0.3602 0.3863 0.3282 -0.0456 -0.0049 0.0021  92 GLN A CA  
711 C C   . GLN A 94 ? 0.3418 0.3783 0.3035 -0.0456 -0.0063 0.0010  92 GLN A C   
712 O O   . GLN A 94 ? 0.3677 0.4162 0.3268 -0.0500 -0.0088 -0.0033 92 GLN A O   
713 C CB  . GLN A 94 ? 0.3548 0.3864 0.3283 -0.0414 -0.0070 0.0099  92 GLN A CB  
714 C CG  . GLN A 94 ? 0.3480 0.3969 0.3231 -0.0429 -0.0104 0.0127  92 GLN A CG  
715 C CD  . GLN A 94 ? 0.3620 0.4165 0.3382 -0.0500 -0.0117 0.0068  92 GLN A CD  
716 O OE1 . GLN A 94 ? 0.3943 0.4387 0.3734 -0.0528 -0.0094 0.0031  92 GLN A OE1 
717 N NE2 . GLN A 94 ? 0.3943 0.4664 0.3696 -0.0527 -0.0152 0.0063  92 GLN A NE2 
718 N N   . LEU A 95 ? 0.3457 0.3794 0.3052 -0.0406 -0.0049 0.0050  93 LEU A N   
719 C CA  . LEU A 95 ? 0.3423 0.3863 0.2953 -0.0396 -0.0053 0.0049  93 LEU A CA  
720 C C   . LEU A 95 ? 0.3914 0.4338 0.3371 -0.0443 -0.0042 -0.0056 93 LEU A C   
721 O O   . LEU A 95 ? 0.4208 0.4772 0.3605 -0.0459 -0.0062 -0.0091 93 LEU A O   
722 C CB  . LEU A 95 ? 0.3346 0.3744 0.2888 -0.0334 -0.0029 0.0115  93 LEU A CB  
723 C CG  . LEU A 95 ? 0.3794 0.4225 0.3421 -0.0285 -0.0037 0.0213  93 LEU A CG  
724 C CD1 . LEU A 95 ? 0.4243 0.4615 0.3905 -0.0235 -0.0010 0.0266  93 LEU A CD1 
725 C CD2 . LEU A 95 ? 0.4580 0.5195 0.4211 -0.0275 -0.0061 0.0265  93 LEU A CD2 
726 N N   . GLY A 96 ? 0.3640 0.3901 0.3103 -0.0463 -0.0008 -0.0108 94 GLY A N   
727 C CA  . GLY A 96 ? 0.3898 0.4121 0.3310 -0.0511 0.0012  -0.0215 94 GLY A CA  
728 C C   . GLY A 96 ? 0.4343 0.4660 0.3770 -0.0583 -0.0020 -0.0288 94 GLY A C   
729 O O   . GLY A 96 ? 0.4503 0.4905 0.3871 -0.0620 -0.0032 -0.0375 94 GLY A O   
730 N N   . LEU A 97 ? 0.4055 0.4373 0.3563 -0.0603 -0.0036 -0.0256 95 LEU A N   
731 C CA  . LEU A 97 ? 0.4285 0.4710 0.3830 -0.0674 -0.0068 -0.0314 95 LEU A CA  
732 C C   . LEU A 97 ? 0.4961 0.5616 0.4456 -0.0673 -0.0121 -0.0310 95 LEU A C   
733 O O   . LEU A 97 ? 0.5116 0.5884 0.4591 -0.0732 -0.0149 -0.0405 95 LEU A O   
734 C CB  . LEU A 97 ? 0.4203 0.4608 0.3847 -0.0678 -0.0071 -0.0255 95 LEU A CB  
735 C CG  . LEU A 97 ? 0.5771 0.6001 0.5486 -0.0696 -0.0023 -0.0267 95 LEU A CG  
736 C CD1 . LEU A 97 ? 0.6268 0.6547 0.6073 -0.0703 -0.0036 -0.0209 95 LEU A CD1 
737 C CD2 . LEU A 97 ? 0.6143 0.6302 0.5871 -0.0766 0.0006  -0.0382 95 LEU A CD2 
738 N N   . GLU A 98 ? 0.4019 0.4756 0.3502 -0.0604 -0.0135 -0.0202 96 GLU A N   
739 C CA  . GLU A 98 ? 0.4228 0.5198 0.3674 -0.0588 -0.0178 -0.0170 96 GLU A CA  
740 C C   . GLU A 98 ? 0.5653 0.6707 0.4991 -0.0581 -0.0178 -0.0232 96 GLU A C   
741 O O   . GLU A 98 ? 0.5952 0.7221 0.5243 -0.0595 -0.0219 -0.0261 96 GLU A O   
742 C CB  . GLU A 98 ? 0.3929 0.4941 0.3412 -0.0510 -0.0177 -0.0028 96 GLU A CB  
743 C CG  . GLU A 98 ? 0.4281 0.5253 0.3863 -0.0511 -0.0182 0.0027  96 GLU A CG  
744 C CD  . GLU A 98 ? 0.5136 0.6159 0.4765 -0.0437 -0.0180 0.0155  96 GLU A CD  
745 O OE1 . GLU A 98 ? 0.5538 0.6651 0.5137 -0.0388 -0.0175 0.0212  96 GLU A OE1 
746 O OE2 . GLU A 98 ? 0.4462 0.5436 0.4165 -0.0425 -0.0177 0.0199  96 GLU A OE2 
747 N N   . HIS A 99 ? 0.4799 0.5702 0.4092 -0.0557 -0.0134 -0.0252 97 HIS A N   
748 C CA  . HIS A 99 ? 0.5387 0.6351 0.4572 -0.0547 -0.0125 -0.0320 97 HIS A CA  
749 C C   . HIS A 99 ? 0.5612 0.6575 0.4772 -0.0633 -0.0135 -0.0484 97 HIS A C   
750 O O   . HIS A 99 ? 0.7581 0.8721 0.6662 -0.0648 -0.0166 -0.0561 97 HIS A O   
751 C CB  . HIS A 99 ? 0.5596 0.6388 0.4756 -0.0496 -0.0069 -0.0290 97 HIS A CB  
752 C CG  . HIS A 99 ? 0.7298 0.8172 0.6345 -0.0461 -0.0053 -0.0324 97 HIS A CG  
753 N ND1 . HIS A 99 ? 0.8103 0.9154 0.7108 -0.0391 -0.0060 -0.0230 97 HIS A ND1 
754 C CD2 . HIS A 99 ? 0.7988 0.8794 0.6959 -0.0478 -0.0023 -0.0438 97 HIS A CD2 
755 C CE1 . HIS A 99 ? 0.7911 0.9012 0.6811 -0.0365 -0.0038 -0.0281 97 HIS A CE1 
756 N NE2 . HIS A 99 ? 0.7896 0.8846 0.6769 -0.0418 -0.0017 -0.0414 97 HIS A NE2 
# 
